data_1I0A
#
_entry.id   1I0A
#
_cell.length_a   89.420
_cell.length_b   146.550
_cell.length_c   152.899
_cell.angle_alpha   90.00
_cell.angle_beta   90.00
_cell.angle_gamma   90.00
#
_symmetry.space_group_name_H-M   'P 21 21 21'
#
loop_
_entity.id
_entity.type
_entity.pdbx_description
1 polymer 'DELTA CRYSTALLIN I'
2 water water
#
_entity_poly.entity_id   1
_entity_poly.type   'polypeptide(L)'
_entity_poly.pdbx_seq_one_letter_code
;MATEGDKLLGGRFVGSVDPIMEILSSSISTEQRLTEVDIQASMAYAKALEKASILTKTELEKILSGLEKISEESSKGVLV
MTQSDEDIQTAIERRLKELIGDIAGKLQTGRSRNEQVVTDLKLLLKSSISVISTHLLQLIKTLVERAAIEIDIIMPGYTH
LQKALPIRWSQFLLSHAVALTRDSERLGEVKKRITVLPLGSGVLAGNPLEIDRELLRSELDMTSITLNSIDAISERDFVV
ELISVATLLMIHLSKLAEDLIIFSTTEFGFVTLSDAYSTGSSLLPQKKNPDSLELIRSKAGRVFGRLAAILMVLKGIPST
FSKDLQEDKEAVLDVVDTLTAVLQVATGVISTLQINKENMEKALTPELLSTDLALYLVRKGMPIRQAQTASGKAVHLAET
KGITINNLTLEDLKSISPLFASDVSQVFSVVNSVEQYTAVGGTAKSSVTAQIEQLRELLKKQKEQA
;
_entity_poly.pdbx_strand_id   A,B,C,D
#
# COMPACT_ATOMS: atom_id res chain seq x y z
N GLY A 11 -26.34 -9.00 21.02
CA GLY A 11 -26.52 -7.59 21.47
C GLY A 11 -25.39 -7.13 22.37
N ARG A 12 -25.47 -5.88 22.81
CA ARG A 12 -24.46 -5.29 23.69
C ARG A 12 -24.95 -3.95 24.22
N PHE A 13 -25.45 -3.94 25.44
CA PHE A 13 -25.96 -2.71 26.05
C PHE A 13 -25.12 -2.28 27.25
N VAL A 14 -24.26 -1.29 27.03
CA VAL A 14 -23.37 -0.76 28.07
C VAL A 14 -23.98 0.48 28.75
N GLY A 15 -24.64 1.33 27.96
CA GLY A 15 -25.26 2.53 28.51
C GLY A 15 -24.96 3.83 27.80
N SER A 16 -24.17 4.69 28.41
CA SER A 16 -23.85 5.97 27.81
C SER A 16 -22.37 6.27 27.93
N VAL A 17 -21.55 5.24 27.80
CA VAL A 17 -20.11 5.42 27.92
C VAL A 17 -19.28 4.40 27.13
N ASP A 18 -19.42 3.12 27.46
CA ASP A 18 -18.66 2.05 26.79
C ASP A 18 -17.16 2.35 26.74
N PRO A 19 -16.40 1.87 27.74
CA PRO A 19 -14.95 2.07 27.86
C PRO A 19 -14.12 1.48 26.72
N ILE A 20 -14.63 0.44 26.07
CA ILE A 20 -13.92 -0.20 24.97
C ILE A 20 -13.57 0.75 23.84
N MET A 21 -14.39 1.79 23.65
CA MET A 21 -14.14 2.75 22.59
C MET A 21 -13.02 3.70 22.98
N GLU A 22 -12.68 3.71 24.26
CA GLU A 22 -11.63 4.58 24.76
C GLU A 22 -10.26 4.00 24.43
N ILE A 23 -10.18 2.67 24.34
CA ILE A 23 -8.93 2.01 24.04
C ILE A 23 -8.61 2.04 22.54
N LEU A 24 -9.48 2.69 21.77
CA LEU A 24 -9.28 2.80 20.33
C LEU A 24 -8.66 4.15 19.99
N SER A 25 -8.61 5.04 20.98
CA SER A 25 -8.03 6.36 20.80
C SER A 25 -6.54 6.35 21.11
N SER A 26 -5.85 7.42 20.74
CA SER A 26 -4.41 7.55 20.98
C SER A 26 -4.06 7.16 22.42
N SER A 27 -3.08 6.27 22.55
CA SER A 27 -2.63 5.82 23.86
C SER A 27 -1.98 6.98 24.62
N ILE A 28 -2.02 6.88 25.95
CA ILE A 28 -1.44 7.90 26.81
C ILE A 28 0.06 8.09 26.61
N SER A 29 0.77 7.03 26.24
CA SER A 29 2.21 7.17 26.02
C SER A 29 2.45 8.07 24.82
N THR A 30 1.53 8.04 23.86
CA THR A 30 1.63 8.87 22.65
C THR A 30 1.27 10.32 22.96
N GLU A 31 0.16 10.50 23.69
CA GLU A 31 -0.31 11.83 24.07
C GLU A 31 0.77 12.61 24.83
N GLN A 32 1.44 11.94 25.77
CA GLN A 32 2.49 12.56 26.57
C GLN A 32 3.62 13.16 25.73
N ARG A 33 3.85 12.61 24.54
CA ARG A 33 4.91 13.11 23.64
C ARG A 33 4.66 14.54 23.15
N LEU A 34 3.41 14.99 23.27
CA LEU A 34 3.05 16.33 22.81
C LEU A 34 2.85 17.34 23.94
N THR A 35 3.17 16.95 25.17
CA THR A 35 2.97 17.84 26.30
C THR A 35 3.71 19.18 26.20
N GLU A 36 5.00 19.16 25.87
CA GLU A 36 5.76 20.40 25.78
C GLU A 36 5.26 21.37 24.71
N VAL A 37 5.10 20.86 23.50
CA VAL A 37 4.64 21.72 22.42
C VAL A 37 3.26 22.28 22.73
N ASP A 38 2.46 21.55 23.50
CA ASP A 38 1.14 22.04 23.85
C ASP A 38 1.24 23.14 24.90
N ILE A 39 2.29 23.08 25.74
CA ILE A 39 2.51 24.09 26.77
C ILE A 39 2.93 25.39 26.08
N GLN A 40 3.83 25.29 25.11
CA GLN A 40 4.29 26.47 24.39
C GLN A 40 3.16 27.12 23.63
N ALA A 41 2.37 26.31 22.93
CA ALA A 41 1.25 26.82 22.17
C ALA A 41 0.29 27.60 23.05
N SER A 42 0.01 27.08 24.24
CA SER A 42 -0.90 27.75 25.16
C SER A 42 -0.32 29.05 25.72
N MET A 43 0.99 29.09 25.90
CA MET A 43 1.65 30.30 26.39
C MET A 43 1.48 31.40 25.37
N ALA A 44 1.63 31.04 24.10
CA ALA A 44 1.50 31.99 23.01
C ALA A 44 0.06 32.49 22.94
N TYR A 45 -0.89 31.57 23.05
CA TYR A 45 -2.29 31.96 22.98
C TYR A 45 -2.68 32.89 24.12
N ALA A 46 -2.14 32.61 25.30
CA ALA A 46 -2.44 33.42 26.48
C ALA A 46 -2.00 34.88 26.25
N LYS A 47 -0.80 35.07 25.74
CA LYS A 47 -0.32 36.41 25.47
C LYS A 47 -1.22 37.12 24.46
N ALA A 48 -1.70 36.38 23.46
CA ALA A 48 -2.56 36.96 22.43
C ALA A 48 -3.90 37.38 23.03
N LEU A 49 -4.37 36.62 24.02
CA LEU A 49 -5.64 36.92 24.67
C LEU A 49 -5.57 38.19 25.48
N GLU A 50 -4.43 38.41 26.14
CA GLU A 50 -4.25 39.61 26.95
C GLU A 50 -4.27 40.82 26.02
N LYS A 51 -3.64 40.70 24.86
CA LYS A 51 -3.59 41.77 23.87
C LYS A 51 -5.00 42.05 23.31
N ALA A 52 -5.86 41.04 23.35
CA ALA A 52 -7.21 41.18 22.83
C ALA A 52 -8.16 41.57 23.95
N SER A 53 -7.57 41.87 25.11
CA SER A 53 -8.32 42.28 26.29
C SER A 53 -9.24 41.20 26.85
N ILE A 54 -8.90 39.94 26.63
CA ILE A 54 -9.70 38.85 27.17
C ILE A 54 -9.13 38.53 28.55
N LEU A 55 -7.82 38.70 28.68
CA LEU A 55 -7.09 38.46 29.94
C LEU A 55 -6.38 39.73 30.45
N THR A 56 -6.44 39.96 31.75
CA THR A 56 -5.74 41.12 32.32
C THR A 56 -4.28 40.70 32.44
N LYS A 57 -3.41 41.68 32.70
CA LYS A 57 -1.98 41.40 32.84
C LYS A 57 -1.73 40.50 34.04
N THR A 58 -2.55 40.69 35.07
CA THR A 58 -2.46 39.91 36.29
C THR A 58 -2.81 38.44 36.00
N GLU A 59 -3.89 38.24 35.26
CA GLU A 59 -4.32 36.90 34.90
C GLU A 59 -3.30 36.25 33.99
N LEU A 60 -2.71 37.03 33.09
CA LEU A 60 -1.71 36.50 32.18
C LEU A 60 -0.50 35.99 32.96
N GLU A 61 -0.11 36.75 33.97
CA GLU A 61 1.03 36.39 34.80
C GLU A 61 0.79 35.10 35.60
N LYS A 62 -0.41 34.93 36.14
CA LYS A 62 -0.71 33.72 36.89
C LYS A 62 -0.77 32.53 35.93
N ILE A 63 -1.26 32.80 34.72
CA ILE A 63 -1.39 31.78 33.68
C ILE A 63 -0.03 31.32 33.16
N LEU A 64 0.83 32.27 32.84
CA LEU A 64 2.15 31.92 32.31
C LEU A 64 2.98 31.21 33.39
N SER A 65 2.77 31.58 34.64
CA SER A 65 3.50 30.98 35.75
C SER A 65 3.06 29.54 35.94
N GLY A 66 1.75 29.33 35.90
CA GLY A 66 1.21 27.99 36.06
C GLY A 66 1.69 27.05 34.96
N LEU A 67 1.70 27.54 33.72
CA LEU A 67 2.12 26.73 32.58
C LEU A 67 3.59 26.34 32.69
N GLU A 68 4.40 27.28 33.18
CA GLU A 68 5.83 27.04 33.34
C GLU A 68 6.00 25.90 34.33
N LYS A 69 5.19 25.92 35.39
CA LYS A 69 5.25 24.88 36.42
C LYS A 69 4.92 23.52 35.79
N ILE A 70 3.88 23.48 34.97
CA ILE A 70 3.48 22.25 34.31
C ILE A 70 4.59 21.79 33.37
N SER A 71 5.28 22.75 32.76
CA SER A 71 6.36 22.41 31.85
C SER A 71 7.42 21.60 32.62
N GLU A 72 7.81 22.11 33.79
CA GLU A 72 8.79 21.44 34.63
C GLU A 72 8.35 20.01 34.96
N GLU A 73 7.07 19.83 35.25
CA GLU A 73 6.52 18.52 35.56
C GLU A 73 6.63 17.55 34.39
N SER A 74 6.43 18.05 33.16
CA SER A 74 6.53 17.20 31.98
C SER A 74 7.97 16.70 31.81
N SER A 75 8.93 17.61 31.97
CA SER A 75 10.32 17.23 31.83
C SER A 75 10.68 16.17 32.87
N LYS A 76 10.25 16.36 34.12
CA LYS A 76 10.53 15.39 35.17
C LYS A 76 9.75 14.10 34.94
N GLY A 77 8.84 14.14 33.97
CA GLY A 77 8.04 12.97 33.66
C GLY A 77 7.05 12.64 34.77
N VAL A 78 6.62 13.66 35.50
CA VAL A 78 5.69 13.46 36.60
C VAL A 78 4.33 14.09 36.34
N LEU A 79 4.05 14.38 35.07
CA LEU A 79 2.75 14.97 34.71
C LEU A 79 1.76 13.81 34.55
N VAL A 80 0.87 13.65 35.52
CA VAL A 80 -0.10 12.55 35.48
C VAL A 80 -1.29 12.81 34.54
N MET A 81 -1.71 11.75 33.86
CA MET A 81 -2.82 11.82 32.92
C MET A 81 -3.70 10.58 33.10
N THR A 82 -5.02 10.77 33.17
CA THR A 82 -5.96 9.66 33.34
C THR A 82 -6.75 9.38 32.06
N GLN A 83 -7.43 8.24 32.04
CA GLN A 83 -8.22 7.86 30.87
C GLN A 83 -9.35 8.88 30.67
N SER A 84 -9.84 9.46 31.77
CA SER A 84 -10.91 10.46 31.69
C SER A 84 -10.41 11.68 30.91
N ASP A 85 -9.12 12.00 31.05
CA ASP A 85 -8.53 13.11 30.28
C ASP A 85 -8.30 12.30 29.01
N GLU A 86 -9.15 12.47 28.01
CA GLU A 86 -8.96 11.66 26.81
C GLU A 86 -7.70 12.01 26.01
N ASP A 87 -7.22 13.23 26.16
CA ASP A 87 -6.05 13.67 25.43
C ASP A 87 -5.17 14.56 26.30
N ILE A 88 -3.97 14.87 25.82
CA ILE A 88 -3.04 15.70 26.59
C ILE A 88 -3.51 17.15 26.77
N GLN A 89 -4.30 17.67 25.82
CA GLN A 89 -4.81 19.03 25.92
C GLN A 89 -5.71 19.18 27.14
N THR A 90 -6.58 18.19 27.34
CA THR A 90 -7.50 18.18 28.48
C THR A 90 -6.72 18.03 29.79
N ALA A 91 -5.77 17.11 29.81
CA ALA A 91 -4.96 16.87 31.00
C ALA A 91 -4.25 18.15 31.43
N ILE A 92 -3.70 18.88 30.46
CA ILE A 92 -3.00 20.11 30.74
C ILE A 92 -3.94 21.21 31.25
N GLU A 93 -5.17 21.25 30.77
CA GLU A 93 -6.11 22.25 31.25
C GLU A 93 -6.51 21.89 32.67
N ARG A 94 -6.68 20.59 32.95
CA ARG A 94 -7.04 20.15 34.29
C ARG A 94 -5.94 20.53 35.27
N ARG A 95 -4.70 20.24 34.91
CA ARG A 95 -3.55 20.54 35.75
C ARG A 95 -3.40 22.04 36.03
N LEU A 96 -3.74 22.88 35.06
CA LEU A 96 -3.63 24.33 35.24
C LEU A 96 -4.67 24.78 36.25
N LYS A 97 -5.88 24.24 36.14
CA LYS A 97 -6.94 24.59 37.06
C LYS A 97 -6.57 24.15 38.47
N GLU A 98 -5.79 23.08 38.55
CA GLU A 98 -5.34 22.53 39.81
C GLU A 98 -4.37 23.39 40.59
N LEU A 99 -3.53 24.14 39.89
CA LEU A 99 -2.56 24.97 40.61
C LEU A 99 -2.80 26.47 40.49
N ILE A 100 -3.80 26.86 39.71
CA ILE A 100 -4.10 28.27 39.50
C ILE A 100 -5.57 28.62 39.79
N GLY A 101 -6.44 27.61 39.74
CA GLY A 101 -7.85 27.87 39.98
C GLY A 101 -8.64 28.25 38.75
N ASP A 102 -9.84 28.78 38.96
CA ASP A 102 -10.76 29.19 37.88
C ASP A 102 -10.21 30.04 36.73
N ILE A 103 -9.23 30.89 37.01
CA ILE A 103 -8.65 31.74 35.98
C ILE A 103 -8.26 30.92 34.74
N ALA A 104 -7.75 29.73 34.99
CA ALA A 104 -7.31 28.82 33.95
C ALA A 104 -8.32 28.60 32.82
N GLY A 105 -9.59 28.54 33.18
CA GLY A 105 -10.65 28.34 32.21
C GLY A 105 -10.74 29.41 31.13
N LYS A 106 -10.16 30.57 31.37
CA LYS A 106 -10.21 31.67 30.41
C LYS A 106 -9.24 31.50 29.24
N LEU A 107 -8.33 30.55 29.35
CA LEU A 107 -7.36 30.31 28.31
C LEU A 107 -8.03 29.72 27.05
N GLN A 108 -9.12 29.00 27.25
CA GLN A 108 -9.80 28.36 26.13
C GLN A 108 -10.83 29.23 25.44
N THR A 109 -10.77 30.53 25.71
CA THR A 109 -11.70 31.48 25.12
C THR A 109 -11.44 31.53 23.63
N GLY A 110 -12.44 31.13 22.84
CA GLY A 110 -12.32 31.12 21.39
C GLY A 110 -11.39 30.07 20.82
N ARG A 111 -10.91 29.15 21.64
CA ARG A 111 -9.99 28.12 21.18
C ARG A 111 -10.68 26.76 21.08
N SER A 112 -10.33 26.01 20.04
CA SER A 112 -10.91 24.69 19.82
C SER A 112 -9.85 23.60 19.86
N ARG A 113 -10.26 22.41 20.28
CA ARG A 113 -9.34 21.29 20.33
C ARG A 113 -8.93 20.97 18.88
N ASN A 114 -9.82 21.29 17.94
CA ASN A 114 -9.55 21.02 16.52
C ASN A 114 -8.26 21.70 16.04
N GLU A 115 -7.99 22.91 16.52
CA GLU A 115 -6.81 23.66 16.13
C GLU A 115 -5.59 23.33 17.01
N GLN A 116 -5.83 22.92 18.24
CA GLN A 116 -4.74 22.57 19.14
C GLN A 116 -3.93 21.38 18.61
N VAL A 117 -4.60 20.27 18.33
CA VAL A 117 -3.95 19.05 17.83
C VAL A 117 -3.09 19.24 16.60
N VAL A 118 -3.58 19.98 15.60
CA VAL A 118 -2.80 20.21 14.37
C VAL A 118 -1.60 21.09 14.67
N THR A 119 -1.81 22.09 15.51
CA THR A 119 -0.75 23.01 15.90
C THR A 119 0.36 22.26 16.61
N ASP A 120 0.00 21.54 17.68
CA ASP A 120 0.94 20.78 18.48
C ASP A 120 1.74 19.80 17.63
N LEU A 121 1.05 19.11 16.73
CA LEU A 121 1.72 18.14 15.88
C LEU A 121 2.74 18.83 14.97
N LYS A 122 2.36 19.96 14.39
CA LYS A 122 3.27 20.69 13.52
C LYS A 122 4.46 21.20 14.34
N LEU A 123 4.20 21.68 15.55
CA LEU A 123 5.28 22.18 16.40
C LEU A 123 6.28 21.09 16.73
N LEU A 124 5.76 19.89 16.99
CA LEU A 124 6.61 18.74 17.31
C LEU A 124 7.47 18.30 16.10
N LEU A 125 6.88 18.31 14.91
CA LEU A 125 7.59 17.90 13.70
C LEU A 125 8.68 18.90 13.29
N LYS A 126 8.40 20.18 13.48
CA LYS A 126 9.37 21.23 13.17
C LYS A 126 10.67 20.90 13.89
N SER A 127 10.53 20.42 15.12
CA SER A 127 11.67 20.07 15.94
C SER A 127 12.29 18.74 15.52
N SER A 128 11.44 17.77 15.22
CA SER A 128 11.88 16.43 14.80
C SER A 128 12.65 16.46 13.47
N ILE A 129 12.16 17.24 12.50
CA ILE A 129 12.82 17.32 11.20
C ILE A 129 14.26 17.80 11.36
N SER A 130 14.47 18.72 12.28
CA SER A 130 15.81 19.26 12.52
C SER A 130 16.74 18.14 12.98
N VAL A 131 16.27 17.32 13.91
CA VAL A 131 17.08 16.21 14.41
C VAL A 131 17.35 15.21 13.30
N ILE A 132 16.32 14.89 12.53
CA ILE A 132 16.47 13.95 11.42
C ILE A 132 17.50 14.50 10.44
N SER A 133 17.33 15.76 10.07
CA SER A 133 18.22 16.43 9.13
C SER A 133 19.68 16.32 9.58
N THR A 134 19.93 16.61 10.85
CA THR A 134 21.27 16.54 11.42
C THR A 134 21.89 15.17 11.19
N HIS A 135 21.15 14.12 11.53
CA HIS A 135 21.66 12.77 11.34
C HIS A 135 21.82 12.42 9.86
N LEU A 136 20.99 12.97 8.99
CA LEU A 136 21.08 12.69 7.56
C LEU A 136 22.41 13.23 7.02
N LEU A 137 22.68 14.49 7.30
CA LEU A 137 23.90 15.12 6.84
C LEU A 137 25.15 14.42 7.34
N GLN A 138 25.12 13.90 8.57
CA GLN A 138 26.27 13.18 9.11
C GLN A 138 26.55 11.95 8.26
N LEU A 139 25.49 11.27 7.87
CA LEU A 139 25.62 10.06 7.05
C LEU A 139 26.22 10.43 5.69
N ILE A 140 25.76 11.53 5.12
CA ILE A 140 26.27 11.97 3.83
C ILE A 140 27.74 12.40 3.94
N LYS A 141 28.04 13.16 4.99
CA LYS A 141 29.40 13.61 5.20
C LYS A 141 30.32 12.40 5.41
N THR A 142 29.82 11.40 6.13
CA THR A 142 30.61 10.20 6.38
C THR A 142 30.95 9.44 5.09
N LEU A 143 29.98 9.38 4.17
CA LEU A 143 30.17 8.69 2.90
C LEU A 143 31.13 9.45 2.00
N VAL A 144 30.91 10.77 1.86
CA VAL A 144 31.76 11.57 1.00
C VAL A 144 33.21 11.57 1.47
N GLU A 145 33.42 11.68 2.78
CA GLU A 145 34.78 11.70 3.32
C GLU A 145 35.48 10.36 3.17
N ARG A 146 34.74 9.28 3.32
CA ARG A 146 35.34 7.96 3.18
C ARG A 146 35.68 7.73 1.72
N ALA A 147 34.89 8.33 0.83
CA ALA A 147 35.13 8.19 -0.60
C ALA A 147 36.41 8.91 -0.98
N ALA A 148 36.61 10.08 -0.38
CA ALA A 148 37.81 10.88 -0.65
C ALA A 148 39.07 10.16 -0.15
N ILE A 149 38.94 9.45 0.97
CA ILE A 149 40.06 8.72 1.56
C ILE A 149 40.44 7.46 0.79
N GLU A 150 39.43 6.73 0.32
CA GLU A 150 39.67 5.49 -0.40
C GLU A 150 39.52 5.64 -1.91
N ILE A 151 39.80 6.85 -2.39
CA ILE A 151 39.68 7.18 -3.80
C ILE A 151 40.59 6.37 -4.73
N ASP A 152 41.59 5.69 -4.18
CA ASP A 152 42.51 4.90 -5.00
C ASP A 152 42.08 3.45 -5.16
N ILE A 153 41.05 3.04 -4.42
CA ILE A 153 40.56 1.66 -4.50
C ILE A 153 39.80 1.40 -5.78
N ILE A 154 40.09 0.28 -6.43
CA ILE A 154 39.41 -0.09 -7.66
C ILE A 154 38.79 -1.45 -7.43
N MET A 155 37.59 -1.64 -7.97
CA MET A 155 36.86 -2.90 -7.81
C MET A 155 35.97 -3.12 -9.02
N PRO A 156 35.35 -4.31 -9.11
CA PRO A 156 34.47 -4.56 -10.25
C PRO A 156 33.09 -3.88 -10.08
N GLY A 157 32.59 -3.32 -11.18
CA GLY A 157 31.28 -2.69 -11.17
C GLY A 157 30.31 -3.72 -11.72
N TYR A 158 29.06 -3.69 -11.26
CA TYR A 158 28.09 -4.67 -11.74
C TYR A 158 26.86 -4.10 -12.45
N THR A 159 26.19 -4.97 -13.19
CA THR A 159 24.93 -4.69 -13.89
C THR A 159 24.26 -6.07 -13.85
N HIS A 160 23.03 -6.14 -13.37
CA HIS A 160 22.33 -7.42 -13.27
C HIS A 160 23.13 -8.36 -12.33
N LEU A 161 23.82 -7.77 -11.35
CA LEU A 161 24.67 -8.51 -10.40
C LEU A 161 25.70 -9.41 -11.09
N GLN A 162 26.18 -8.94 -12.24
CA GLN A 162 27.17 -9.65 -13.03
C GLN A 162 28.31 -8.68 -13.31
N LYS A 163 29.55 -9.14 -13.19
CA LYS A 163 30.72 -8.28 -13.44
C LYS A 163 30.70 -7.70 -14.85
N ALA A 164 30.76 -6.37 -14.92
CA ALA A 164 30.74 -5.68 -16.20
C ALA A 164 32.08 -5.03 -16.53
N LEU A 165 32.59 -4.22 -15.61
CA LEU A 165 33.85 -3.53 -15.82
C LEU A 165 34.42 -2.98 -14.51
N PRO A 166 35.71 -2.61 -14.51
CA PRO A 166 36.32 -2.06 -13.30
C PRO A 166 35.80 -0.66 -13.00
N ILE A 167 35.66 -0.36 -11.71
CA ILE A 167 35.16 0.94 -11.28
C ILE A 167 35.83 1.28 -9.95
N ARG A 168 35.72 2.54 -9.54
CA ARG A 168 36.30 2.95 -8.28
C ARG A 168 35.27 2.76 -7.17
N TRP A 169 35.70 2.15 -6.07
CA TRP A 169 34.85 1.92 -4.91
C TRP A 169 34.23 3.23 -4.44
N SER A 170 34.97 4.32 -4.63
CA SER A 170 34.50 5.65 -4.24
C SER A 170 33.31 6.08 -5.09
N GLN A 171 33.26 5.62 -6.33
CA GLN A 171 32.16 5.96 -7.23
C GLN A 171 30.87 5.35 -6.66
N PHE A 172 31.01 4.15 -6.11
CA PHE A 172 29.89 3.43 -5.50
C PHE A 172 29.37 4.20 -4.28
N LEU A 173 30.27 4.57 -3.38
CA LEU A 173 29.90 5.33 -2.19
C LEU A 173 29.24 6.65 -2.55
N LEU A 174 29.78 7.33 -3.56
CA LEU A 174 29.25 8.62 -3.98
C LEU A 174 27.84 8.55 -4.59
N SER A 175 27.50 7.42 -5.20
CA SER A 175 26.16 7.29 -5.78
C SER A 175 25.14 7.36 -4.64
N HIS A 176 25.42 6.67 -3.55
CA HIS A 176 24.51 6.69 -2.40
C HIS A 176 24.46 8.09 -1.80
N ALA A 177 25.62 8.72 -1.66
CA ALA A 177 25.70 10.07 -1.10
C ALA A 177 24.85 11.04 -1.91
N VAL A 178 24.85 10.88 -3.22
CA VAL A 178 24.09 11.76 -4.08
C VAL A 178 22.58 11.55 -3.91
N ALA A 179 22.16 10.30 -3.75
CA ALA A 179 20.75 10.00 -3.58
C ALA A 179 20.27 10.56 -2.25
N LEU A 180 21.06 10.38 -1.20
CA LEU A 180 20.70 10.87 0.11
C LEU A 180 20.67 12.41 0.15
N THR A 181 21.39 13.03 -0.77
CA THR A 181 21.39 14.49 -0.85
C THR A 181 20.07 14.98 -1.42
N ARG A 182 19.46 14.18 -2.30
CA ARG A 182 18.15 14.54 -2.84
C ARG A 182 17.11 14.40 -1.73
N ASP A 183 17.29 13.42 -0.86
CA ASP A 183 16.35 13.23 0.25
C ASP A 183 16.47 14.44 1.16
N SER A 184 17.71 14.88 1.36
CA SER A 184 18.00 16.04 2.19
C SER A 184 17.25 17.24 1.63
N GLU A 185 17.31 17.40 0.31
CA GLU A 185 16.65 18.52 -0.35
C GLU A 185 15.13 18.45 -0.17
N ARG A 186 14.57 17.25 -0.30
CA ARG A 186 13.12 17.10 -0.13
C ARG A 186 12.71 17.39 1.32
N LEU A 187 13.57 16.99 2.26
CA LEU A 187 13.30 17.19 3.67
C LEU A 187 13.23 18.68 3.96
N GLY A 188 14.07 19.45 3.28
CA GLY A 188 14.09 20.89 3.48
C GLY A 188 12.85 21.58 2.93
N GLU A 189 12.32 21.05 1.83
CA GLU A 189 11.14 21.64 1.21
C GLU A 189 9.91 21.37 2.07
N VAL A 190 9.89 20.20 2.70
CA VAL A 190 8.77 19.82 3.57
C VAL A 190 8.75 20.71 4.81
N LYS A 191 9.93 21.05 5.31
CA LYS A 191 10.03 21.89 6.50
C LYS A 191 9.34 23.25 6.34
N LYS A 192 9.41 23.82 5.14
CA LYS A 192 8.79 25.13 4.88
C LYS A 192 7.27 25.09 5.03
N ARG A 193 6.64 23.96 4.69
CA ARG A 193 5.20 23.84 4.80
C ARG A 193 4.73 23.42 6.20
N ILE A 194 5.63 22.84 6.97
CA ILE A 194 5.30 22.43 8.32
C ILE A 194 5.27 23.64 9.25
N THR A 195 6.09 24.64 8.93
CA THR A 195 6.17 25.84 9.75
C THR A 195 5.06 26.86 9.54
N VAL A 196 3.97 26.44 8.90
CA VAL A 196 2.83 27.31 8.68
C VAL A 196 1.89 27.07 9.86
N LEU A 197 1.79 28.06 10.76
CA LEU A 197 0.96 27.97 11.96
C LEU A 197 -0.54 28.03 11.75
N PRO A 198 -1.26 26.98 12.19
CA PRO A 198 -2.72 26.96 12.04
C PRO A 198 -3.47 27.50 13.25
N LEU A 199 -2.77 27.70 14.36
CA LEU A 199 -3.43 28.20 15.58
C LEU A 199 -4.17 29.49 15.26
N GLY A 200 -5.37 29.63 15.83
CA GLY A 200 -6.17 30.82 15.59
C GLY A 200 -7.21 30.57 14.51
N SER A 201 -7.59 29.31 14.33
CA SER A 201 -8.59 28.92 13.35
C SER A 201 -9.90 28.51 14.00
N GLY A 202 -9.92 28.55 15.33
CA GLY A 202 -11.13 28.17 16.05
C GLY A 202 -11.65 26.78 15.70
N VAL A 203 -12.95 26.60 15.81
CA VAL A 203 -13.61 25.34 15.51
C VAL A 203 -13.59 25.00 14.02
N LEU A 204 -13.86 25.99 13.19
CA LEU A 204 -13.91 25.78 11.74
C LEU A 204 -13.90 27.09 10.95
N ALA A 205 -14.61 28.09 11.46
CA ALA A 205 -14.73 29.39 10.80
C ALA A 205 -13.61 30.38 11.10
N GLY A 206 -12.72 30.04 12.04
CA GLY A 206 -11.65 30.94 12.42
C GLY A 206 -11.84 31.41 13.84
N ASN A 207 -10.96 32.29 14.32
CA ASN A 207 -11.05 32.84 15.69
C ASN A 207 -12.08 33.99 15.66
N PRO A 208 -13.06 33.98 16.60
CA PRO A 208 -14.07 35.03 16.63
C PRO A 208 -13.78 36.23 17.53
N LEU A 209 -12.57 36.31 18.07
CA LEU A 209 -12.24 37.41 18.97
C LEU A 209 -11.16 38.34 18.48
N GLU A 210 -10.99 38.42 17.16
CA GLU A 210 -10.00 39.30 16.57
C GLU A 210 -8.60 39.05 17.15
N ILE A 211 -8.27 37.78 17.35
CA ILE A 211 -6.96 37.43 17.90
C ILE A 211 -5.86 37.85 16.91
N ASP A 212 -4.69 38.15 17.43
CA ASP A 212 -3.57 38.57 16.60
C ASP A 212 -2.71 37.35 16.28
N ARG A 213 -2.95 36.76 15.12
CA ARG A 213 -2.24 35.56 14.69
C ARG A 213 -0.77 35.79 14.36
N GLU A 214 -0.44 37.02 14.00
CA GLU A 214 0.95 37.36 13.71
C GLU A 214 1.76 37.26 15.00
N LEU A 215 1.12 37.57 16.13
CA LEU A 215 1.79 37.50 17.42
C LEU A 215 2.05 36.03 17.76
N LEU A 216 1.08 35.18 17.44
CA LEU A 216 1.20 33.75 17.68
C LEU A 216 2.34 33.18 16.86
N ARG A 217 2.43 33.60 15.60
CA ARG A 217 3.48 33.15 14.72
C ARG A 217 4.85 33.55 15.27
N SER A 218 4.97 34.80 15.70
CA SER A 218 6.23 35.29 16.24
C SER A 218 6.62 34.55 17.52
N GLU A 219 5.69 34.45 18.46
CA GLU A 219 5.96 33.76 19.71
C GLU A 219 6.40 32.31 19.48
N LEU A 220 5.76 31.63 18.54
CA LEU A 220 6.05 30.23 18.27
C LEU A 220 7.16 29.97 17.24
N ASP A 221 7.73 31.04 16.69
CA ASP A 221 8.80 30.90 15.72
C ASP A 221 8.40 30.15 14.46
N MET A 222 7.25 30.50 13.90
CA MET A 222 6.74 29.88 12.68
C MET A 222 6.99 30.86 11.54
N THR A 223 7.18 30.34 10.33
CA THR A 223 7.45 31.19 9.18
C THR A 223 6.22 31.92 8.64
N SER A 224 5.03 31.37 8.86
CA SER A 224 3.81 32.01 8.38
C SER A 224 2.56 31.47 9.06
N ILE A 225 1.41 31.99 8.66
CA ILE A 225 0.12 31.55 9.20
C ILE A 225 -0.83 31.07 8.10
N THR A 226 -1.68 30.11 8.44
CA THR A 226 -2.62 29.53 7.49
C THR A 226 -3.59 30.56 6.88
N LEU A 227 -3.81 30.45 5.57
CA LEU A 227 -4.69 31.34 4.83
C LEU A 227 -6.19 31.10 5.02
N ASN A 228 -6.56 29.85 5.21
CA ASN A 228 -7.96 29.48 5.35
C ASN A 228 -8.22 28.57 6.54
N SER A 229 -9.21 28.93 7.36
CA SER A 229 -9.53 28.17 8.57
C SER A 229 -10.03 26.74 8.35
N ILE A 230 -10.84 26.52 7.32
CA ILE A 230 -11.34 25.16 7.06
C ILE A 230 -10.20 24.23 6.68
N ASP A 231 -9.31 24.70 5.80
CA ASP A 231 -8.17 23.90 5.37
C ASP A 231 -7.21 23.62 6.54
N ALA A 232 -6.92 24.65 7.33
CA ALA A 232 -6.00 24.53 8.45
C ALA A 232 -6.42 23.46 9.46
N ILE A 233 -7.72 23.30 9.61
CA ILE A 233 -8.28 22.34 10.56
C ILE A 233 -8.37 20.90 10.07
N SER A 234 -8.67 20.73 8.78
CA SER A 234 -8.88 19.39 8.23
C SER A 234 -7.78 18.75 7.38
N GLU A 235 -6.75 19.52 7.03
CA GLU A 235 -5.68 18.95 6.20
C GLU A 235 -4.55 18.28 6.99
N ARG A 236 -3.98 17.23 6.41
CA ARG A 236 -2.88 16.52 7.03
C ARG A 236 -1.79 16.28 5.98
N ASP A 237 -1.66 17.24 5.07
CA ASP A 237 -0.65 17.20 4.01
C ASP A 237 0.76 17.08 4.63
N PHE A 238 1.04 17.94 5.61
CA PHE A 238 2.36 17.96 6.22
C PHE A 238 2.74 16.59 6.75
N VAL A 239 1.75 15.84 7.23
CA VAL A 239 2.00 14.49 7.73
C VAL A 239 2.33 13.56 6.57
N VAL A 240 1.54 13.63 5.51
CA VAL A 240 1.73 12.77 4.34
C VAL A 240 3.08 13.00 3.66
N GLU A 241 3.44 14.26 3.45
CA GLU A 241 4.72 14.59 2.82
C GLU A 241 5.88 14.01 3.60
N LEU A 242 5.93 14.37 4.88
CA LEU A 242 7.00 13.92 5.75
C LEU A 242 7.20 12.42 5.63
N ILE A 243 6.12 11.67 5.81
CA ILE A 243 6.19 10.21 5.74
C ILE A 243 6.61 9.76 4.35
N SER A 244 6.10 10.44 3.33
CA SER A 244 6.43 10.11 1.95
C SER A 244 7.93 10.33 1.73
N VAL A 245 8.42 11.49 2.13
CA VAL A 245 9.85 11.79 2.02
C VAL A 245 10.67 10.77 2.82
N ALA A 246 10.16 10.36 3.98
CA ALA A 246 10.88 9.39 4.81
C ALA A 246 10.86 7.99 4.21
N THR A 247 9.85 7.70 3.41
CA THR A 247 9.73 6.41 2.77
C THR A 247 10.76 6.26 1.63
N LEU A 248 10.89 7.29 0.79
CA LEU A 248 11.85 7.23 -0.31
C LEU A 248 13.27 7.13 0.27
N LEU A 249 13.51 7.83 1.38
CA LEU A 249 14.82 7.80 2.03
C LEU A 249 15.08 6.37 2.51
N MET A 250 14.08 5.76 3.13
CA MET A 250 14.22 4.38 3.59
C MET A 250 14.43 3.43 2.41
N ILE A 251 13.84 3.73 1.26
CA ILE A 251 14.04 2.88 0.09
C ILE A 251 15.53 2.87 -0.26
N HIS A 252 16.13 4.05 -0.26
CA HIS A 252 17.55 4.22 -0.55
C HIS A 252 18.40 3.38 0.41
N LEU A 253 18.10 3.48 1.69
CA LEU A 253 18.85 2.72 2.69
C LEU A 253 18.63 1.23 2.56
N SER A 254 17.46 0.83 2.06
CA SER A 254 17.18 -0.60 1.90
C SER A 254 18.04 -1.16 0.78
N LYS A 255 18.34 -0.32 -0.21
CA LYS A 255 19.15 -0.75 -1.34
C LYS A 255 20.63 -0.83 -0.94
N LEU A 256 21.08 0.12 -0.12
CA LEU A 256 22.45 0.14 0.37
C LEU A 256 22.65 -1.09 1.25
N ALA A 257 21.66 -1.38 2.09
CA ALA A 257 21.71 -2.53 2.96
C ALA A 257 21.89 -3.78 2.11
N GLU A 258 21.12 -3.87 1.02
CA GLU A 258 21.20 -4.99 0.10
C GLU A 258 22.62 -5.08 -0.50
N ASP A 259 23.15 -3.92 -0.91
CA ASP A 259 24.49 -3.88 -1.49
C ASP A 259 25.55 -4.42 -0.54
N LEU A 260 25.52 -3.95 0.69
CA LEU A 260 26.49 -4.37 1.70
C LEU A 260 26.31 -5.81 2.17
N ILE A 261 25.08 -6.31 2.11
CA ILE A 261 24.81 -7.68 2.54
C ILE A 261 25.45 -8.61 1.53
N ILE A 262 25.39 -8.23 0.25
CA ILE A 262 25.98 -9.03 -0.81
C ILE A 262 27.50 -8.92 -0.75
N PHE A 263 27.98 -7.68 -0.66
CA PHE A 263 29.41 -7.41 -0.59
C PHE A 263 30.08 -7.98 0.67
N SER A 264 29.30 -8.25 1.71
CA SER A 264 29.85 -8.77 2.95
C SER A 264 29.78 -10.30 3.04
N THR A 265 29.30 -10.94 1.98
CA THR A 265 29.24 -12.39 1.97
C THR A 265 30.67 -12.87 1.81
N THR A 266 30.95 -14.09 2.27
CA THR A 266 32.30 -14.62 2.14
C THR A 266 32.59 -14.81 0.65
N GLU A 267 31.56 -15.15 -0.11
CA GLU A 267 31.67 -15.36 -1.56
C GLU A 267 32.16 -14.12 -2.29
N PHE A 268 31.77 -12.95 -1.82
CA PHE A 268 32.21 -11.71 -2.43
C PHE A 268 33.42 -11.19 -1.67
N GLY A 269 33.31 -11.20 -0.35
CA GLY A 269 34.39 -10.76 0.52
C GLY A 269 34.96 -9.37 0.27
N PHE A 270 34.12 -8.44 -0.17
CA PHE A 270 34.59 -7.08 -0.42
C PHE A 270 34.62 -6.23 0.83
N VAL A 271 33.69 -6.49 1.76
CA VAL A 271 33.64 -5.72 3.00
C VAL A 271 33.42 -6.61 4.21
N THR A 272 33.75 -6.05 5.37
CA THR A 272 33.60 -6.73 6.65
C THR A 272 33.05 -5.72 7.65
N LEU A 273 31.94 -6.07 8.27
CA LEU A 273 31.32 -5.19 9.25
C LEU A 273 32.03 -5.26 10.60
N SER A 274 31.94 -4.16 11.34
CA SER A 274 32.51 -4.07 12.67
C SER A 274 31.73 -5.06 13.54
N ASP A 275 32.33 -5.51 14.65
CA ASP A 275 31.65 -6.44 15.54
C ASP A 275 30.44 -5.77 16.18
N ALA A 276 30.46 -4.45 16.20
CA ALA A 276 29.37 -3.68 16.81
C ALA A 276 28.08 -3.73 16.00
N TYR A 277 28.20 -3.97 14.69
CA TYR A 277 27.03 -4.02 13.83
C TYR A 277 26.81 -5.37 13.18
N SER A 278 27.20 -6.42 13.90
CA SER A 278 27.01 -7.77 13.40
C SER A 278 26.97 -8.73 14.58
N THR A 279 26.71 -10.00 14.29
CA THR A 279 26.66 -11.03 15.32
C THR A 279 27.35 -12.26 14.76
N GLY A 280 28.01 -13.01 15.63
CA GLY A 280 28.71 -14.19 15.17
C GLY A 280 28.47 -15.42 16.02
N SER A 281 29.02 -16.54 15.58
CA SER A 281 28.89 -17.81 16.29
C SER A 281 30.23 -18.16 16.90
N SER A 282 30.22 -18.59 18.17
CA SER A 282 31.45 -18.94 18.85
C SER A 282 32.16 -20.10 18.15
N LEU A 283 31.37 -20.98 17.55
CA LEU A 283 31.91 -22.14 16.83
C LEU A 283 32.29 -21.83 15.39
N LEU A 284 31.75 -20.74 14.84
CA LEU A 284 32.05 -20.33 13.47
C LEU A 284 32.58 -18.89 13.48
N PRO A 285 33.79 -18.68 14.01
CA PRO A 285 34.45 -17.37 14.11
C PRO A 285 34.63 -16.59 12.81
N GLN A 286 34.23 -17.19 11.68
CA GLN A 286 34.35 -16.53 10.39
C GLN A 286 33.00 -15.93 10.01
N LYS A 287 31.94 -16.56 10.50
CA LYS A 287 30.57 -16.14 10.23
C LYS A 287 30.22 -14.83 10.91
N LYS A 288 29.89 -13.81 10.12
CA LYS A 288 29.52 -12.52 10.65
C LYS A 288 28.19 -12.08 10.02
N ASN A 289 27.12 -12.22 10.81
CA ASN A 289 25.79 -11.88 10.36
C ASN A 289 25.53 -10.39 10.32
N PRO A 290 25.07 -9.88 9.17
CA PRO A 290 24.79 -8.45 9.00
C PRO A 290 23.42 -8.06 9.59
N ASP A 291 23.23 -8.37 10.87
CA ASP A 291 22.00 -8.07 11.56
C ASP A 291 21.56 -6.62 11.41
N SER A 292 22.53 -5.71 11.41
CA SER A 292 22.23 -4.29 11.30
C SER A 292 21.63 -3.89 9.96
N LEU A 293 22.16 -4.46 8.89
CA LEU A 293 21.68 -4.16 7.55
C LEU A 293 20.28 -4.76 7.31
N GLU A 294 20.06 -5.97 7.81
CA GLU A 294 18.77 -6.65 7.66
C GLU A 294 17.72 -5.82 8.40
N LEU A 295 18.11 -5.27 9.54
CA LEU A 295 17.21 -4.44 10.33
C LEU A 295 16.82 -3.19 9.53
N ILE A 296 17.82 -2.52 8.94
CA ILE A 296 17.59 -1.32 8.14
C ILE A 296 16.66 -1.63 6.97
N ARG A 297 16.96 -2.70 6.25
CA ARG A 297 16.15 -3.11 5.10
C ARG A 297 14.69 -3.32 5.47
N SER A 298 14.45 -4.07 6.55
CA SER A 298 13.09 -4.36 7.01
C SER A 298 12.32 -3.11 7.45
N LYS A 299 13.03 -2.12 7.98
CA LYS A 299 12.39 -0.89 8.42
C LYS A 299 11.79 -0.08 7.28
N ALA A 300 12.21 -0.37 6.05
CA ALA A 300 11.67 0.33 4.90
C ALA A 300 10.19 -0.06 4.80
N GLY A 301 9.90 -1.31 5.15
CA GLY A 301 8.53 -1.78 5.13
C GLY A 301 7.68 -1.12 6.21
N ARG A 302 8.24 -0.99 7.43
CA ARG A 302 7.49 -0.35 8.52
C ARG A 302 7.07 1.09 8.17
N VAL A 303 7.99 1.85 7.58
CA VAL A 303 7.70 3.23 7.21
C VAL A 303 6.67 3.31 6.08
N PHE A 304 6.83 2.47 5.06
CA PHE A 304 5.89 2.45 3.95
C PHE A 304 4.50 2.13 4.46
N GLY A 305 4.44 1.23 5.45
CA GLY A 305 3.17 0.84 6.04
C GLY A 305 2.44 2.03 6.65
N ARG A 306 3.19 2.97 7.22
CA ARG A 306 2.58 4.15 7.80
C ARG A 306 2.08 5.09 6.71
N LEU A 307 2.78 5.09 5.57
CA LEU A 307 2.38 5.93 4.44
C LEU A 307 1.06 5.41 3.88
N ALA A 308 0.98 4.10 3.67
CA ALA A 308 -0.23 3.49 3.14
C ALA A 308 -1.41 3.76 4.07
N ALA A 309 -1.18 3.58 5.37
CA ALA A 309 -2.24 3.79 6.35
C ALA A 309 -2.82 5.19 6.34
N ILE A 310 -1.95 6.20 6.39
CA ILE A 310 -2.43 7.57 6.44
C ILE A 310 -3.19 7.99 5.17
N LEU A 311 -2.73 7.52 4.01
CA LEU A 311 -3.40 7.85 2.75
C LEU A 311 -4.80 7.25 2.70
N MET A 312 -4.93 6.02 3.20
CA MET A 312 -6.21 5.32 3.22
C MET A 312 -7.15 6.03 4.17
N VAL A 313 -6.59 6.53 5.27
CA VAL A 313 -7.37 7.25 6.27
C VAL A 313 -7.97 8.55 5.71
N LEU A 314 -7.20 9.26 4.90
CA LEU A 314 -7.64 10.53 4.35
C LEU A 314 -8.52 10.40 3.12
N LYS A 315 -8.35 9.32 2.36
CA LYS A 315 -9.13 9.14 1.15
C LYS A 315 -10.62 9.10 1.35
N GLY A 316 -11.32 10.01 0.66
CA GLY A 316 -12.76 10.03 0.72
C GLY A 316 -13.55 10.52 1.92
N ILE A 317 -12.92 11.23 2.86
CA ILE A 317 -13.69 11.74 3.98
C ILE A 317 -13.94 13.23 3.75
N PRO A 318 -15.08 13.75 4.25
CA PRO A 318 -15.46 15.17 4.12
C PRO A 318 -14.38 16.17 4.50
N SER A 319 -14.46 17.37 3.94
CA SER A 319 -13.48 18.41 4.20
C SER A 319 -13.77 19.10 5.52
N THR A 320 -13.50 18.40 6.61
CA THR A 320 -13.70 18.96 7.92
C THR A 320 -13.01 18.08 8.94
N PHE A 321 -13.28 18.36 10.21
CA PHE A 321 -12.69 17.60 11.29
C PHE A 321 -13.53 16.37 11.61
N SER A 322 -12.85 15.26 11.89
CA SER A 322 -13.53 14.02 12.25
C SER A 322 -12.51 13.18 13.00
N LYS A 323 -13.00 12.25 13.82
CA LYS A 323 -12.11 11.39 14.59
C LYS A 323 -11.12 10.62 13.73
N ASP A 324 -11.43 10.43 12.44
CA ASP A 324 -10.52 9.71 11.55
C ASP A 324 -9.08 10.24 11.65
N LEU A 325 -8.93 11.56 11.59
CA LEU A 325 -7.63 12.23 11.63
C LEU A 325 -6.71 11.86 12.79
N GLN A 326 -7.28 11.33 13.87
CA GLN A 326 -6.53 10.95 15.06
C GLN A 326 -5.38 9.96 14.83
N GLU A 327 -5.49 9.14 13.80
CA GLU A 327 -4.46 8.16 13.48
C GLU A 327 -3.11 8.76 13.07
N ASP A 328 -3.06 10.06 12.82
CA ASP A 328 -1.82 10.70 12.40
C ASP A 328 -0.68 10.72 13.42
N LYS A 329 -1.02 10.86 14.70
CA LYS A 329 -0.01 10.93 15.75
C LYS A 329 0.88 9.69 15.86
N GLU A 330 0.29 8.53 16.08
CA GLU A 330 1.07 7.31 16.17
C GLU A 330 1.88 7.08 14.91
N ALA A 331 1.24 7.31 13.76
CA ALA A 331 1.91 7.10 12.48
C ALA A 331 3.19 7.93 12.32
N VAL A 332 3.11 9.24 12.53
CA VAL A 332 4.30 10.09 12.37
C VAL A 332 5.37 9.87 13.43
N LEU A 333 4.96 9.72 14.69
CA LEU A 333 5.92 9.52 15.76
C LEU A 333 6.74 8.26 15.52
N ASP A 334 6.06 7.21 15.03
CA ASP A 334 6.74 5.95 14.76
C ASP A 334 7.80 6.16 13.66
N VAL A 335 7.42 6.90 12.63
CA VAL A 335 8.31 7.20 11.52
C VAL A 335 9.53 8.03 11.97
N VAL A 336 9.29 9.10 12.74
CA VAL A 336 10.41 9.95 13.16
C VAL A 336 11.38 9.18 14.08
N ASP A 337 10.86 8.37 15.00
CA ASP A 337 11.70 7.59 15.90
C ASP A 337 12.47 6.52 15.13
N THR A 338 11.79 5.86 14.20
CA THR A 338 12.42 4.82 13.40
C THR A 338 13.54 5.43 12.55
N LEU A 339 13.20 6.49 11.82
CA LEU A 339 14.15 7.17 10.95
C LEU A 339 15.37 7.68 11.72
N THR A 340 15.12 8.25 12.89
CA THR A 340 16.17 8.78 13.73
C THR A 340 17.15 7.68 14.15
N ALA A 341 16.64 6.58 14.69
CA ALA A 341 17.51 5.49 15.12
C ALA A 341 18.23 4.85 13.92
N VAL A 342 17.53 4.71 12.81
CA VAL A 342 18.10 4.11 11.60
C VAL A 342 19.26 4.89 10.96
N LEU A 343 19.15 6.21 10.91
CA LEU A 343 20.21 7.01 10.31
C LEU A 343 21.49 6.90 11.14
N GLN A 344 21.33 6.82 12.46
CA GLN A 344 22.47 6.68 13.35
C GLN A 344 23.15 5.33 13.16
N VAL A 345 22.37 4.26 13.04
CA VAL A 345 22.94 2.94 12.83
C VAL A 345 23.66 2.90 11.47
N ALA A 346 23.05 3.47 10.44
CA ALA A 346 23.66 3.48 9.11
C ALA A 346 25.01 4.19 9.16
N THR A 347 25.07 5.34 9.83
CA THR A 347 26.32 6.09 9.96
C THR A 347 27.38 5.20 10.62
N GLY A 348 26.99 4.45 11.65
CA GLY A 348 27.93 3.59 12.34
C GLY A 348 28.48 2.53 11.41
N VAL A 349 27.58 1.83 10.73
CA VAL A 349 27.95 0.79 9.79
C VAL A 349 28.99 1.25 8.76
N ILE A 350 28.75 2.41 8.17
CA ILE A 350 29.64 2.92 7.14
C ILE A 350 30.97 3.47 7.65
N SER A 351 30.99 4.07 8.83
CA SER A 351 32.23 4.62 9.35
C SER A 351 33.14 3.56 9.99
N THR A 352 32.58 2.44 10.41
CA THR A 352 33.37 1.39 11.05
C THR A 352 33.57 0.10 10.27
N LEU A 353 33.12 0.07 9.01
CA LEU A 353 33.27 -1.14 8.21
C LEU A 353 34.66 -1.20 7.60
N GLN A 354 35.11 -2.40 7.26
CA GLN A 354 36.43 -2.57 6.66
C GLN A 354 36.33 -3.13 5.26
N ILE A 355 37.07 -2.52 4.33
CA ILE A 355 37.09 -2.97 2.95
C ILE A 355 38.29 -3.89 2.80
N ASN A 356 38.11 -4.96 2.01
CA ASN A 356 39.18 -5.91 1.75
C ASN A 356 39.72 -5.68 0.34
N LYS A 357 40.60 -4.69 0.22
CA LYS A 357 41.22 -4.30 -1.04
C LYS A 357 41.79 -5.49 -1.78
N GLU A 358 42.31 -6.45 -1.03
CA GLU A 358 42.89 -7.64 -1.61
C GLU A 358 41.84 -8.36 -2.45
N ASN A 359 40.74 -8.75 -1.81
CA ASN A 359 39.66 -9.45 -2.50
C ASN A 359 39.06 -8.67 -3.67
N MET A 360 39.11 -7.34 -3.61
CA MET A 360 38.56 -6.51 -4.67
C MET A 360 39.37 -6.63 -5.96
N GLU A 361 40.69 -6.56 -5.82
CA GLU A 361 41.57 -6.66 -6.97
C GLU A 361 41.48 -8.06 -7.60
N LYS A 362 41.63 -9.08 -6.77
CA LYS A 362 41.58 -10.46 -7.21
C LYS A 362 40.27 -10.77 -7.95
N ALA A 363 39.27 -9.90 -7.78
CA ALA A 363 37.98 -10.09 -8.43
C ALA A 363 38.05 -9.49 -9.82
N LEU A 364 39.07 -8.67 -10.07
CA LEU A 364 39.26 -8.04 -11.37
C LEU A 364 40.08 -8.90 -12.32
N THR A 365 39.40 -9.68 -13.14
CA THR A 365 40.08 -10.53 -14.12
C THR A 365 40.27 -9.73 -15.40
N PRO A 366 41.22 -10.15 -16.25
CA PRO A 366 41.55 -9.48 -17.53
C PRO A 366 40.40 -9.31 -18.52
N GLU A 367 39.51 -10.28 -18.56
CA GLU A 367 38.35 -10.25 -19.46
C GLU A 367 37.58 -8.94 -19.39
N LEU A 368 37.46 -8.39 -18.17
CA LEU A 368 36.74 -7.15 -17.92
C LEU A 368 37.24 -5.96 -18.69
N LEU A 369 38.34 -6.15 -19.42
CA LEU A 369 38.94 -5.06 -20.19
C LEU A 369 38.68 -5.14 -21.70
N SER A 370 37.94 -6.17 -22.13
CA SER A 370 37.65 -6.35 -23.55
C SER A 370 36.93 -5.17 -24.22
N THR A 371 36.21 -4.38 -23.44
CA THR A 371 35.50 -3.22 -24.00
C THR A 371 36.50 -2.09 -24.27
N ASP A 372 37.49 -1.96 -23.40
CA ASP A 372 38.52 -0.94 -23.56
C ASP A 372 39.32 -1.28 -24.81
N LEU A 373 39.45 -2.58 -25.07
CA LEU A 373 40.18 -3.05 -26.24
C LEU A 373 39.49 -2.57 -27.52
N ALA A 374 38.17 -2.48 -27.48
CA ALA A 374 37.40 -2.04 -28.65
C ALA A 374 37.38 -0.51 -28.70
N LEU A 375 37.40 0.13 -27.53
CA LEU A 375 37.40 1.59 -27.48
C LEU A 375 38.72 2.08 -28.06
N TYR A 376 39.76 1.28 -27.89
CA TYR A 376 41.09 1.59 -28.42
C TYR A 376 41.00 1.73 -29.94
N LEU A 377 40.38 0.74 -30.57
CA LEU A 377 40.22 0.76 -32.02
C LEU A 377 39.35 1.93 -32.45
N VAL A 378 38.29 2.19 -31.68
CA VAL A 378 37.41 3.29 -31.99
C VAL A 378 38.18 4.60 -32.07
N ARG A 379 39.13 4.77 -31.15
CA ARG A 379 39.95 5.99 -31.12
C ARG A 379 40.89 6.05 -32.32
N LYS A 380 41.15 4.90 -32.94
CA LYS A 380 42.00 4.84 -34.12
C LYS A 380 41.19 5.13 -35.38
N GLY A 381 39.90 5.44 -35.19
CA GLY A 381 39.05 5.74 -36.32
C GLY A 381 38.06 4.65 -36.71
N MET A 382 38.31 3.42 -36.26
CA MET A 382 37.43 2.32 -36.60
C MET A 382 36.03 2.44 -35.99
N PRO A 383 34.98 2.12 -36.78
CA PRO A 383 33.60 2.19 -36.31
C PRO A 383 33.35 1.24 -35.14
N ILE A 384 32.48 1.65 -34.23
CA ILE A 384 32.16 0.86 -33.05
C ILE A 384 31.76 -0.58 -33.36
N ARG A 385 30.91 -0.76 -34.37
CA ARG A 385 30.46 -2.10 -34.74
C ARG A 385 31.65 -3.00 -35.09
N GLN A 386 32.57 -2.47 -35.90
CA GLN A 386 33.75 -3.22 -36.31
C GLN A 386 34.71 -3.39 -35.14
N ALA A 387 34.86 -2.36 -34.33
CA ALA A 387 35.76 -2.44 -33.17
C ALA A 387 35.28 -3.52 -32.20
N GLN A 388 33.97 -3.58 -31.99
CA GLN A 388 33.39 -4.57 -31.09
C GLN A 388 33.70 -6.00 -31.52
N THR A 389 33.36 -6.33 -32.76
CA THR A 389 33.60 -7.68 -33.29
C THR A 389 35.08 -8.04 -33.25
N ALA A 390 35.94 -7.05 -33.42
CA ALA A 390 37.38 -7.26 -33.40
C ALA A 390 37.82 -7.79 -32.03
N SER A 391 37.48 -7.06 -30.97
CA SER A 391 37.84 -7.48 -29.62
C SER A 391 37.20 -8.83 -29.32
N GLY A 392 36.11 -9.13 -30.01
CA GLY A 392 35.44 -10.40 -29.81
C GLY A 392 36.30 -11.54 -30.28
N LYS A 393 37.00 -11.35 -31.39
CA LYS A 393 37.88 -12.38 -31.93
C LYS A 393 39.07 -12.58 -31.00
N ALA A 394 39.44 -11.51 -30.31
CA ALA A 394 40.55 -11.56 -29.36
C ALA A 394 40.23 -12.47 -28.18
N VAL A 395 39.03 -12.30 -27.62
CA VAL A 395 38.62 -13.12 -26.48
C VAL A 395 38.45 -14.57 -26.92
N HIS A 396 38.12 -14.76 -28.20
CA HIS A 396 37.94 -16.09 -28.75
C HIS A 396 39.29 -16.75 -28.95
N LEU A 397 40.25 -15.97 -29.46
CA LEU A 397 41.60 -16.46 -29.71
C LEU A 397 42.31 -16.87 -28.43
N ALA A 398 42.34 -15.98 -27.44
CA ALA A 398 42.98 -16.26 -26.16
C ALA A 398 42.31 -17.50 -25.55
N GLU A 399 40.99 -17.51 -25.64
CA GLU A 399 40.17 -18.60 -25.11
C GLU A 399 40.64 -19.94 -25.67
N THR A 400 40.96 -19.97 -26.96
CA THR A 400 41.41 -21.20 -27.60
C THR A 400 42.85 -21.50 -27.17
N LYS A 401 43.66 -20.45 -27.07
CA LYS A 401 45.07 -20.61 -26.67
C LYS A 401 45.24 -20.81 -25.17
N GLY A 402 44.14 -21.11 -24.49
CA GLY A 402 44.19 -21.35 -23.05
C GLY A 402 44.86 -20.26 -22.23
N ILE A 403 44.69 -19.01 -22.63
CA ILE A 403 45.29 -17.90 -21.90
C ILE A 403 44.33 -16.71 -21.82
N THR A 404 44.76 -15.67 -21.12
CA THR A 404 43.96 -14.46 -20.98
C THR A 404 44.37 -13.49 -22.08
N ILE A 405 43.49 -12.54 -22.41
CA ILE A 405 43.76 -11.58 -23.46
C ILE A 405 44.98 -10.68 -23.26
N ASN A 406 45.28 -10.33 -22.01
CA ASN A 406 46.44 -9.49 -21.73
C ASN A 406 47.74 -10.17 -22.11
N ASN A 407 47.67 -11.48 -22.37
CA ASN A 407 48.85 -12.26 -22.74
C ASN A 407 48.87 -12.59 -24.23
N LEU A 408 48.24 -11.75 -25.05
CA LEU A 408 48.22 -11.97 -26.48
C LEU A 408 49.26 -11.07 -27.12
N THR A 409 50.25 -11.69 -27.75
CA THR A 409 51.33 -10.95 -28.40
C THR A 409 50.80 -9.95 -29.42
N LEU A 410 51.55 -8.88 -29.65
CA LEU A 410 51.17 -7.85 -30.61
C LEU A 410 51.09 -8.49 -31.98
N GLU A 411 51.50 -9.75 -32.06
CA GLU A 411 51.49 -10.52 -33.31
C GLU A 411 50.14 -11.23 -33.46
N ASP A 412 49.58 -11.65 -32.33
CA ASP A 412 48.29 -12.33 -32.35
C ASP A 412 47.22 -11.32 -32.69
N LEU A 413 47.30 -10.15 -32.07
CA LEU A 413 46.33 -9.08 -32.30
C LEU A 413 46.47 -8.54 -33.72
N LYS A 414 47.71 -8.45 -34.18
CA LYS A 414 48.00 -7.93 -35.51
C LYS A 414 47.24 -8.71 -36.60
N SER A 415 46.98 -10.00 -36.35
CA SER A 415 46.27 -10.81 -37.32
C SER A 415 44.78 -10.45 -37.34
N ILE A 416 44.33 -9.80 -36.26
CA ILE A 416 42.94 -9.40 -36.15
C ILE A 416 42.73 -8.05 -36.81
N SER A 417 43.71 -7.16 -36.64
CA SER A 417 43.64 -5.83 -37.22
C SER A 417 45.00 -5.13 -37.17
N PRO A 418 45.37 -4.46 -38.27
CA PRO A 418 46.65 -3.74 -38.37
C PRO A 418 46.70 -2.50 -37.46
N LEU A 419 45.54 -2.06 -37.00
CA LEU A 419 45.46 -0.89 -36.13
C LEU A 419 46.06 -1.11 -34.74
N PHE A 420 46.32 -2.36 -34.39
CA PHE A 420 46.89 -2.67 -33.08
C PHE A 420 48.37 -2.35 -33.00
N ALA A 421 48.70 -1.23 -32.35
CA ALA A 421 50.07 -0.79 -32.19
C ALA A 421 50.67 -1.33 -30.90
N SER A 422 51.85 -0.84 -30.54
CA SER A 422 52.55 -1.29 -29.33
C SER A 422 51.86 -0.76 -28.07
N ASP A 423 51.38 0.48 -28.13
CA ASP A 423 50.72 1.11 -27.00
C ASP A 423 49.43 0.41 -26.59
N VAL A 424 49.07 -0.64 -27.32
CA VAL A 424 47.85 -1.38 -27.02
C VAL A 424 47.97 -2.03 -25.65
N SER A 425 49.21 -2.18 -25.17
CA SER A 425 49.46 -2.80 -23.87
C SER A 425 48.95 -1.92 -22.73
N GLN A 426 48.80 -0.63 -22.99
CA GLN A 426 48.32 0.29 -21.96
C GLN A 426 46.88 -0.02 -21.59
N VAL A 427 46.14 -0.60 -22.54
CA VAL A 427 44.74 -0.96 -22.30
C VAL A 427 44.59 -1.90 -21.12
N PHE A 428 45.48 -2.88 -21.02
CA PHE A 428 45.41 -3.86 -19.94
C PHE A 428 45.90 -3.32 -18.60
N SER A 429 45.17 -2.34 -18.09
CA SER A 429 45.49 -1.71 -16.81
C SER A 429 44.19 -1.16 -16.20
N VAL A 430 43.85 -1.67 -15.02
CA VAL A 430 42.64 -1.24 -14.34
C VAL A 430 42.63 0.27 -14.10
N VAL A 431 43.81 0.85 -13.93
CA VAL A 431 43.92 2.29 -13.71
C VAL A 431 43.66 3.08 -14.99
N ASN A 432 44.16 2.59 -16.11
CA ASN A 432 43.93 3.27 -17.38
C ASN A 432 42.46 3.14 -17.74
N SER A 433 41.89 1.99 -17.40
CA SER A 433 40.50 1.70 -17.67
C SER A 433 39.59 2.75 -17.00
N VAL A 434 39.69 2.86 -15.67
CA VAL A 434 38.88 3.82 -14.92
C VAL A 434 39.18 5.28 -15.25
N GLU A 435 40.38 5.56 -15.75
CA GLU A 435 40.75 6.93 -16.07
C GLU A 435 40.15 7.45 -17.38
N GLN A 436 39.52 6.55 -18.14
CA GLN A 436 38.89 6.92 -19.40
C GLN A 436 37.67 7.79 -19.17
N TYR A 437 37.00 7.56 -18.04
CA TYR A 437 35.78 8.29 -17.73
C TYR A 437 35.99 9.62 -17.01
N THR A 438 36.52 10.58 -17.75
CA THR A 438 36.79 11.91 -17.23
C THR A 438 35.63 12.87 -17.45
N ALA A 439 34.68 12.49 -18.31
CA ALA A 439 33.53 13.34 -18.57
C ALA A 439 32.72 13.44 -17.28
N VAL A 440 32.13 14.61 -17.05
CA VAL A 440 31.35 14.87 -15.84
C VAL A 440 30.51 13.70 -15.34
N GLY A 441 30.83 13.25 -14.12
CA GLY A 441 30.10 12.15 -13.50
C GLY A 441 30.74 10.79 -13.61
N GLY A 442 31.79 10.68 -14.42
CA GLY A 442 32.48 9.40 -14.60
C GLY A 442 33.28 8.97 -13.40
N THR A 443 33.87 7.78 -13.48
CA THR A 443 34.66 7.25 -12.38
C THR A 443 36.15 7.60 -12.40
N ALA A 444 36.57 8.52 -13.27
CA ALA A 444 37.97 8.91 -13.31
C ALA A 444 38.31 9.64 -12.01
N LYS A 445 39.56 9.54 -11.57
CA LYS A 445 39.99 10.18 -10.33
C LYS A 445 39.62 11.67 -10.30
N SER A 446 39.67 12.31 -11.46
CA SER A 446 39.34 13.73 -11.58
C SER A 446 37.85 14.02 -11.39
N SER A 447 36.99 13.16 -11.93
CA SER A 447 35.55 13.35 -11.79
C SER A 447 35.13 13.10 -10.35
N VAL A 448 35.67 12.05 -9.76
CA VAL A 448 35.37 11.71 -8.38
C VAL A 448 35.71 12.88 -7.47
N THR A 449 36.88 13.49 -7.71
CA THR A 449 37.32 14.62 -6.93
C THR A 449 36.36 15.80 -7.04
N ALA A 450 35.84 16.03 -8.25
CA ALA A 450 34.91 17.12 -8.49
C ALA A 450 33.57 16.84 -7.82
N GLN A 451 33.17 15.57 -7.79
CA GLN A 451 31.91 15.19 -7.16
C GLN A 451 31.98 15.50 -5.68
N ILE A 452 33.08 15.09 -5.06
CA ILE A 452 33.32 15.31 -3.64
C ILE A 452 33.29 16.80 -3.30
N GLU A 453 33.83 17.62 -4.18
CA GLU A 453 33.84 19.07 -3.96
C GLU A 453 32.43 19.65 -4.03
N GLN A 454 31.67 19.25 -5.05
CA GLN A 454 30.31 19.75 -5.20
C GLN A 454 29.40 19.31 -4.05
N LEU A 455 29.60 18.09 -3.55
CA LEU A 455 28.80 17.60 -2.44
C LEU A 455 29.13 18.37 -1.16
N ARG A 456 30.42 18.64 -0.94
CA ARG A 456 30.84 19.38 0.24
C ARG A 456 30.17 20.75 0.23
N GLU A 457 30.06 21.34 -0.94
CA GLU A 457 29.43 22.65 -1.10
C GLU A 457 27.93 22.55 -0.85
N LEU A 458 27.32 21.46 -1.30
CA LEU A 458 25.90 21.27 -1.09
C LEU A 458 25.62 21.13 0.39
N LEU A 459 26.41 20.30 1.07
CA LEU A 459 26.24 20.11 2.50
C LEU A 459 26.32 21.44 3.23
N LYS A 460 27.30 22.26 2.86
CA LYS A 460 27.46 23.57 3.50
C LYS A 460 26.19 24.39 3.29
N LYS A 461 25.59 24.25 2.11
CA LYS A 461 24.38 25.00 1.79
C LYS A 461 23.17 24.46 2.57
N GLN A 462 23.43 23.47 3.43
CA GLN A 462 22.38 22.89 4.25
C GLN A 462 22.42 23.59 5.60
N LYS A 463 22.23 24.91 5.57
CA LYS A 463 22.25 25.72 6.78
C LYS A 463 21.20 26.83 6.65
N ILE B 20 -13.10 13.35 -22.57
CA ILE B 20 -12.29 13.11 -21.33
C ILE B 20 -13.02 12.13 -20.42
N MET B 21 -14.26 12.45 -20.05
CA MET B 21 -15.06 11.58 -19.18
C MET B 21 -15.03 10.12 -19.62
N GLU B 22 -14.72 9.89 -20.90
CA GLU B 22 -14.69 8.53 -21.41
C GLU B 22 -13.28 7.92 -21.41
N ILE B 23 -12.25 8.76 -21.57
CA ILE B 23 -10.87 8.25 -21.56
C ILE B 23 -10.55 7.77 -20.14
N LEU B 24 -11.52 7.94 -19.24
CA LEU B 24 -11.38 7.53 -17.85
C LEU B 24 -12.15 6.23 -17.61
N SER B 25 -12.76 5.71 -18.66
CA SER B 25 -13.51 4.47 -18.60
C SER B 25 -12.66 3.32 -19.14
N SER B 26 -12.94 2.09 -18.71
CA SER B 26 -12.17 0.93 -19.15
C SER B 26 -12.05 0.88 -20.66
N SER B 27 -10.92 0.36 -21.14
CA SER B 27 -10.64 0.26 -22.58
C SER B 27 -11.34 -0.90 -23.29
N ILE B 28 -11.51 -0.73 -24.60
CA ILE B 28 -12.16 -1.70 -25.47
C ILE B 28 -11.66 -3.14 -25.29
N SER B 29 -10.36 -3.32 -25.50
CA SER B 29 -9.75 -4.64 -25.37
C SER B 29 -10.08 -5.31 -24.02
N THR B 30 -10.34 -4.50 -23.00
CA THR B 30 -10.69 -5.01 -21.68
C THR B 30 -12.14 -5.46 -21.69
N GLU B 31 -13.02 -4.65 -22.27
CA GLU B 31 -14.45 -4.97 -22.36
C GLU B 31 -14.68 -6.16 -23.29
N GLN B 32 -13.85 -6.27 -24.32
CA GLN B 32 -13.97 -7.38 -25.25
C GLN B 32 -13.71 -8.71 -24.56
N ARG B 33 -12.85 -8.72 -23.56
CA ARG B 33 -12.55 -9.94 -22.82
C ARG B 33 -13.83 -10.54 -22.21
N LEU B 34 -14.86 -9.71 -22.07
CA LEU B 34 -16.13 -10.14 -21.49
C LEU B 34 -17.23 -10.51 -22.47
N THR B 35 -16.95 -10.43 -23.77
CA THR B 35 -17.96 -10.77 -24.78
C THR B 35 -18.57 -12.15 -24.60
N GLU B 36 -17.73 -13.17 -24.53
CA GLU B 36 -18.20 -14.54 -24.39
C GLU B 36 -19.03 -14.80 -23.13
N VAL B 37 -18.52 -14.42 -21.96
CA VAL B 37 -19.28 -14.66 -20.73
C VAL B 37 -20.58 -13.85 -20.70
N ASP B 38 -20.60 -12.68 -21.32
CA ASP B 38 -21.84 -11.90 -21.34
C ASP B 38 -22.86 -12.60 -22.23
N ILE B 39 -22.38 -13.20 -23.32
CA ILE B 39 -23.24 -13.92 -24.25
C ILE B 39 -23.94 -15.05 -23.50
N GLN B 40 -23.15 -15.86 -22.79
CA GLN B 40 -23.68 -16.99 -22.03
C GLN B 40 -24.67 -16.58 -20.95
N ALA B 41 -24.37 -15.49 -20.26
CA ALA B 41 -25.26 -15.01 -19.21
C ALA B 41 -26.60 -14.57 -19.80
N SER B 42 -26.56 -13.98 -21.00
CA SER B 42 -27.78 -13.52 -21.67
C SER B 42 -28.64 -14.70 -22.13
N MET B 43 -28.01 -15.75 -22.63
CA MET B 43 -28.75 -16.94 -23.07
C MET B 43 -29.48 -17.50 -21.86
N ALA B 44 -28.78 -17.60 -20.75
CA ALA B 44 -29.36 -18.13 -19.53
C ALA B 44 -30.53 -17.26 -19.05
N TYR B 45 -30.37 -15.95 -19.19
CA TYR B 45 -31.43 -15.05 -18.74
C TYR B 45 -32.66 -15.19 -19.64
N ALA B 46 -32.41 -15.33 -20.94
CA ALA B 46 -33.49 -15.49 -21.92
C ALA B 46 -34.33 -16.71 -21.55
N LYS B 47 -33.68 -17.85 -21.33
CA LYS B 47 -34.39 -19.07 -20.97
C LYS B 47 -35.25 -18.90 -19.71
N ALA B 48 -34.73 -18.17 -18.73
CA ALA B 48 -35.46 -17.94 -17.49
C ALA B 48 -36.66 -17.04 -17.77
N LEU B 49 -36.49 -16.10 -18.71
CA LEU B 49 -37.57 -15.18 -19.08
C LEU B 49 -38.74 -15.92 -19.69
N GLU B 50 -38.43 -16.76 -20.69
CA GLU B 50 -39.45 -17.54 -21.37
C GLU B 50 -40.22 -18.36 -20.34
N LYS B 51 -39.50 -19.00 -19.44
CA LYS B 51 -40.13 -19.82 -18.41
C LYS B 51 -41.04 -18.97 -17.52
N ALA B 52 -40.68 -17.71 -17.34
CA ALA B 52 -41.46 -16.80 -16.51
C ALA B 52 -42.62 -16.20 -17.32
N SER B 53 -42.74 -16.63 -18.57
CA SER B 53 -43.80 -16.17 -19.45
C SER B 53 -43.66 -14.73 -19.94
N ILE B 54 -42.42 -14.26 -20.08
CA ILE B 54 -42.18 -12.92 -20.57
C ILE B 54 -41.89 -13.03 -22.07
N LEU B 55 -41.33 -14.17 -22.45
CA LEU B 55 -40.99 -14.47 -23.84
C LEU B 55 -41.78 -15.69 -24.26
N THR B 56 -42.12 -15.77 -25.55
CA THR B 56 -42.87 -16.91 -26.07
C THR B 56 -41.85 -17.97 -26.47
N LYS B 57 -42.28 -19.22 -26.61
CA LYS B 57 -41.37 -20.27 -27.00
C LYS B 57 -40.71 -19.90 -28.34
N THR B 58 -41.36 -19.03 -29.10
CA THR B 58 -40.86 -18.58 -30.39
C THR B 58 -39.82 -17.48 -30.25
N GLU B 59 -40.15 -16.45 -29.47
CA GLU B 59 -39.24 -15.34 -29.27
C GLU B 59 -37.89 -15.83 -28.72
N LEU B 60 -37.95 -16.82 -27.84
CA LEU B 60 -36.73 -17.37 -27.26
C LEU B 60 -35.80 -17.86 -28.35
N GLU B 61 -36.34 -18.59 -29.32
CA GLU B 61 -35.55 -19.12 -30.42
C GLU B 61 -34.87 -18.02 -31.21
N LYS B 62 -35.59 -16.94 -31.48
CA LYS B 62 -35.04 -15.82 -32.23
C LYS B 62 -33.82 -15.24 -31.50
N ILE B 63 -34.00 -14.93 -30.23
CA ILE B 63 -32.93 -14.36 -29.39
C ILE B 63 -31.71 -15.29 -29.28
N LEU B 64 -31.96 -16.56 -28.98
CA LEU B 64 -30.87 -17.53 -28.85
C LEU B 64 -30.05 -17.63 -30.12
N SER B 65 -30.73 -17.75 -31.26
CA SER B 65 -30.06 -17.87 -32.56
C SER B 65 -29.22 -16.63 -32.82
N GLY B 66 -29.76 -15.47 -32.46
CA GLY B 66 -29.05 -14.23 -32.66
C GLY B 66 -27.85 -14.12 -31.74
N LEU B 67 -27.92 -14.75 -30.57
CA LEU B 67 -26.83 -14.71 -29.61
C LEU B 67 -25.69 -15.62 -30.05
N GLU B 68 -26.03 -16.77 -30.63
CA GLU B 68 -24.99 -17.68 -31.09
C GLU B 68 -24.29 -17.06 -32.29
N LYS B 69 -25.05 -16.35 -33.11
CA LYS B 69 -24.48 -15.70 -34.29
C LYS B 69 -23.40 -14.72 -33.84
N ILE B 70 -23.69 -13.98 -32.77
CA ILE B 70 -22.74 -13.01 -32.23
C ILE B 70 -21.58 -13.76 -31.57
N SER B 71 -21.89 -14.95 -31.05
CA SER B 71 -20.90 -15.79 -30.39
C SER B 71 -19.89 -16.29 -31.42
N GLU B 72 -20.39 -16.79 -32.53
CA GLU B 72 -19.55 -17.29 -33.60
C GLU B 72 -18.91 -16.07 -34.26
N GLU B 73 -19.49 -14.90 -34.01
CA GLU B 73 -19.00 -13.66 -34.57
C GLU B 73 -17.77 -13.19 -33.80
N SER B 74 -17.81 -13.36 -32.48
CA SER B 74 -16.69 -12.99 -31.64
C SER B 74 -15.64 -14.09 -31.78
N SER B 75 -16.02 -15.14 -32.49
CA SER B 75 -15.13 -16.27 -32.72
C SER B 75 -14.00 -15.82 -33.69
N LYS B 76 -14.38 -15.10 -34.75
CA LYS B 76 -13.45 -14.61 -35.74
C LYS B 76 -13.07 -13.18 -35.39
N GLY B 77 -13.50 -12.72 -34.21
CA GLY B 77 -13.20 -11.36 -33.79
C GLY B 77 -13.88 -10.35 -34.68
N VAL B 78 -15.06 -10.69 -35.15
CA VAL B 78 -15.83 -9.81 -36.04
C VAL B 78 -16.57 -8.72 -35.27
N LEU B 79 -16.78 -8.93 -33.97
CA LEU B 79 -17.49 -7.94 -33.16
C LEU B 79 -16.60 -6.74 -32.86
N VAL B 80 -17.05 -5.56 -33.29
CA VAL B 80 -16.31 -4.33 -33.08
C VAL B 80 -17.02 -3.53 -31.96
N MET B 81 -16.31 -3.29 -30.85
CA MET B 81 -16.89 -2.55 -29.73
C MET B 81 -17.31 -1.15 -30.16
N THR B 82 -16.71 -0.66 -31.24
CA THR B 82 -17.00 0.66 -31.80
C THR B 82 -16.64 1.86 -30.93
N GLN B 83 -16.39 1.64 -29.65
CA GLN B 83 -16.06 2.72 -28.71
C GLN B 83 -17.29 3.60 -28.49
N SER B 84 -18.27 3.51 -29.39
CA SER B 84 -19.50 4.29 -29.27
C SER B 84 -20.30 3.75 -28.10
N ASP B 85 -20.17 2.44 -27.88
CA ASP B 85 -20.84 1.76 -26.77
C ASP B 85 -20.03 2.01 -25.51
N GLU B 86 -20.72 2.30 -24.41
CA GLU B 86 -20.01 2.56 -23.16
C GLU B 86 -19.37 1.31 -22.55
N ASP B 87 -19.96 0.15 -22.80
CA ASP B 87 -19.43 -1.12 -22.28
C ASP B 87 -19.84 -2.32 -23.13
N ILE B 88 -19.32 -3.50 -22.81
CA ILE B 88 -19.62 -4.70 -23.57
C ILE B 88 -21.09 -5.13 -23.49
N GLN B 89 -21.76 -4.79 -22.39
CA GLN B 89 -23.17 -5.14 -22.25
C GLN B 89 -23.96 -4.38 -23.30
N THR B 90 -23.74 -3.08 -23.40
CA THR B 90 -24.44 -2.24 -24.37
C THR B 90 -24.17 -2.69 -25.80
N ALA B 91 -22.90 -2.94 -26.12
CA ALA B 91 -22.52 -3.37 -27.46
C ALA B 91 -23.27 -4.64 -27.88
N ILE B 92 -23.40 -5.57 -26.95
CA ILE B 92 -24.09 -6.82 -27.23
C ILE B 92 -25.59 -6.64 -27.38
N GLU B 93 -26.15 -5.66 -26.68
CA GLU B 93 -27.58 -5.41 -26.78
C GLU B 93 -27.89 -4.74 -28.11
N ARG B 94 -27.03 -3.81 -28.51
CA ARG B 94 -27.19 -3.09 -29.77
C ARG B 94 -27.05 -4.04 -30.96
N ARG B 95 -26.03 -4.90 -30.90
CA ARG B 95 -25.77 -5.86 -31.96
C ARG B 95 -26.80 -6.98 -32.05
N LEU B 96 -27.58 -7.17 -30.99
CA LEU B 96 -28.61 -8.21 -30.99
C LEU B 96 -29.81 -7.68 -31.76
N LYS B 97 -30.13 -6.41 -31.52
CA LYS B 97 -31.26 -5.79 -32.18
C LYS B 97 -30.97 -5.75 -33.69
N GLU B 98 -29.75 -5.36 -34.03
CA GLU B 98 -29.33 -5.26 -35.41
C GLU B 98 -29.55 -6.49 -36.28
N LEU B 99 -29.94 -7.61 -35.68
CA LEU B 99 -30.15 -8.82 -36.47
C LEU B 99 -31.33 -9.69 -36.02
N ILE B 100 -32.13 -9.18 -35.09
CA ILE B 100 -33.29 -9.91 -34.58
C ILE B 100 -34.47 -8.96 -34.48
N GLY B 101 -34.17 -7.67 -34.47
CA GLY B 101 -35.24 -6.68 -34.37
C GLY B 101 -35.60 -6.31 -32.95
N ASP B 102 -36.72 -5.60 -32.80
CA ASP B 102 -37.20 -5.15 -31.50
C ASP B 102 -37.36 -6.24 -30.43
N ILE B 103 -37.42 -7.50 -30.84
CA ILE B 103 -37.57 -8.59 -29.88
C ILE B 103 -36.40 -8.62 -28.90
N ALA B 104 -35.23 -8.18 -29.36
CA ALA B 104 -34.03 -8.14 -28.55
C ALA B 104 -34.25 -7.34 -27.26
N GLY B 105 -34.99 -6.24 -27.38
CA GLY B 105 -35.26 -5.40 -26.22
C GLY B 105 -35.94 -6.10 -25.05
N LYS B 106 -36.67 -7.17 -25.30
CA LYS B 106 -37.37 -7.89 -24.23
C LYS B 106 -36.41 -8.65 -23.31
N LEU B 107 -35.17 -8.79 -23.74
CA LEU B 107 -34.17 -9.52 -22.97
C LEU B 107 -33.79 -8.76 -21.71
N GLN B 108 -34.00 -7.45 -21.72
CA GLN B 108 -33.67 -6.59 -20.58
C GLN B 108 -34.71 -6.49 -19.49
N THR B 109 -35.83 -7.17 -19.68
CA THR B 109 -36.92 -7.13 -18.71
C THR B 109 -36.46 -7.55 -17.32
N GLY B 110 -36.56 -6.61 -16.38
CA GLY B 110 -36.16 -6.88 -15.01
C GLY B 110 -34.68 -7.07 -14.78
N ARG B 111 -33.86 -6.88 -15.81
CA ARG B 111 -32.42 -7.04 -15.68
C ARG B 111 -31.73 -5.69 -15.58
N SER B 112 -30.60 -5.65 -14.89
CA SER B 112 -29.86 -4.41 -14.71
C SER B 112 -28.40 -4.55 -15.10
N ARG B 113 -27.79 -3.43 -15.44
CA ARG B 113 -26.38 -3.42 -15.80
C ARG B 113 -25.57 -3.71 -14.54
N ASN B 114 -26.11 -3.31 -13.40
CA ASN B 114 -25.46 -3.52 -12.11
C ASN B 114 -25.15 -4.99 -11.82
N GLU B 115 -26.10 -5.87 -12.13
CA GLU B 115 -25.91 -7.30 -11.89
C GLU B 115 -25.17 -7.98 -13.03
N GLN B 116 -25.21 -7.40 -14.22
CA GLN B 116 -24.51 -7.96 -15.36
C GLN B 116 -22.98 -7.89 -15.21
N VAL B 117 -22.46 -6.72 -14.84
CA VAL B 117 -21.02 -6.56 -14.68
C VAL B 117 -20.43 -7.54 -13.67
N VAL B 118 -21.04 -7.68 -12.50
CA VAL B 118 -20.52 -8.63 -11.51
C VAL B 118 -20.66 -10.07 -11.98
N THR B 119 -21.78 -10.40 -12.63
CA THR B 119 -21.97 -11.76 -13.11
C THR B 119 -20.91 -12.12 -14.13
N ASP B 120 -20.69 -11.23 -15.10
CA ASP B 120 -19.71 -11.48 -16.12
C ASP B 120 -18.31 -11.64 -15.54
N LEU B 121 -17.94 -10.76 -14.61
CA LEU B 121 -16.62 -10.83 -14.01
C LEU B 121 -16.39 -12.18 -13.35
N LYS B 122 -17.39 -12.64 -12.59
CA LYS B 122 -17.29 -13.92 -11.92
C LYS B 122 -17.21 -15.07 -12.92
N LEU B 123 -18.07 -15.06 -13.95
CA LEU B 123 -18.04 -16.11 -14.96
C LEU B 123 -16.63 -16.21 -15.55
N LEU B 124 -16.04 -15.06 -15.84
CA LEU B 124 -14.71 -15.01 -16.42
C LEU B 124 -13.62 -15.54 -15.48
N LEU B 125 -13.63 -15.07 -14.24
CA LEU B 125 -12.63 -15.48 -13.25
C LEU B 125 -12.73 -16.98 -12.94
N LYS B 126 -13.93 -17.54 -13.03
CA LYS B 126 -14.11 -18.95 -12.78
C LYS B 126 -13.24 -19.76 -13.75
N SER B 127 -13.16 -19.29 -15.00
CA SER B 127 -12.34 -19.99 -15.99
C SER B 127 -10.88 -19.60 -15.86
N SER B 128 -10.62 -18.33 -15.52
CA SER B 128 -9.25 -17.86 -15.34
C SER B 128 -8.54 -18.61 -14.23
N ILE B 129 -9.25 -18.84 -13.12
CA ILE B 129 -8.67 -19.54 -11.99
C ILE B 129 -8.20 -20.92 -12.43
N SER B 130 -8.97 -21.55 -13.31
CA SER B 130 -8.65 -22.88 -13.82
C SER B 130 -7.31 -22.87 -14.55
N VAL B 131 -7.10 -21.87 -15.40
CA VAL B 131 -5.87 -21.74 -16.14
C VAL B 131 -4.68 -21.51 -15.22
N ILE B 132 -4.83 -20.57 -14.29
CA ILE B 132 -3.78 -20.26 -13.33
C ILE B 132 -3.42 -21.52 -12.58
N SER B 133 -4.45 -22.20 -12.08
CA SER B 133 -4.28 -23.43 -11.33
C SER B 133 -3.44 -24.46 -12.09
N THR B 134 -3.76 -24.64 -13.38
CA THR B 134 -3.03 -25.59 -14.21
C THR B 134 -1.52 -25.32 -14.22
N HIS B 135 -1.15 -24.05 -14.37
CA HIS B 135 0.25 -23.68 -14.43
C HIS B 135 0.96 -23.70 -13.08
N LEU B 136 0.22 -23.44 -12.01
CA LEU B 136 0.79 -23.45 -10.67
C LEU B 136 1.20 -24.87 -10.31
N LEU B 137 0.32 -25.82 -10.59
CA LEU B 137 0.60 -27.22 -10.29
C LEU B 137 1.78 -27.75 -11.10
N GLN B 138 1.89 -27.33 -12.36
CA GLN B 138 2.98 -27.78 -13.21
C GLN B 138 4.30 -27.33 -12.60
N LEU B 139 4.30 -26.10 -12.08
CA LEU B 139 5.48 -25.51 -11.45
C LEU B 139 5.87 -26.34 -10.23
N ILE B 140 4.88 -26.62 -9.39
CA ILE B 140 5.10 -27.40 -8.18
C ILE B 140 5.66 -28.79 -8.49
N LYS B 141 5.04 -29.46 -9.45
CA LYS B 141 5.48 -30.79 -9.88
C LYS B 141 6.92 -30.77 -10.40
N THR B 142 7.27 -29.72 -11.13
CA THR B 142 8.63 -29.57 -11.68
C THR B 142 9.67 -29.48 -10.55
N LEU B 143 9.34 -28.73 -9.50
CA LEU B 143 10.23 -28.58 -8.38
C LEU B 143 10.42 -29.90 -7.63
N VAL B 144 9.32 -30.62 -7.40
CA VAL B 144 9.41 -31.88 -6.67
C VAL B 144 10.14 -32.95 -7.48
N GLU B 145 9.82 -33.07 -8.76
CA GLU B 145 10.48 -34.08 -9.56
C GLU B 145 11.97 -33.81 -9.72
N ARG B 146 12.38 -32.54 -9.81
CA ARG B 146 13.81 -32.26 -9.93
C ARG B 146 14.46 -32.53 -8.58
N ALA B 147 13.69 -32.32 -7.51
CA ALA B 147 14.19 -32.54 -6.16
C ALA B 147 14.48 -34.02 -5.97
N ALA B 148 13.71 -34.87 -6.66
CA ALA B 148 13.89 -36.31 -6.58
C ALA B 148 15.08 -36.78 -7.40
N ILE B 149 15.38 -36.06 -8.47
CA ILE B 149 16.48 -36.38 -9.37
C ILE B 149 17.84 -35.95 -8.83
N GLU B 150 17.88 -34.79 -8.19
CA GLU B 150 19.13 -34.26 -7.67
C GLU B 150 19.20 -34.37 -6.16
N ILE B 151 18.59 -35.42 -5.64
CA ILE B 151 18.54 -35.67 -4.21
C ILE B 151 19.90 -35.92 -3.55
N ASP B 152 20.90 -36.33 -4.33
CA ASP B 152 22.22 -36.61 -3.76
C ASP B 152 23.17 -35.44 -3.63
N ILE B 153 22.85 -34.33 -4.29
CA ILE B 153 23.72 -33.16 -4.23
C ILE B 153 23.61 -32.41 -2.91
N ILE B 154 24.76 -32.07 -2.34
CA ILE B 154 24.84 -31.37 -1.07
C ILE B 154 25.46 -29.99 -1.25
N MET B 155 25.00 -29.02 -0.48
CA MET B 155 25.51 -27.66 -0.61
C MET B 155 25.48 -26.92 0.72
N PRO B 156 26.16 -25.77 0.79
CA PRO B 156 26.11 -25.06 2.06
C PRO B 156 24.74 -24.43 2.29
N GLY B 157 24.34 -24.36 3.56
CA GLY B 157 23.07 -23.77 3.93
C GLY B 157 23.39 -22.42 4.54
N TYR B 158 22.55 -21.42 4.26
CA TYR B 158 22.77 -20.08 4.78
C TYR B 158 21.69 -19.57 5.72
N THR B 159 22.10 -18.64 6.58
CA THR B 159 21.22 -17.93 7.50
C THR B 159 21.89 -16.56 7.52
N HIS B 160 21.13 -15.50 7.28
CA HIS B 160 21.68 -14.15 7.22
C HIS B 160 22.66 -14.08 6.04
N LEU B 161 22.51 -15.01 5.10
CA LEU B 161 23.39 -15.11 3.93
C LEU B 161 24.83 -15.36 4.31
N GLN B 162 25.02 -16.20 5.32
CA GLN B 162 26.34 -16.59 5.80
C GLN B 162 26.28 -18.11 5.91
N LYS B 163 27.33 -18.80 5.45
CA LYS B 163 27.36 -20.26 5.51
C LYS B 163 27.13 -20.72 6.94
N ALA B 164 26.19 -21.65 7.12
CA ALA B 164 25.86 -22.16 8.45
C ALA B 164 26.16 -23.64 8.64
N LEU B 165 25.60 -24.48 7.77
CA LEU B 165 25.78 -25.93 7.85
C LEU B 165 25.47 -26.61 6.52
N PRO B 166 25.97 -27.83 6.32
CA PRO B 166 25.71 -28.55 5.07
C PRO B 166 24.22 -28.85 4.92
N ILE B 167 23.73 -28.82 3.70
CA ILE B 167 22.31 -29.09 3.46
C ILE B 167 22.11 -29.68 2.07
N ARG B 168 21.10 -30.52 1.91
CA ARG B 168 20.79 -31.09 0.60
C ARG B 168 20.10 -30.02 -0.25
N TRP B 169 20.58 -29.84 -1.47
CA TRP B 169 20.01 -28.86 -2.40
C TRP B 169 18.53 -29.14 -2.69
N SER B 170 18.12 -30.39 -2.54
CA SER B 170 16.74 -30.78 -2.78
C SER B 170 15.85 -30.29 -1.64
N GLN B 171 16.44 -30.08 -0.47
CA GLN B 171 15.69 -29.60 0.69
C GLN B 171 15.24 -28.19 0.33
N PHE B 172 16.14 -27.43 -0.28
CA PHE B 172 15.90 -26.07 -0.71
C PHE B 172 14.75 -25.99 -1.74
N LEU B 173 14.86 -26.77 -2.81
CA LEU B 173 13.82 -26.77 -3.85
C LEU B 173 12.45 -27.09 -3.26
N LEU B 174 12.40 -28.07 -2.36
CA LEU B 174 11.15 -28.49 -1.73
C LEU B 174 10.54 -27.40 -0.84
N SER B 175 11.37 -26.57 -0.21
CA SER B 175 10.84 -25.53 0.66
C SER B 175 9.98 -24.59 -0.18
N HIS B 176 10.33 -24.42 -1.46
CA HIS B 176 9.54 -23.57 -2.33
C HIS B 176 8.27 -24.29 -2.76
N ALA B 177 8.40 -25.56 -3.11
CA ALA B 177 7.24 -26.35 -3.52
C ALA B 177 6.16 -26.35 -2.44
N VAL B 178 6.56 -26.48 -1.18
CA VAL B 178 5.60 -26.50 -0.09
C VAL B 178 4.94 -25.14 0.10
N ALA B 179 5.67 -24.06 -0.16
CA ALA B 179 5.08 -22.73 -0.03
C ALA B 179 4.02 -22.55 -1.12
N LEU B 180 4.36 -22.99 -2.32
CA LEU B 180 3.48 -22.89 -3.46
C LEU B 180 2.24 -23.78 -3.30
N THR B 181 2.37 -24.88 -2.56
CA THR B 181 1.22 -25.75 -2.34
C THR B 181 0.23 -25.02 -1.44
N ARG B 182 0.74 -24.14 -0.58
CA ARG B 182 -0.14 -23.35 0.28
C ARG B 182 -0.92 -22.34 -0.60
N ASP B 183 -0.29 -21.84 -1.65
CA ASP B 183 -0.96 -20.90 -2.54
C ASP B 183 -2.06 -21.62 -3.31
N SER B 184 -1.77 -22.86 -3.72
CA SER B 184 -2.72 -23.69 -4.46
C SER B 184 -3.99 -23.91 -3.62
N GLU B 185 -3.78 -24.22 -2.35
CA GLU B 185 -4.89 -24.46 -1.43
C GLU B 185 -5.73 -23.18 -1.30
N ARG B 186 -5.06 -22.04 -1.16
CA ARG B 186 -5.77 -20.76 -1.04
C ARG B 186 -6.53 -20.44 -2.34
N LEU B 187 -5.95 -20.84 -3.46
CA LEU B 187 -6.61 -20.61 -4.75
C LEU B 187 -7.91 -21.42 -4.81
N GLY B 188 -7.89 -22.61 -4.21
CA GLY B 188 -9.07 -23.47 -4.21
C GLY B 188 -10.20 -22.91 -3.37
N GLU B 189 -9.87 -22.31 -2.23
CA GLU B 189 -10.88 -21.76 -1.35
C GLU B 189 -11.51 -20.51 -1.95
N VAL B 190 -10.76 -19.77 -2.74
CA VAL B 190 -11.28 -18.59 -3.38
C VAL B 190 -12.26 -18.97 -4.49
N LYS B 191 -12.00 -20.09 -5.16
CA LYS B 191 -12.88 -20.52 -6.23
C LYS B 191 -14.31 -20.76 -5.73
N LYS B 192 -14.46 -21.35 -4.55
CA LYS B 192 -15.78 -21.62 -3.99
C LYS B 192 -16.66 -20.37 -3.88
N ARG B 193 -16.06 -19.23 -3.55
CA ARG B 193 -16.82 -18.00 -3.41
C ARG B 193 -17.02 -17.25 -4.73
N ILE B 194 -16.22 -17.59 -5.73
CA ILE B 194 -16.35 -16.96 -7.03
C ILE B 194 -17.51 -17.58 -7.84
N THR B 195 -17.77 -18.85 -7.62
CA THR B 195 -18.84 -19.53 -8.35
C THR B 195 -20.22 -19.34 -7.74
N VAL B 196 -20.40 -18.22 -7.03
CA VAL B 196 -21.69 -17.89 -6.41
C VAL B 196 -22.36 -16.86 -7.33
N LEU B 197 -23.42 -17.28 -7.99
CA LEU B 197 -24.15 -16.46 -8.96
C LEU B 197 -24.97 -15.29 -8.43
N PRO B 198 -24.66 -14.06 -8.90
CA PRO B 198 -25.36 -12.86 -8.49
C PRO B 198 -26.48 -12.44 -9.47
N LEU B 199 -26.55 -13.11 -10.62
CA LEU B 199 -27.58 -12.80 -11.61
C LEU B 199 -28.97 -13.03 -11.01
N GLY B 200 -29.87 -12.08 -11.23
CA GLY B 200 -31.21 -12.21 -10.70
C GLY B 200 -31.38 -11.34 -9.48
N SER B 201 -30.50 -10.34 -9.35
CA SER B 201 -30.51 -9.41 -8.23
C SER B 201 -31.08 -8.06 -8.63
N GLY B 202 -31.27 -7.88 -9.94
CA GLY B 202 -31.82 -6.64 -10.45
C GLY B 202 -30.97 -5.40 -10.23
N VAL B 203 -31.64 -4.29 -9.99
CA VAL B 203 -30.99 -3.01 -9.76
C VAL B 203 -30.46 -2.91 -8.33
N LEU B 204 -31.16 -3.55 -7.39
CA LEU B 204 -30.76 -3.49 -6.00
C LEU B 204 -31.68 -4.28 -5.06
N ALA B 205 -32.97 -4.33 -5.39
CA ALA B 205 -33.95 -5.01 -4.57
C ALA B 205 -34.20 -6.47 -4.92
N GLY B 206 -33.58 -6.93 -5.99
CA GLY B 206 -33.78 -8.30 -6.44
C GLY B 206 -34.53 -8.26 -7.76
N ASN B 207 -34.91 -9.43 -8.26
CA ASN B 207 -35.66 -9.52 -9.52
C ASN B 207 -37.14 -9.40 -9.18
N PRO B 208 -37.88 -8.56 -9.92
CA PRO B 208 -39.31 -8.37 -9.65
C PRO B 208 -40.29 -9.25 -10.44
N LEU B 209 -39.77 -10.17 -11.25
CA LEU B 209 -40.65 -11.00 -12.07
C LEU B 209 -40.65 -12.48 -11.69
N GLU B 210 -40.30 -12.77 -10.46
CA GLU B 210 -40.27 -14.14 -9.98
C GLU B 210 -39.52 -15.08 -10.91
N ILE B 211 -38.32 -14.66 -11.35
CA ILE B 211 -37.53 -15.49 -12.24
C ILE B 211 -36.87 -16.64 -11.47
N ASP B 212 -36.66 -17.76 -12.15
CA ASP B 212 -36.05 -18.94 -11.53
C ASP B 212 -34.52 -18.81 -11.51
N ARG B 213 -33.99 -18.37 -10.37
CA ARG B 213 -32.55 -18.21 -10.21
C ARG B 213 -31.83 -19.55 -10.20
N GLU B 214 -32.52 -20.58 -9.72
CA GLU B 214 -31.94 -21.92 -9.68
C GLU B 214 -31.66 -22.36 -11.12
N LEU B 215 -32.55 -21.96 -12.04
CA LEU B 215 -32.38 -22.27 -13.45
C LEU B 215 -31.14 -21.56 -13.99
N LEU B 216 -30.95 -20.31 -13.58
CA LEU B 216 -29.80 -19.53 -14.03
C LEU B 216 -28.51 -20.19 -13.56
N ARG B 217 -28.51 -20.63 -12.31
CA ARG B 217 -27.33 -21.27 -11.73
C ARG B 217 -26.88 -22.52 -12.50
N SER B 218 -27.80 -23.44 -12.79
CA SER B 218 -27.42 -24.66 -13.49
C SER B 218 -27.13 -24.39 -14.95
N GLU B 219 -27.76 -23.37 -15.51
CA GLU B 219 -27.54 -23.03 -16.91
C GLU B 219 -26.17 -22.39 -17.08
N LEU B 220 -25.64 -21.85 -16.00
CA LEU B 220 -24.32 -21.19 -16.03
C LEU B 220 -23.25 -22.03 -15.33
N ASP B 221 -23.66 -23.19 -14.83
CA ASP B 221 -22.77 -24.11 -14.14
C ASP B 221 -22.07 -23.44 -12.94
N MET B 222 -22.86 -22.81 -12.08
CA MET B 222 -22.35 -22.15 -10.89
C MET B 222 -22.69 -23.03 -9.69
N THR B 223 -22.00 -22.80 -8.58
CA THR B 223 -22.19 -23.59 -7.38
C THR B 223 -23.42 -23.21 -6.55
N SER B 224 -23.74 -21.92 -6.53
CA SER B 224 -24.91 -21.47 -5.78
C SER B 224 -25.28 -20.06 -6.19
N ILE B 225 -26.26 -19.48 -5.51
CA ILE B 225 -26.69 -18.14 -5.82
C ILE B 225 -26.62 -17.26 -4.58
N THR B 226 -26.39 -15.96 -4.81
CA THR B 226 -26.31 -15.00 -3.73
C THR B 226 -27.59 -14.97 -2.88
N LEU B 227 -27.41 -14.72 -1.58
CA LEU B 227 -28.49 -14.67 -0.59
C LEU B 227 -29.17 -13.30 -0.46
N ASN B 228 -28.43 -12.24 -0.78
CA ASN B 228 -28.94 -10.89 -0.65
C ASN B 228 -28.57 -10.04 -1.88
N SER B 229 -29.58 -9.41 -2.48
CA SER B 229 -29.43 -8.58 -3.67
C SER B 229 -28.55 -7.34 -3.51
N ILE B 230 -28.62 -6.69 -2.35
CA ILE B 230 -27.82 -5.48 -2.10
C ILE B 230 -26.34 -5.84 -2.03
N ASP B 231 -26.04 -6.92 -1.32
CA ASP B 231 -24.67 -7.38 -1.19
C ASP B 231 -24.13 -7.86 -2.54
N ALA B 232 -24.93 -8.63 -3.27
CA ALA B 232 -24.53 -9.17 -4.56
C ALA B 232 -24.16 -8.09 -5.56
N ILE B 233 -24.83 -6.96 -5.47
CA ILE B 233 -24.60 -5.83 -6.37
C ILE B 233 -23.41 -4.94 -6.02
N SER B 234 -23.18 -4.69 -4.74
CA SER B 234 -22.11 -3.81 -4.33
C SER B 234 -20.79 -4.39 -3.84
N GLU B 235 -20.75 -5.69 -3.56
CA GLU B 235 -19.52 -6.30 -3.07
C GLU B 235 -18.54 -6.72 -4.17
N ARG B 236 -17.25 -6.62 -3.86
CA ARG B 236 -16.20 -7.01 -4.78
C ARG B 236 -15.15 -7.86 -4.03
N ASP B 237 -15.63 -8.60 -3.02
CA ASP B 237 -14.77 -9.47 -2.21
C ASP B 237 -13.98 -10.44 -3.08
N PHE B 238 -14.67 -11.08 -4.03
CA PHE B 238 -14.03 -12.06 -4.91
C PHE B 238 -12.84 -11.48 -5.66
N VAL B 239 -12.88 -10.18 -5.93
CA VAL B 239 -11.78 -9.51 -6.61
C VAL B 239 -10.62 -9.35 -5.63
N VAL B 240 -10.90 -8.78 -4.46
CA VAL B 240 -9.88 -8.58 -3.44
C VAL B 240 -9.18 -9.89 -3.02
N GLU B 241 -9.97 -10.94 -2.84
CA GLU B 241 -9.47 -12.27 -2.46
C GLU B 241 -8.49 -12.84 -3.47
N LEU B 242 -8.89 -12.83 -4.74
CA LEU B 242 -8.04 -13.35 -5.79
C LEU B 242 -6.71 -12.61 -5.86
N ILE B 243 -6.76 -11.29 -5.89
CA ILE B 243 -5.55 -10.51 -5.97
C ILE B 243 -4.72 -10.70 -4.72
N SER B 244 -5.40 -10.82 -3.59
CA SER B 244 -4.71 -11.04 -2.33
C SER B 244 -3.93 -12.36 -2.40
N VAL B 245 -4.61 -13.42 -2.82
CA VAL B 245 -3.98 -14.73 -2.97
C VAL B 245 -2.83 -14.64 -3.98
N ALA B 246 -3.07 -13.94 -5.09
CA ALA B 246 -2.07 -13.76 -6.14
C ALA B 246 -0.85 -12.98 -5.63
N THR B 247 -1.08 -12.05 -4.71
CA THR B 247 0.00 -11.26 -4.15
C THR B 247 0.95 -12.11 -3.31
N LEU B 248 0.40 -12.92 -2.42
CA LEU B 248 1.24 -13.78 -1.58
C LEU B 248 2.01 -14.77 -2.46
N LEU B 249 1.38 -15.23 -3.54
CA LEU B 249 2.02 -16.16 -4.45
C LEU B 249 3.24 -15.47 -5.10
N MET B 250 3.05 -14.22 -5.54
CA MET B 250 4.14 -13.46 -6.15
C MET B 250 5.25 -13.17 -5.16
N ILE B 251 4.89 -12.96 -3.89
CA ILE B 251 5.90 -12.69 -2.86
C ILE B 251 6.82 -13.91 -2.80
N HIS B 252 6.23 -15.09 -2.80
CA HIS B 252 7.00 -16.33 -2.76
C HIS B 252 7.97 -16.39 -3.95
N LEU B 253 7.48 -16.03 -5.13
CA LEU B 253 8.31 -16.08 -6.33
C LEU B 253 9.38 -15.00 -6.34
N SER B 254 9.14 -13.92 -5.62
CA SER B 254 10.11 -12.82 -5.56
C SER B 254 11.28 -13.26 -4.70
N LYS B 255 10.99 -14.15 -3.75
CA LYS B 255 12.02 -14.67 -2.85
C LYS B 255 12.83 -15.72 -3.61
N LEU B 256 12.14 -16.57 -4.37
CA LEU B 256 12.82 -17.56 -5.18
C LEU B 256 13.74 -16.85 -6.19
N ALA B 257 13.26 -15.74 -6.75
CA ALA B 257 14.07 -15.00 -7.71
C ALA B 257 15.32 -14.48 -7.02
N GLU B 258 15.18 -13.99 -5.80
CA GLU B 258 16.30 -13.49 -5.02
C GLU B 258 17.32 -14.62 -4.78
N ASP B 259 16.83 -15.79 -4.37
CA ASP B 259 17.71 -16.94 -4.13
C ASP B 259 18.56 -17.29 -5.35
N LEU B 260 17.90 -17.52 -6.48
CA LEU B 260 18.59 -17.88 -7.70
C LEU B 260 19.47 -16.79 -8.27
N ILE B 261 19.09 -15.52 -8.08
CA ILE B 261 19.93 -14.44 -8.58
C ILE B 261 21.27 -14.47 -7.84
N ILE B 262 21.22 -14.71 -6.54
CA ILE B 262 22.43 -14.78 -5.74
C ILE B 262 23.22 -16.05 -6.07
N PHE B 263 22.52 -17.16 -6.23
CA PHE B 263 23.15 -18.43 -6.55
C PHE B 263 23.75 -18.50 -7.97
N SER B 264 23.21 -17.72 -8.90
CA SER B 264 23.71 -17.75 -10.29
C SER B 264 24.81 -16.71 -10.46
N THR B 265 25.23 -16.13 -9.35
CA THR B 265 26.27 -15.12 -9.41
C THR B 265 27.61 -15.85 -9.64
N THR B 266 28.59 -15.14 -10.18
CA THR B 266 29.90 -15.73 -10.42
C THR B 266 30.54 -16.09 -9.08
N GLU B 267 30.45 -15.17 -8.12
CA GLU B 267 31.01 -15.36 -6.79
C GLU B 267 30.50 -16.62 -6.11
N PHE B 268 29.20 -16.91 -6.24
CA PHE B 268 28.61 -18.10 -5.64
C PHE B 268 28.79 -19.28 -6.60
N GLY B 269 28.41 -19.04 -7.85
CA GLY B 269 28.54 -20.04 -8.90
C GLY B 269 27.86 -21.39 -8.72
N PHE B 270 26.73 -21.45 -8.02
CA PHE B 270 26.05 -22.72 -7.81
C PHE B 270 25.08 -23.04 -8.93
N VAL B 271 24.56 -21.99 -9.57
CA VAL B 271 23.58 -22.19 -10.62
C VAL B 271 23.86 -21.43 -11.88
N THR B 272 23.46 -22.02 -13.00
CA THR B 272 23.62 -21.39 -14.29
C THR B 272 22.28 -21.48 -15.03
N LEU B 273 21.80 -20.35 -15.53
CA LEU B 273 20.53 -20.30 -16.25
C LEU B 273 20.74 -20.60 -17.72
N SER B 274 19.71 -21.15 -18.37
CA SER B 274 19.79 -21.46 -19.80
C SER B 274 19.73 -20.13 -20.55
N ASP B 275 20.13 -20.14 -21.82
CA ASP B 275 20.14 -18.94 -22.63
C ASP B 275 18.76 -18.34 -22.81
N ALA B 276 17.72 -19.18 -22.72
CA ALA B 276 16.35 -18.72 -22.90
C ALA B 276 15.92 -17.71 -21.84
N TYR B 277 16.42 -17.88 -20.62
CA TYR B 277 16.05 -16.98 -19.53
C TYR B 277 17.15 -16.08 -19.03
N SER B 278 18.12 -15.79 -19.88
CA SER B 278 19.21 -14.92 -19.52
C SER B 278 19.72 -14.17 -20.74
N THR B 279 20.47 -13.10 -20.49
CA THR B 279 21.03 -12.29 -21.57
C THR B 279 22.54 -12.25 -21.39
N GLY B 280 23.27 -12.28 -22.50
CA GLY B 280 24.71 -12.25 -22.40
C GLY B 280 25.40 -11.14 -23.17
N SER B 281 26.72 -11.28 -23.31
CA SER B 281 27.55 -10.32 -24.02
C SER B 281 28.60 -11.06 -24.84
N SER B 282 28.82 -10.60 -26.06
CA SER B 282 29.80 -11.21 -26.93
C SER B 282 31.20 -10.90 -26.39
N LEU B 283 31.31 -9.75 -25.72
CA LEU B 283 32.57 -9.32 -25.14
C LEU B 283 32.83 -9.97 -23.78
N LEU B 284 31.77 -10.18 -23.00
CA LEU B 284 31.87 -10.81 -21.70
C LEU B 284 31.16 -12.16 -21.74
N PRO B 285 31.81 -13.18 -22.32
CA PRO B 285 31.24 -14.53 -22.42
C PRO B 285 30.84 -15.10 -21.06
N GLN B 286 31.37 -14.52 -20.01
CA GLN B 286 31.08 -14.96 -18.65
C GLN B 286 29.77 -14.36 -18.14
N LYS B 287 29.35 -13.25 -18.75
CA LYS B 287 28.13 -12.55 -18.38
C LYS B 287 26.84 -13.30 -18.69
N LYS B 288 26.10 -13.64 -17.64
CA LYS B 288 24.82 -14.32 -17.76
C LYS B 288 23.83 -13.51 -16.91
N ASN B 289 23.21 -12.52 -17.52
CA ASN B 289 22.27 -11.67 -16.79
C ASN B 289 20.98 -12.44 -16.55
N PRO B 290 20.54 -12.53 -15.28
CA PRO B 290 19.31 -13.24 -14.88
C PRO B 290 18.04 -12.43 -15.14
N ASP B 291 17.94 -11.89 -16.36
CA ASP B 291 16.80 -11.06 -16.76
C ASP B 291 15.45 -11.58 -16.31
N SER B 292 15.18 -12.85 -16.59
CA SER B 292 13.92 -13.47 -16.24
C SER B 292 13.60 -13.35 -14.75
N LEU B 293 14.57 -13.70 -13.90
CA LEU B 293 14.37 -13.65 -12.46
C LEU B 293 14.12 -12.23 -11.98
N GLU B 294 14.79 -11.26 -12.60
CA GLU B 294 14.63 -9.86 -12.25
C GLU B 294 13.23 -9.43 -12.62
N LEU B 295 12.74 -9.99 -13.72
CA LEU B 295 11.41 -9.68 -14.21
C LEU B 295 10.37 -10.21 -13.21
N ILE B 296 10.57 -11.46 -12.79
CA ILE B 296 9.68 -12.08 -11.83
C ILE B 296 9.66 -11.34 -10.49
N ARG B 297 10.81 -10.84 -10.06
CA ARG B 297 10.90 -10.11 -8.80
C ARG B 297 10.08 -8.81 -8.80
N SER B 298 10.09 -8.08 -9.92
CA SER B 298 9.35 -6.82 -10.02
C SER B 298 7.84 -6.95 -10.22
N LYS B 299 7.37 -8.10 -10.71
CA LYS B 299 5.94 -8.31 -10.92
C LYS B 299 5.20 -8.41 -9.58
N ALA B 300 5.93 -8.79 -8.54
CA ALA B 300 5.37 -8.88 -7.21
C ALA B 300 4.85 -7.49 -6.81
N GLY B 301 5.60 -6.46 -7.20
CA GLY B 301 5.19 -5.10 -6.90
C GLY B 301 4.01 -4.72 -7.76
N ARG B 302 4.05 -5.11 -9.02
CA ARG B 302 2.97 -4.82 -9.96
C ARG B 302 1.65 -5.38 -9.42
N VAL B 303 1.67 -6.63 -8.97
CA VAL B 303 0.47 -7.26 -8.44
C VAL B 303 0.05 -6.60 -7.12
N PHE B 304 1.01 -6.33 -6.26
CA PHE B 304 0.71 -5.67 -4.99
C PHE B 304 -0.01 -4.35 -5.25
N GLY B 305 0.45 -3.62 -6.27
CA GLY B 305 -0.16 -2.35 -6.62
C GLY B 305 -1.65 -2.47 -6.91
N ARG B 306 -2.04 -3.54 -7.60
CA ARG B 306 -3.46 -3.78 -7.92
C ARG B 306 -4.23 -4.05 -6.64
N LEU B 307 -3.61 -4.74 -5.69
CA LEU B 307 -4.26 -5.04 -4.43
C LEU B 307 -4.54 -3.73 -3.71
N ALA B 308 -3.51 -2.91 -3.58
CA ALA B 308 -3.61 -1.62 -2.90
C ALA B 308 -4.65 -0.72 -3.55
N ALA B 309 -4.68 -0.72 -4.88
CA ALA B 309 -5.64 0.12 -5.60
C ALA B 309 -7.10 -0.24 -5.32
N ILE B 310 -7.41 -1.54 -5.36
CA ILE B 310 -8.78 -1.98 -5.13
C ILE B 310 -9.25 -1.80 -3.72
N LEU B 311 -8.38 -2.09 -2.76
CA LEU B 311 -8.74 -1.93 -1.36
C LEU B 311 -9.06 -0.47 -1.09
N MET B 312 -8.33 0.44 -1.74
CA MET B 312 -8.57 1.87 -1.54
C MET B 312 -9.82 2.38 -2.26
N VAL B 313 -10.19 1.72 -3.35
CA VAL B 313 -11.38 2.07 -4.10
C VAL B 313 -12.64 1.73 -3.29
N LEU B 314 -12.60 0.58 -2.63
CA LEU B 314 -13.71 0.08 -1.82
C LEU B 314 -13.87 0.75 -0.46
N LYS B 315 -12.76 1.21 0.13
CA LYS B 315 -12.78 1.83 1.46
C LYS B 315 -13.62 3.09 1.58
N GLY B 316 -14.54 3.08 2.53
CA GLY B 316 -15.38 4.23 2.80
C GLY B 316 -16.52 4.59 1.86
N ILE B 317 -16.86 3.75 0.89
CA ILE B 317 -17.97 4.08 0.01
C ILE B 317 -19.25 3.33 0.41
N PRO B 318 -20.43 3.94 0.17
CA PRO B 318 -21.74 3.36 0.51
C PRO B 318 -21.99 1.93 0.00
N SER B 319 -22.89 1.24 0.69
CA SER B 319 -23.25 -0.13 0.38
C SER B 319 -24.24 -0.22 -0.77
N THR B 320 -23.85 0.29 -1.93
CA THR B 320 -24.70 0.26 -3.10
C THR B 320 -23.83 0.36 -4.34
N PHE B 321 -24.45 0.41 -5.51
CA PHE B 321 -23.69 0.53 -6.74
C PHE B 321 -23.28 1.97 -7.00
N SER B 322 -22.09 2.15 -7.55
CA SER B 322 -21.59 3.47 -7.89
C SER B 322 -20.47 3.25 -8.89
N LYS B 323 -20.07 4.31 -9.61
CA LYS B 323 -19.03 4.19 -10.61
C LYS B 323 -17.68 3.76 -10.10
N ASP B 324 -17.40 3.99 -8.81
CA ASP B 324 -16.11 3.59 -8.24
C ASP B 324 -15.79 2.13 -8.60
N LEU B 325 -16.79 1.27 -8.45
CA LEU B 325 -16.68 -0.17 -8.71
C LEU B 325 -16.11 -0.59 -10.07
N GLN B 326 -16.17 0.29 -11.06
CA GLN B 326 -15.69 -0.06 -12.40
C GLN B 326 -14.18 -0.28 -12.53
N GLU B 327 -13.42 0.09 -11.50
CA GLU B 327 -11.97 -0.11 -11.53
C GLU B 327 -11.56 -1.57 -11.35
N ASP B 328 -12.48 -2.43 -10.91
CA ASP B 328 -12.17 -3.83 -10.69
C ASP B 328 -11.72 -4.62 -11.92
N LYS B 329 -12.29 -4.33 -13.10
CA LYS B 329 -11.96 -5.03 -14.33
C LYS B 329 -10.49 -5.00 -14.76
N GLU B 330 -9.96 -3.81 -15.02
CA GLU B 330 -8.57 -3.69 -15.44
C GLU B 330 -7.60 -4.28 -14.43
N ALA B 331 -7.87 -4.04 -13.15
CA ALA B 331 -6.98 -4.53 -12.10
C ALA B 331 -6.90 -6.05 -12.05
N VAL B 332 -8.04 -6.73 -11.93
CA VAL B 332 -8.02 -8.18 -11.85
C VAL B 332 -7.51 -8.87 -13.11
N LEU B 333 -7.77 -8.30 -14.29
CA LEU B 333 -7.30 -8.93 -15.53
C LEU B 333 -5.78 -8.80 -15.66
N ASP B 334 -5.23 -7.67 -15.23
CA ASP B 334 -3.79 -7.44 -15.29
C ASP B 334 -3.15 -8.47 -14.37
N VAL B 335 -3.82 -8.77 -13.26
CA VAL B 335 -3.31 -9.76 -12.33
C VAL B 335 -3.32 -11.17 -12.90
N VAL B 336 -4.42 -11.58 -13.55
CA VAL B 336 -4.46 -12.92 -14.11
C VAL B 336 -3.46 -13.10 -15.25
N ASP B 337 -3.35 -12.09 -16.11
CA ASP B 337 -2.41 -12.15 -17.22
C ASP B 337 -0.99 -12.24 -16.69
N THR B 338 -0.69 -11.46 -15.66
CA THR B 338 0.66 -11.49 -15.10
C THR B 338 0.95 -12.85 -14.47
N LEU B 339 0.06 -13.34 -13.61
CA LEU B 339 0.28 -14.64 -12.97
C LEU B 339 0.48 -15.74 -13.99
N THR B 340 -0.42 -15.78 -14.98
CA THR B 340 -0.34 -16.79 -16.03
C THR B 340 1.03 -16.82 -16.68
N ALA B 341 1.50 -15.67 -17.15
CA ALA B 341 2.79 -15.57 -17.80
C ALA B 341 3.95 -15.90 -16.86
N VAL B 342 3.98 -15.22 -15.71
CA VAL B 342 5.03 -15.43 -14.72
C VAL B 342 5.23 -16.89 -14.28
N LEU B 343 4.14 -17.65 -14.12
CA LEU B 343 4.26 -19.05 -13.72
C LEU B 343 4.90 -19.91 -14.82
N GLN B 344 4.53 -19.68 -16.07
CA GLN B 344 5.11 -20.42 -17.19
C GLN B 344 6.61 -20.13 -17.28
N VAL B 345 6.99 -18.87 -17.09
CA VAL B 345 8.41 -18.49 -17.12
C VAL B 345 9.15 -19.10 -15.93
N ALA B 346 8.48 -19.13 -14.78
CA ALA B 346 9.08 -19.70 -13.58
C ALA B 346 9.33 -21.18 -13.79
N THR B 347 8.38 -21.86 -14.42
CA THR B 347 8.52 -23.29 -14.68
C THR B 347 9.70 -23.55 -15.60
N GLY B 348 9.81 -22.76 -16.66
CA GLY B 348 10.90 -22.93 -17.61
C GLY B 348 12.27 -22.72 -16.98
N VAL B 349 12.39 -21.73 -16.09
CA VAL B 349 13.66 -21.44 -15.44
C VAL B 349 14.11 -22.62 -14.58
N ILE B 350 13.17 -23.15 -13.79
CA ILE B 350 13.46 -24.27 -12.91
C ILE B 350 13.76 -25.55 -13.68
N SER B 351 13.08 -25.77 -14.80
CA SER B 351 13.29 -26.98 -15.57
C SER B 351 14.52 -26.96 -16.48
N THR B 352 15.00 -25.77 -16.84
CA THR B 352 16.16 -25.69 -17.72
C THR B 352 17.43 -25.18 -17.05
N LEU B 353 17.38 -24.90 -15.75
CA LEU B 353 18.59 -24.40 -15.10
C LEU B 353 19.55 -25.55 -14.84
N GLN B 354 20.82 -25.21 -14.68
CA GLN B 354 21.88 -26.19 -14.45
C GLN B 354 22.61 -25.90 -13.13
N ILE B 355 22.79 -26.92 -12.31
CA ILE B 355 23.52 -26.76 -11.06
C ILE B 355 24.98 -27.14 -11.27
N ASN B 356 25.87 -26.49 -10.54
CA ASN B 356 27.29 -26.77 -10.66
C ASN B 356 27.72 -27.51 -9.40
N LYS B 357 27.62 -28.84 -9.42
CA LYS B 357 28.00 -29.67 -8.28
C LYS B 357 29.39 -29.41 -7.73
N GLU B 358 30.36 -29.16 -8.60
CA GLU B 358 31.72 -28.91 -8.15
C GLU B 358 31.77 -27.67 -7.26
N ASN B 359 31.22 -26.56 -7.74
CA ASN B 359 31.22 -25.33 -6.96
C ASN B 359 30.49 -25.46 -5.63
N MET B 360 29.37 -26.19 -5.62
CA MET B 360 28.62 -26.36 -4.40
C MET B 360 29.45 -27.16 -3.41
N GLU B 361 30.00 -28.25 -3.93
CA GLU B 361 30.82 -29.16 -3.13
C GLU B 361 32.05 -28.49 -2.52
N LYS B 362 32.85 -27.87 -3.37
CA LYS B 362 34.07 -27.20 -2.94
C LYS B 362 33.83 -25.98 -2.07
N ALA B 363 32.55 -25.72 -1.78
CA ALA B 363 32.18 -24.59 -0.95
C ALA B 363 31.97 -25.07 0.48
N LEU B 364 31.78 -26.39 0.62
CA LEU B 364 31.60 -27.00 1.93
C LEU B 364 32.95 -27.06 2.63
N THR B 365 33.17 -26.19 3.61
CA THR B 365 34.42 -26.16 4.34
C THR B 365 34.31 -26.93 5.66
N PRO B 366 35.44 -27.45 6.17
CA PRO B 366 35.46 -28.21 7.42
C PRO B 366 34.94 -27.43 8.63
N GLU B 367 35.14 -26.12 8.60
CA GLU B 367 34.71 -25.22 9.67
C GLU B 367 33.21 -25.37 9.96
N LEU B 368 32.43 -25.61 8.92
CA LEU B 368 30.98 -25.76 9.02
C LEU B 368 30.54 -27.02 9.78
N LEU B 369 31.50 -27.83 10.22
CA LEU B 369 31.15 -29.06 10.93
C LEU B 369 31.37 -28.94 12.44
N SER B 370 31.86 -27.78 12.87
CA SER B 370 32.13 -27.57 14.29
C SER B 370 30.91 -27.87 15.16
N THR B 371 29.72 -27.59 14.63
CA THR B 371 28.49 -27.86 15.38
C THR B 371 28.27 -29.35 15.50
N ASP B 372 28.57 -30.09 14.44
CA ASP B 372 28.40 -31.55 14.45
C ASP B 372 29.32 -32.17 15.49
N LEU B 373 30.45 -31.52 15.74
CA LEU B 373 31.42 -31.99 16.72
C LEU B 373 30.79 -31.87 18.10
N ALA B 374 30.04 -30.80 18.31
CA ALA B 374 29.37 -30.58 19.58
C ALA B 374 28.25 -31.62 19.78
N LEU B 375 27.56 -31.97 18.70
CA LEU B 375 26.48 -32.95 18.78
C LEU B 375 27.06 -34.30 19.18
N TYR B 376 28.21 -34.62 18.58
CA TYR B 376 28.91 -35.87 18.86
C TYR B 376 29.00 -36.04 20.38
N LEU B 377 29.53 -35.02 21.05
CA LEU B 377 29.70 -35.04 22.50
C LEU B 377 28.35 -35.10 23.23
N VAL B 378 27.32 -34.50 22.63
CA VAL B 378 26.00 -34.51 23.24
C VAL B 378 25.46 -35.94 23.22
N ARG B 379 25.73 -36.66 22.13
CA ARG B 379 25.28 -38.03 22.01
C ARG B 379 26.10 -38.92 22.94
N LYS B 380 27.27 -38.43 23.33
CA LYS B 380 28.15 -39.17 24.25
C LYS B 380 27.76 -38.86 25.69
N GLY B 381 26.67 -38.13 25.87
CA GLY B 381 26.20 -37.79 27.20
C GLY B 381 26.67 -36.48 27.79
N MET B 382 27.46 -35.71 27.04
CA MET B 382 27.93 -34.43 27.55
C MET B 382 26.88 -33.33 27.41
N PRO B 383 26.73 -32.48 28.45
CA PRO B 383 25.75 -31.39 28.43
C PRO B 383 26.04 -30.49 27.24
N ILE B 384 25.00 -30.06 26.52
CA ILE B 384 25.16 -29.22 25.34
C ILE B 384 26.07 -28.01 25.54
N ARG B 385 25.89 -27.28 26.63
CA ARG B 385 26.71 -26.09 26.88
C ARG B 385 28.19 -26.44 26.97
N GLN B 386 28.51 -27.51 27.69
CA GLN B 386 29.90 -27.94 27.82
C GLN B 386 30.38 -28.48 26.49
N ALA B 387 29.50 -29.20 25.80
CA ALA B 387 29.82 -29.77 24.50
C ALA B 387 30.24 -28.68 23.51
N GLN B 388 29.59 -27.52 23.60
CA GLN B 388 29.90 -26.40 22.70
C GLN B 388 31.21 -25.73 23.03
N THR B 389 31.50 -25.53 24.32
CA THR B 389 32.76 -24.89 24.70
C THR B 389 33.92 -25.81 24.34
N ALA B 390 33.64 -27.11 24.30
CA ALA B 390 34.67 -28.10 23.95
C ALA B 390 35.01 -27.95 22.47
N SER B 391 33.99 -28.02 21.61
CA SER B 391 34.24 -27.89 20.18
C SER B 391 34.89 -26.53 19.93
N GLY B 392 34.57 -25.57 20.79
CA GLY B 392 35.13 -24.25 20.67
C GLY B 392 36.64 -24.27 20.87
N LYS B 393 37.09 -25.12 21.79
CA LYS B 393 38.52 -25.26 22.05
C LYS B 393 39.19 -25.95 20.87
N ALA B 394 38.50 -26.93 20.29
CA ALA B 394 39.03 -27.65 19.14
C ALA B 394 39.17 -26.68 17.98
N VAL B 395 38.16 -25.82 17.83
CA VAL B 395 38.15 -24.83 16.78
C VAL B 395 39.33 -23.88 16.99
N HIS B 396 39.54 -23.47 18.23
CA HIS B 396 40.63 -22.56 18.56
C HIS B 396 42.01 -23.23 18.46
N LEU B 397 42.09 -24.50 18.87
CA LEU B 397 43.34 -25.24 18.82
C LEU B 397 43.79 -25.45 17.38
N ALA B 398 42.83 -25.73 16.49
CA ALA B 398 43.13 -25.93 15.09
C ALA B 398 43.72 -24.66 14.48
N GLU B 399 43.12 -23.52 14.81
CA GLU B 399 43.59 -22.24 14.28
C GLU B 399 45.05 -21.99 14.66
N THR B 400 45.30 -21.94 15.96
CA THR B 400 46.65 -21.71 16.48
C THR B 400 47.69 -22.57 15.77
N LYS B 401 47.33 -23.82 15.46
CA LYS B 401 48.25 -24.72 14.79
C LYS B 401 48.29 -24.51 13.27
N GLY B 402 47.45 -23.60 12.78
CA GLY B 402 47.42 -23.33 11.35
C GLY B 402 46.87 -24.44 10.48
N ILE B 403 46.04 -25.31 11.06
CA ILE B 403 45.43 -26.41 10.31
C ILE B 403 43.91 -26.40 10.48
N THR B 404 43.22 -27.28 9.76
CA THR B 404 41.77 -27.35 9.86
C THR B 404 41.35 -28.30 10.98
N ILE B 405 40.08 -28.19 11.37
CA ILE B 405 39.53 -29.00 12.46
C ILE B 405 39.58 -30.51 12.21
N ASN B 406 39.38 -30.93 10.97
CA ASN B 406 39.39 -32.34 10.62
C ASN B 406 40.78 -32.96 10.62
N ASN B 407 41.80 -32.13 10.85
CA ASN B 407 43.18 -32.59 10.89
C ASN B 407 43.74 -32.71 12.30
N LEU B 408 42.86 -32.60 13.29
CA LEU B 408 43.29 -32.72 14.68
C LEU B 408 43.42 -34.21 14.97
N THR B 409 44.39 -34.57 15.82
CA THR B 409 44.59 -35.97 16.15
C THR B 409 43.81 -36.33 17.40
N LEU B 410 43.56 -37.63 17.61
CA LEU B 410 42.83 -38.09 18.78
C LEU B 410 43.49 -37.49 20.02
N GLU B 411 44.82 -37.55 20.06
CA GLU B 411 45.59 -37.02 21.18
C GLU B 411 45.17 -35.59 21.50
N ASP B 412 45.22 -34.72 20.50
CA ASP B 412 44.84 -33.32 20.68
C ASP B 412 43.42 -33.20 21.24
N LEU B 413 42.49 -33.93 20.64
CA LEU B 413 41.10 -33.90 21.06
C LEU B 413 40.89 -34.43 22.47
N LYS B 414 41.54 -35.55 22.78
CA LYS B 414 41.41 -36.18 24.08
C LYS B 414 41.92 -35.33 25.24
N SER B 415 42.79 -34.36 24.96
CA SER B 415 43.29 -33.48 26.02
C SER B 415 42.16 -32.52 26.35
N ILE B 416 41.38 -32.17 25.32
CA ILE B 416 40.24 -31.27 25.48
C ILE B 416 39.16 -32.03 26.24
N SER B 417 38.96 -33.29 25.87
CA SER B 417 37.97 -34.13 26.55
C SER B 417 38.18 -35.60 26.24
N PRO B 418 38.18 -36.44 27.28
CA PRO B 418 38.36 -37.89 27.13
C PRO B 418 37.23 -38.57 26.36
N LEU B 419 36.07 -37.91 26.29
CA LEU B 419 34.92 -38.47 25.59
C LEU B 419 35.14 -38.67 24.09
N PHE B 420 36.18 -38.04 23.54
CA PHE B 420 36.48 -38.19 22.13
C PHE B 420 37.06 -39.58 21.86
N ALA B 421 36.60 -40.21 20.78
CA ALA B 421 37.07 -41.53 20.39
C ALA B 421 37.47 -41.53 18.92
N SER B 422 37.96 -42.67 18.42
CA SER B 422 38.39 -42.76 17.04
C SER B 422 37.25 -42.67 16.03
N ASP B 423 36.02 -42.90 16.48
CA ASP B 423 34.85 -42.82 15.60
C ASP B 423 34.48 -41.38 15.31
N VAL B 424 35.11 -40.44 16.01
CA VAL B 424 34.85 -39.02 15.84
C VAL B 424 35.19 -38.61 14.41
N SER B 425 35.92 -39.46 13.70
CA SER B 425 36.32 -39.18 12.33
C SER B 425 35.13 -39.18 11.37
N GLN B 426 34.06 -39.89 11.72
CA GLN B 426 32.86 -39.94 10.88
C GLN B 426 32.21 -38.56 10.80
N VAL B 427 32.36 -37.80 11.88
CA VAL B 427 31.79 -36.45 11.96
C VAL B 427 32.23 -35.54 10.82
N PHE B 428 33.38 -35.83 10.23
CA PHE B 428 33.88 -34.97 9.15
C PHE B 428 33.45 -35.37 7.75
N SER B 429 32.20 -35.80 7.64
CA SER B 429 31.62 -36.18 6.36
C SER B 429 30.37 -35.33 6.13
N VAL B 430 30.33 -34.60 5.01
CA VAL B 430 29.16 -33.78 4.73
C VAL B 430 27.94 -34.68 4.57
N VAL B 431 28.17 -35.94 4.22
CA VAL B 431 27.07 -36.88 4.08
C VAL B 431 26.53 -37.24 5.44
N ASN B 432 27.41 -37.62 6.35
CA ASN B 432 26.99 -37.97 7.71
C ASN B 432 26.28 -36.77 8.32
N SER B 433 26.85 -35.60 8.12
CA SER B 433 26.31 -34.37 8.64
C SER B 433 24.82 -34.23 8.32
N VAL B 434 24.48 -34.23 7.04
CA VAL B 434 23.10 -34.09 6.61
C VAL B 434 22.21 -35.27 6.99
N GLU B 435 22.81 -36.44 7.19
CA GLU B 435 22.01 -37.60 7.54
C GLU B 435 21.54 -37.64 8.99
N GLN B 436 21.90 -36.61 9.76
CA GLN B 436 21.49 -36.53 11.16
C GLN B 436 20.04 -36.10 11.27
N TYR B 437 19.62 -35.25 10.33
CA TYR B 437 18.27 -34.71 10.32
C TYR B 437 17.22 -35.65 9.75
N THR B 438 17.01 -36.74 10.46
CA THR B 438 16.08 -37.77 10.05
C THR B 438 14.67 -37.52 10.59
N ALA B 439 14.53 -36.54 11.49
CA ALA B 439 13.21 -36.22 12.03
C ALA B 439 12.38 -35.59 10.91
N VAL B 440 11.07 -35.80 10.95
CA VAL B 440 10.16 -35.29 9.92
C VAL B 440 10.46 -33.84 9.50
N GLY B 441 10.68 -33.66 8.20
CA GLY B 441 10.96 -32.34 7.65
C GLY B 441 12.42 -31.99 7.54
N GLY B 442 13.29 -32.88 8.04
CA GLY B 442 14.72 -32.62 7.99
C GLY B 442 15.36 -32.93 6.64
N THR B 443 16.65 -32.61 6.52
CA THR B 443 17.42 -32.82 5.30
C THR B 443 17.92 -34.24 5.09
N ALA B 444 17.67 -35.14 6.04
CA ALA B 444 18.11 -36.52 5.86
C ALA B 444 17.49 -37.03 4.56
N LYS B 445 18.23 -37.87 3.83
CA LYS B 445 17.75 -38.40 2.56
C LYS B 445 16.38 -39.07 2.66
N SER B 446 16.16 -39.80 3.74
CA SER B 446 14.87 -40.48 3.93
C SER B 446 13.74 -39.50 4.23
N SER B 447 14.08 -38.34 4.78
CA SER B 447 13.08 -37.32 5.10
C SER B 447 12.69 -36.56 3.83
N VAL B 448 13.69 -36.27 3.00
CA VAL B 448 13.46 -35.56 1.75
C VAL B 448 12.55 -36.40 0.85
N THR B 449 12.80 -37.71 0.83
CA THR B 449 12.01 -38.63 0.02
C THR B 449 10.58 -38.68 0.53
N ALA B 450 10.44 -38.69 1.85
CA ALA B 450 9.12 -38.71 2.46
C ALA B 450 8.35 -37.45 2.02
N GLN B 451 9.03 -36.31 2.03
CA GLN B 451 8.41 -35.05 1.61
C GLN B 451 7.95 -35.15 0.16
N ILE B 452 8.83 -35.67 -0.69
CA ILE B 452 8.52 -35.84 -2.11
C ILE B 452 7.26 -36.67 -2.28
N GLU B 453 7.15 -37.75 -1.51
CA GLU B 453 5.98 -38.63 -1.61
C GLU B 453 4.70 -37.91 -1.20
N GLN B 454 4.77 -37.12 -0.13
CA GLN B 454 3.59 -36.40 0.33
C GLN B 454 3.08 -35.37 -0.66
N LEU B 455 3.97 -34.64 -1.30
CA LEU B 455 3.55 -33.62 -2.26
C LEU B 455 2.98 -34.26 -3.53
N ARG B 456 3.52 -35.41 -3.93
CA ARG B 456 3.03 -36.08 -5.13
C ARG B 456 1.58 -36.51 -4.90
N GLU B 457 1.29 -36.94 -3.69
CA GLU B 457 -0.04 -37.37 -3.34
C GLU B 457 -0.95 -36.17 -3.13
N LEU B 458 -0.36 -35.06 -2.72
CA LEU B 458 -1.13 -33.84 -2.49
C LEU B 458 -1.50 -33.22 -3.83
N LEU B 459 -0.63 -33.40 -4.83
CA LEU B 459 -0.86 -32.87 -6.17
C LEU B 459 -1.90 -33.72 -6.87
N LYS B 460 -1.83 -35.03 -6.65
CA LYS B 460 -2.77 -35.96 -7.26
C LYS B 460 -4.15 -35.68 -6.69
N LYS B 461 -4.18 -35.36 -5.40
CA LYS B 461 -5.42 -35.07 -4.69
C LYS B 461 -6.19 -33.98 -5.41
N GLN B 462 -5.46 -33.13 -6.14
CA GLN B 462 -6.06 -32.04 -6.90
C GLN B 462 -6.87 -32.60 -8.06
N LYS B 463 -8.13 -32.92 -7.78
CA LYS B 463 -9.05 -33.48 -8.76
C LYS B 463 -10.48 -33.19 -8.32
N ASP C 18 12.47 -17.98 -24.65
CA ASP C 18 11.03 -18.20 -24.32
C ASP C 18 10.20 -16.98 -24.74
N PRO C 19 9.21 -17.19 -25.64
CA PRO C 19 8.36 -16.08 -26.10
C PRO C 19 7.62 -15.37 -24.97
N ILE C 20 7.23 -16.13 -23.95
CA ILE C 20 6.50 -15.57 -22.82
C ILE C 20 7.30 -14.48 -22.11
N MET C 21 8.63 -14.53 -22.26
CA MET C 21 9.49 -13.52 -21.67
C MET C 21 9.07 -12.16 -22.21
N GLU C 22 8.73 -12.14 -23.50
CA GLU C 22 8.31 -10.92 -24.18
C GLU C 22 6.98 -10.40 -23.62
N ILE C 23 6.09 -11.33 -23.29
CA ILE C 23 4.78 -10.98 -22.74
C ILE C 23 4.86 -10.16 -21.46
N LEU C 24 5.85 -10.45 -20.63
CA LEU C 24 6.04 -9.73 -19.37
C LEU C 24 6.76 -8.40 -19.56
N SER C 25 7.26 -8.16 -20.77
CA SER C 25 7.96 -6.93 -21.09
C SER C 25 6.98 -5.79 -21.37
N SER C 26 7.48 -4.55 -21.34
CA SER C 26 6.65 -3.38 -21.59
C SER C 26 5.97 -3.47 -22.95
N SER C 27 4.67 -3.22 -22.97
CA SER C 27 3.89 -3.29 -24.20
C SER C 27 4.30 -2.29 -25.29
N ILE C 28 4.12 -2.69 -26.54
CA ILE C 28 4.46 -1.85 -27.68
C ILE C 28 3.76 -0.49 -27.69
N SER C 29 2.49 -0.47 -27.28
CA SER C 29 1.75 0.79 -27.24
C SER C 29 2.35 1.74 -26.22
N THR C 30 3.10 1.20 -25.27
CA THR C 30 3.73 2.00 -24.23
C THR C 30 5.07 2.50 -24.76
N GLU C 31 5.77 1.65 -25.50
CA GLU C 31 7.06 2.02 -26.05
C GLU C 31 6.93 3.13 -27.07
N GLN C 32 5.85 3.09 -27.86
CA GLN C 32 5.60 4.10 -28.88
C GLN C 32 5.46 5.50 -28.28
N ARG C 33 5.09 5.56 -27.00
CA ARG C 33 4.92 6.84 -26.31
C ARG C 33 6.23 7.60 -26.13
N LEU C 34 7.36 6.89 -26.26
CA LEU C 34 8.67 7.51 -26.09
C LEU C 34 9.42 7.81 -27.38
N THR C 35 8.76 7.62 -28.52
CA THR C 35 9.40 7.86 -29.82
C THR C 35 9.99 9.26 -30.00
N GLU C 36 9.19 10.29 -29.80
CA GLU C 36 9.66 11.67 -29.96
C GLU C 36 10.86 12.06 -29.11
N VAL C 37 10.81 11.78 -27.80
CA VAL C 37 11.91 12.13 -26.92
C VAL C 37 13.19 11.34 -27.18
N ASP C 38 13.05 10.06 -27.53
CA ASP C 38 14.22 9.23 -27.82
C ASP C 38 14.93 9.76 -29.05
N ILE C 39 14.17 10.35 -29.96
CA ILE C 39 14.74 10.92 -31.18
C ILE C 39 15.50 12.20 -30.85
N GLN C 40 14.90 13.07 -30.05
CA GLN C 40 15.55 14.33 -29.67
C GLN C 40 16.84 14.05 -28.91
N ALA C 41 16.82 13.01 -28.07
CA ALA C 41 17.99 12.64 -27.30
C ALA C 41 19.09 12.11 -28.23
N SER C 42 18.68 11.48 -29.33
CA SER C 42 19.63 10.93 -30.30
C SER C 42 20.29 12.00 -31.15
N MET C 43 19.53 13.05 -31.49
CA MET C 43 20.06 14.14 -32.28
C MET C 43 21.12 14.89 -31.48
N ALA C 44 20.81 15.17 -30.21
CA ALA C 44 21.74 15.89 -29.34
C ALA C 44 23.02 15.08 -29.17
N TYR C 45 22.87 13.76 -29.01
CA TYR C 45 24.02 12.91 -28.83
C TYR C 45 24.89 12.91 -30.08
N ALA C 46 24.25 12.90 -31.24
CA ALA C 46 24.96 12.90 -32.51
C ALA C 46 25.77 14.18 -32.68
N LYS C 47 25.21 15.29 -32.23
CA LYS C 47 25.92 16.57 -32.33
C LYS C 47 27.14 16.54 -31.42
N ALA C 48 27.03 15.81 -30.31
CA ALA C 48 28.11 15.69 -29.33
C ALA C 48 29.20 14.73 -29.83
N LEU C 49 28.81 13.75 -30.64
CA LEU C 49 29.78 12.79 -31.19
C LEU C 49 30.61 13.47 -32.28
N GLU C 50 29.94 14.30 -33.08
CA GLU C 50 30.59 15.03 -34.15
C GLU C 50 31.65 15.98 -33.58
N LYS C 51 31.40 16.48 -32.38
CA LYS C 51 32.32 17.39 -31.72
C LYS C 51 33.51 16.62 -31.15
N ALA C 52 33.26 15.38 -30.73
CA ALA C 52 34.31 14.55 -30.18
C ALA C 52 35.08 13.88 -31.31
N SER C 53 34.74 14.29 -32.54
CA SER C 53 35.37 13.78 -33.75
C SER C 53 35.14 12.30 -34.04
N ILE C 54 34.04 11.75 -33.52
CA ILE C 54 33.71 10.35 -33.77
C ILE C 54 32.91 10.32 -35.07
N LEU C 55 32.26 11.44 -35.35
CA LEU C 55 31.45 11.60 -36.55
C LEU C 55 31.97 12.76 -37.37
N THR C 56 32.02 12.61 -38.70
CA THR C 56 32.47 13.70 -39.56
C THR C 56 31.27 14.60 -39.80
N LYS C 57 31.53 15.86 -40.13
CA LYS C 57 30.46 16.82 -40.39
C LYS C 57 29.45 16.25 -41.37
N THR C 58 29.94 15.42 -42.29
CA THR C 58 29.09 14.81 -43.32
C THR C 58 28.17 13.75 -42.71
N GLU C 59 28.74 12.88 -41.89
CA GLU C 59 27.98 11.82 -41.25
C GLU C 59 26.90 12.42 -40.36
N LEU C 60 27.23 13.53 -39.71
CA LEU C 60 26.29 14.21 -38.83
C LEU C 60 25.01 14.64 -39.55
N GLU C 61 25.18 15.20 -40.75
CA GLU C 61 24.05 15.65 -41.56
C GLU C 61 23.09 14.53 -41.93
N LYS C 62 23.64 13.42 -42.43
CA LYS C 62 22.82 12.27 -42.83
C LYS C 62 21.99 11.78 -41.64
N ILE C 63 22.67 11.51 -40.53
CA ILE C 63 22.03 11.04 -39.31
C ILE C 63 20.90 11.99 -38.88
N LEU C 64 21.23 13.27 -38.75
CA LEU C 64 20.22 14.26 -38.34
C LEU C 64 19.04 14.27 -39.28
N SER C 65 19.32 14.20 -40.57
CA SER C 65 18.28 14.21 -41.58
C SER C 65 17.42 12.95 -41.48
N GLY C 66 18.08 11.81 -41.22
CA GLY C 66 17.37 10.55 -41.09
C GLY C 66 16.47 10.52 -39.86
N LEU C 67 16.95 11.05 -38.75
CA LEU C 67 16.17 11.09 -37.53
C LEU C 67 14.95 11.99 -37.72
N GLU C 68 15.12 13.04 -38.53
CA GLU C 68 14.01 13.96 -38.78
C GLU C 68 12.91 13.22 -39.53
N LYS C 69 13.30 12.35 -40.44
CA LYS C 69 12.34 11.58 -41.22
C LYS C 69 11.57 10.63 -40.30
N ILE C 70 12.30 9.92 -39.44
CA ILE C 70 11.68 8.99 -38.50
C ILE C 70 10.75 9.77 -37.56
N SER C 71 11.18 10.98 -37.20
CA SER C 71 10.38 11.83 -36.34
C SER C 71 9.05 12.16 -37.04
N GLU C 72 9.11 12.26 -38.36
CA GLU C 72 7.93 12.56 -39.15
C GLU C 72 6.97 11.36 -39.17
N GLU C 73 7.52 10.16 -39.38
CA GLU C 73 6.71 8.96 -39.41
C GLU C 73 6.03 8.75 -38.07
N SER C 74 6.79 8.97 -37.01
CA SER C 74 6.30 8.81 -35.65
C SER C 74 5.09 9.70 -35.38
N SER C 75 5.12 10.90 -35.95
CA SER C 75 4.04 11.87 -35.78
C SER C 75 2.80 11.51 -36.57
N LYS C 76 2.97 10.79 -37.68
CA LYS C 76 1.85 10.37 -38.51
C LYS C 76 1.35 9.02 -38.02
N GLY C 77 2.06 8.47 -37.04
CA GLY C 77 1.69 7.19 -36.48
C GLY C 77 1.92 6.01 -37.39
N VAL C 78 2.95 6.09 -38.24
CA VAL C 78 3.24 5.00 -39.15
C VAL C 78 4.57 4.30 -38.88
N LEU C 79 5.24 4.70 -37.81
CA LEU C 79 6.51 4.09 -37.43
C LEU C 79 6.18 2.73 -36.82
N VAL C 80 6.46 1.67 -37.55
CA VAL C 80 6.14 0.33 -37.06
C VAL C 80 7.23 -0.26 -36.19
N MET C 81 6.80 -0.99 -35.18
CA MET C 81 7.69 -1.63 -34.24
C MET C 81 7.25 -3.08 -34.11
N THR C 82 8.22 -3.97 -34.04
CA THR C 82 7.91 -5.40 -33.91
C THR C 82 8.26 -5.89 -32.52
N GLN C 83 7.81 -7.08 -32.18
CA GLN C 83 8.10 -7.67 -30.89
C GLN C 83 9.61 -7.89 -30.79
N SER C 84 10.25 -8.24 -31.91
CA SER C 84 11.70 -8.47 -31.94
C SER C 84 12.47 -7.23 -31.48
N ASP C 85 12.06 -6.05 -31.96
CA ASP C 85 12.68 -4.83 -31.46
C ASP C 85 12.09 -5.00 -30.07
N GLU C 86 12.80 -4.80 -29.00
CA GLU C 86 12.10 -5.04 -27.75
C GLU C 86 11.61 -3.75 -27.13
N ASP C 87 12.32 -2.67 -27.47
CA ASP C 87 12.03 -1.36 -26.96
C ASP C 87 12.01 -0.36 -28.12
N ILE C 88 11.55 0.84 -27.83
CA ILE C 88 11.48 1.86 -28.85
C ILE C 88 12.88 2.26 -29.33
N GLN C 89 13.87 2.18 -28.45
CA GLN C 89 15.23 2.55 -28.81
C GLN C 89 15.75 1.70 -29.96
N THR C 90 15.56 0.39 -29.85
CA THR C 90 15.99 -0.55 -30.88
C THR C 90 15.24 -0.35 -32.18
N ALA C 91 13.95 -0.02 -32.08
CA ALA C 91 13.14 0.20 -33.27
C ALA C 91 13.64 1.43 -34.01
N ILE C 92 14.00 2.47 -33.26
CA ILE C 92 14.50 3.71 -33.84
C ILE C 92 15.82 3.48 -34.58
N GLU C 93 16.70 2.68 -33.98
CA GLU C 93 18.00 2.39 -34.60
C GLU C 93 17.85 1.61 -35.89
N ARG C 94 17.00 0.57 -35.87
CA ARG C 94 16.76 -0.23 -37.06
C ARG C 94 16.22 0.64 -38.19
N ARG C 95 15.26 1.49 -37.85
CA ARG C 95 14.64 2.37 -38.83
C ARG C 95 15.62 3.36 -39.42
N LEU C 96 16.56 3.84 -38.61
CA LEU C 96 17.55 4.79 -39.08
C LEU C 96 18.46 4.08 -40.08
N LYS C 97 18.84 2.85 -39.73
CA LYS C 97 19.70 2.03 -40.58
C LYS C 97 19.01 1.74 -41.92
N GLU C 98 17.69 1.55 -41.88
CA GLU C 98 16.92 1.27 -43.08
C GLU C 98 16.87 2.51 -43.96
N LEU C 99 17.03 3.67 -43.32
CA LEU C 99 16.98 4.95 -44.03
C LEU C 99 18.35 5.50 -44.44
N ILE C 100 19.37 5.19 -43.67
CA ILE C 100 20.70 5.72 -43.94
C ILE C 100 21.77 4.67 -44.18
N GLY C 101 21.56 3.46 -43.66
CA GLY C 101 22.56 2.43 -43.85
C GLY C 101 23.60 2.41 -42.76
N ASP C 102 24.67 1.63 -42.98
CA ASP C 102 25.77 1.46 -42.03
C ASP C 102 26.12 2.65 -41.13
N ILE C 103 26.12 3.86 -41.69
CA ILE C 103 26.46 5.05 -40.93
C ILE C 103 25.68 5.16 -39.62
N ALA C 104 24.44 4.70 -39.63
CA ALA C 104 23.58 4.74 -38.45
C ALA C 104 24.21 4.17 -37.18
N GLY C 105 24.91 3.04 -37.34
CA GLY C 105 25.54 2.40 -36.19
C GLY C 105 26.48 3.27 -35.37
N LYS C 106 27.11 4.24 -36.02
CA LYS C 106 28.05 5.12 -35.34
C LYS C 106 27.37 5.90 -34.21
N LEU C 107 26.07 6.12 -34.35
CA LEU C 107 25.32 6.88 -33.36
C LEU C 107 25.30 6.24 -31.98
N GLN C 108 25.58 4.94 -31.90
CA GLN C 108 25.56 4.25 -30.61
C GLN C 108 26.93 4.03 -30.00
N THR C 109 27.91 4.80 -30.46
CA THR C 109 29.27 4.70 -29.97
C THR C 109 29.37 5.26 -28.55
N GLY C 110 29.74 4.40 -27.60
CA GLY C 110 29.87 4.84 -26.22
C GLY C 110 28.56 5.09 -25.51
N ARG C 111 27.44 4.82 -26.19
CA ARG C 111 26.13 5.03 -25.59
C ARG C 111 25.56 3.69 -25.09
N SER C 112 24.73 3.74 -24.06
CA SER C 112 24.14 2.53 -23.52
C SER C 112 22.63 2.60 -23.40
N ARG C 113 22.00 1.44 -23.51
CA ARG C 113 20.55 1.33 -23.41
C ARG C 113 20.14 1.82 -22.02
N ASN C 114 20.99 1.53 -21.04
CA ASN C 114 20.74 1.90 -19.65
C ASN C 114 20.51 3.39 -19.44
N GLU C 115 21.20 4.22 -20.22
CA GLU C 115 21.07 5.65 -20.10
C GLU C 115 20.00 6.26 -20.99
N GLN C 116 19.67 5.58 -22.08
CA GLN C 116 18.64 6.08 -22.98
C GLN C 116 17.26 6.11 -22.33
N VAL C 117 16.88 5.03 -21.65
CA VAL C 117 15.57 4.97 -21.00
C VAL C 117 15.36 6.01 -19.89
N VAL C 118 16.36 6.22 -19.03
CA VAL C 118 16.22 7.22 -17.96
C VAL C 118 16.11 8.62 -18.56
N THR C 119 16.87 8.87 -19.62
CA THR C 119 16.84 10.16 -20.32
C THR C 119 15.48 10.39 -20.98
N ASP C 120 14.99 9.38 -21.69
CA ASP C 120 13.70 9.49 -22.38
C ASP C 120 12.52 9.72 -21.44
N LEU C 121 12.46 8.99 -20.33
CA LEU C 121 11.38 9.18 -19.38
C LEU C 121 11.41 10.62 -18.86
N LYS C 122 12.57 11.06 -18.38
CA LYS C 122 12.70 12.42 -17.86
C LYS C 122 12.31 13.46 -18.92
N LEU C 123 12.74 13.26 -20.16
CA LEU C 123 12.41 14.18 -21.21
C LEU C 123 10.89 14.21 -21.38
N LEU C 124 10.28 13.03 -21.37
CA LEU C 124 8.84 12.96 -21.54
C LEU C 124 8.14 13.58 -20.33
N LEU C 125 8.58 13.21 -19.14
CA LEU C 125 7.98 13.72 -17.91
C LEU C 125 8.08 15.23 -17.82
N LYS C 126 9.14 15.79 -18.40
CA LYS C 126 9.33 17.23 -18.40
C LYS C 126 8.15 17.91 -19.11
N SER C 127 7.70 17.31 -20.21
CA SER C 127 6.58 17.83 -20.99
C SER C 127 5.27 17.62 -20.24
N SER C 128 5.08 16.41 -19.74
CA SER C 128 3.86 16.04 -19.01
C SER C 128 3.52 16.99 -17.87
N ILE C 129 4.53 17.29 -17.05
CA ILE C 129 4.35 18.17 -15.90
C ILE C 129 3.81 19.53 -16.31
N SER C 130 4.28 20.05 -17.43
CA SER C 130 3.81 21.35 -17.90
C SER C 130 2.30 21.25 -18.14
N VAL C 131 1.89 20.20 -18.82
CA VAL C 131 0.47 19.99 -19.11
C VAL C 131 -0.35 19.90 -17.84
N ILE C 132 0.10 19.03 -16.93
CA ILE C 132 -0.59 18.83 -15.67
C ILE C 132 -0.72 20.16 -14.94
N SER C 133 0.38 20.90 -14.86
CA SER C 133 0.41 22.18 -14.17
C SER C 133 -0.61 23.16 -14.70
N THR C 134 -0.73 23.25 -16.01
CA THR C 134 -1.67 24.16 -16.65
C THR C 134 -3.09 23.85 -16.20
N HIS C 135 -3.46 22.58 -16.27
CA HIS C 135 -4.81 22.18 -15.86
C HIS C 135 -5.02 22.34 -14.36
N LEU C 136 -3.96 22.17 -13.58
CA LEU C 136 -4.07 22.32 -12.12
C LEU C 136 -4.40 23.79 -11.84
N LEU C 137 -3.60 24.67 -12.43
CA LEU C 137 -3.80 26.11 -12.28
C LEU C 137 -5.19 26.54 -12.73
N GLN C 138 -5.67 25.94 -13.82
CA GLN C 138 -6.99 26.29 -14.31
C GLN C 138 -8.08 25.90 -13.31
N LEU C 139 -7.91 24.75 -12.66
CA LEU C 139 -8.87 24.29 -11.66
C LEU C 139 -8.88 25.24 -10.47
N ILE C 140 -7.69 25.65 -10.01
CA ILE C 140 -7.59 26.55 -8.87
C ILE C 140 -8.19 27.92 -9.19
N LYS C 141 -7.86 28.46 -10.35
CA LYS C 141 -8.40 29.76 -10.74
C LYS C 141 -9.92 29.70 -10.77
N THR C 142 -10.47 28.61 -11.28
CA THR C 142 -11.92 28.43 -11.34
C THR C 142 -12.56 28.51 -9.96
N LEU C 143 -11.98 27.80 -9.00
CA LEU C 143 -12.50 27.81 -7.64
C LEU C 143 -12.39 29.21 -7.04
N VAL C 144 -11.23 29.84 -7.20
CA VAL C 144 -11.02 31.18 -6.68
C VAL C 144 -12.02 32.18 -7.28
N GLU C 145 -12.18 32.10 -8.60
CA GLU C 145 -13.08 33.01 -9.30
C GLU C 145 -14.54 32.80 -8.92
N ARG C 146 -14.97 31.57 -8.70
CA ARG C 146 -16.37 31.36 -8.31
C ARG C 146 -16.56 31.87 -6.88
N ALA C 147 -15.54 31.66 -6.05
CA ALA C 147 -15.59 32.10 -4.66
C ALA C 147 -15.87 33.61 -4.61
N ALA C 148 -15.20 34.37 -5.46
CA ALA C 148 -15.37 35.82 -5.50
C ALA C 148 -16.80 36.19 -5.91
N ILE C 149 -17.31 35.53 -6.93
CA ILE C 149 -18.65 35.80 -7.43
C ILE C 149 -19.74 35.50 -6.40
N GLU C 150 -19.63 34.37 -5.72
CA GLU C 150 -20.64 33.97 -4.75
C GLU C 150 -20.24 34.23 -3.31
N ILE C 151 -19.51 35.30 -3.08
CA ILE C 151 -19.02 35.66 -1.75
C ILE C 151 -20.12 35.96 -0.71
N ASP C 152 -21.33 36.27 -1.16
CA ASP C 152 -22.41 36.59 -0.22
C ASP C 152 -23.30 35.44 0.24
N ILE C 153 -23.10 34.25 -0.31
CA ILE C 153 -23.90 33.10 0.07
C ILE C 153 -23.43 32.52 1.41
N ILE C 154 -24.39 32.22 2.29
CA ILE C 154 -24.08 31.67 3.60
C ILE C 154 -24.76 30.32 3.80
N MET C 155 -23.98 29.32 4.18
CA MET C 155 -24.51 27.97 4.39
C MET C 155 -24.09 27.47 5.75
N PRO C 156 -24.59 26.28 6.15
CA PRO C 156 -24.23 25.72 7.44
C PRO C 156 -22.83 25.12 7.32
N GLY C 157 -22.04 25.23 8.38
CA GLY C 157 -20.69 24.66 8.38
C GLY C 157 -20.76 23.37 9.19
N TYR C 158 -19.99 22.36 8.80
CA TYR C 158 -20.04 21.09 9.51
C TYR C 158 -18.75 20.63 10.17
N THR C 159 -18.93 19.71 11.12
CA THR C 159 -17.85 19.04 11.84
C THR C 159 -18.50 17.69 12.12
N HIS C 160 -17.83 16.60 11.77
CA HIS C 160 -18.39 15.27 11.98
C HIS C 160 -19.67 15.15 11.16
N LEU C 161 -19.75 15.89 10.06
CA LEU C 161 -20.95 15.92 9.23
C LEU C 161 -22.22 16.27 10.03
N GLN C 162 -22.08 17.24 10.93
CA GLN C 162 -23.21 17.72 11.74
C GLN C 162 -23.13 19.24 11.72
N LYS C 163 -24.27 19.89 11.60
CA LYS C 163 -24.30 21.35 11.55
C LYS C 163 -23.73 21.96 12.83
N ALA C 164 -22.70 22.80 12.65
CA ALA C 164 -22.03 23.44 13.77
C ALA C 164 -22.27 24.95 13.88
N LEU C 165 -22.05 25.66 12.77
CA LEU C 165 -22.23 27.10 12.75
C LEU C 165 -22.31 27.64 11.32
N PRO C 166 -22.93 28.81 11.13
CA PRO C 166 -23.04 29.37 9.79
C PRO C 166 -21.67 29.71 9.24
N ILE C 167 -21.54 29.65 7.91
CA ILE C 167 -20.27 29.94 7.29
C ILE C 167 -20.52 30.34 5.83
N ARG C 168 -19.55 30.99 5.21
CA ARG C 168 -19.71 31.39 3.81
C ARG C 168 -19.27 30.29 2.87
N TRP C 169 -20.12 29.99 1.90
CA TRP C 169 -19.85 28.97 0.88
C TRP C 169 -18.48 29.19 0.25
N SER C 170 -18.12 30.44 0.01
CA SER C 170 -16.83 30.79 -0.59
C SER C 170 -15.66 30.32 0.26
N GLN C 171 -15.83 30.35 1.58
CA GLN C 171 -14.78 29.89 2.50
C GLN C 171 -14.51 28.41 2.23
N PHE C 172 -15.57 27.68 1.88
CA PHE C 172 -15.49 26.27 1.57
C PHE C 172 -14.69 26.06 0.29
N LEU C 173 -15.04 26.79 -0.77
CA LEU C 173 -14.34 26.67 -2.05
C LEU C 173 -12.86 27.03 -1.89
N LEU C 174 -12.58 28.08 -1.14
CA LEU C 174 -11.19 28.50 -0.95
C LEU C 174 -10.34 27.47 -0.17
N SER C 175 -10.97 26.65 0.67
CA SER C 175 -10.23 25.64 1.41
C SER C 175 -9.63 24.63 0.42
N HIS C 176 -10.43 24.23 -0.56
CA HIS C 176 -9.95 23.29 -1.57
C HIS C 176 -8.92 23.99 -2.43
N ALA C 177 -9.10 25.28 -2.66
CA ALA C 177 -8.18 26.05 -3.47
C ALA C 177 -6.76 26.15 -2.89
N VAL C 178 -6.63 26.32 -1.57
CA VAL C 178 -5.29 26.43 -1.00
C VAL C 178 -4.61 25.06 -0.96
N ALA C 179 -5.41 24.02 -0.74
CA ALA C 179 -4.87 22.68 -0.69
C ALA C 179 -4.28 22.37 -2.06
N LEU C 180 -5.01 22.75 -3.11
CA LEU C 180 -4.55 22.51 -4.47
C LEU C 180 -3.31 23.33 -4.82
N THR C 181 -3.16 24.51 -4.22
CA THR C 181 -1.99 25.34 -4.50
C THR C 181 -0.76 24.68 -3.89
N ARG C 182 -0.92 24.00 -2.76
CA ARG C 182 0.21 23.30 -2.15
C ARG C 182 0.64 22.18 -3.09
N ASP C 183 -0.32 21.58 -3.80
CA ASP C 183 -0.01 20.51 -4.76
C ASP C 183 0.76 21.15 -5.91
N SER C 184 0.30 22.34 -6.31
CA SER C 184 0.92 23.08 -7.39
C SER C 184 2.38 23.36 -7.03
N GLU C 185 2.59 23.80 -5.80
CA GLU C 185 3.93 24.11 -5.30
C GLU C 185 4.81 22.85 -5.28
N ARG C 186 4.25 21.73 -4.85
CA ARG C 186 5.01 20.49 -4.81
C ARG C 186 5.40 20.05 -6.22
N LEU C 187 4.51 20.26 -7.20
CA LEU C 187 4.81 19.89 -8.58
C LEU C 187 5.99 20.69 -9.12
N GLY C 188 6.09 21.94 -8.68
CA GLY C 188 7.18 22.79 -9.10
C GLY C 188 8.51 22.27 -8.58
N GLU C 189 8.52 21.82 -7.34
CA GLU C 189 9.74 21.30 -6.73
C GLU C 189 10.22 20.01 -7.41
N VAL C 190 9.26 19.16 -7.80
CA VAL C 190 9.55 17.90 -8.48
C VAL C 190 10.20 18.19 -9.85
N LYS C 191 9.64 19.15 -10.57
CA LYS C 191 10.13 19.52 -11.88
C LYS C 191 11.63 19.85 -11.89
N LYS C 192 12.08 20.51 -10.84
CA LYS C 192 13.49 20.88 -10.74
C LYS C 192 14.41 19.66 -10.76
N ARG C 193 13.98 18.55 -10.17
CA ARG C 193 14.81 17.35 -10.15
C ARG C 193 14.61 16.51 -11.42
N ILE C 194 13.47 16.67 -12.06
CA ILE C 194 13.18 15.94 -13.29
C ILE C 194 14.13 16.40 -14.40
N THR C 195 14.36 17.71 -14.47
CA THR C 195 15.21 18.28 -15.52
C THR C 195 16.72 18.14 -15.39
N VAL C 196 17.18 17.09 -14.71
CA VAL C 196 18.61 16.83 -14.53
C VAL C 196 18.98 15.70 -15.51
N LEU C 197 19.77 16.05 -16.52
CA LEU C 197 20.16 15.11 -17.57
C LEU C 197 21.16 14.01 -17.21
N PRO C 198 20.74 12.74 -17.35
CA PRO C 198 21.62 11.60 -17.05
C PRO C 198 22.39 11.08 -18.27
N LEU C 199 22.01 11.55 -19.45
CA LEU C 199 22.66 11.16 -20.71
C LEU C 199 24.16 11.46 -20.63
N GLY C 200 24.98 10.45 -20.88
CA GLY C 200 26.42 10.64 -20.82
C GLY C 200 27.03 9.88 -19.66
N SER C 201 26.27 8.92 -19.13
CA SER C 201 26.70 8.09 -18.01
C SER C 201 27.14 6.73 -18.49
N GLY C 202 27.02 6.51 -19.80
CA GLY C 202 27.41 5.23 -20.37
C GLY C 202 26.64 4.05 -19.77
N VAL C 203 27.31 2.92 -19.67
CA VAL C 203 26.73 1.70 -19.13
C VAL C 203 26.65 1.74 -17.61
N LEU C 204 27.61 2.43 -16.98
CA LEU C 204 27.67 2.52 -15.53
C LEU C 204 28.74 3.51 -15.02
N ALA C 205 29.93 3.45 -15.60
CA ALA C 205 31.04 4.30 -15.17
C ALA C 205 31.09 5.68 -15.81
N GLY C 206 30.13 5.97 -16.67
CA GLY C 206 30.12 7.27 -17.33
C GLY C 206 30.49 7.09 -18.80
N ASN C 207 30.55 8.20 -19.53
CA ASN C 207 30.93 8.15 -20.94
C ASN C 207 32.46 8.03 -21.06
N PRO C 208 32.95 7.09 -21.89
CA PRO C 208 34.38 6.88 -22.09
C PRO C 208 35.04 7.66 -23.23
N LEU C 209 34.30 8.54 -23.89
CA LEU C 209 34.86 9.28 -25.00
C LEU C 209 34.87 10.79 -24.79
N GLU C 210 35.03 11.22 -23.55
CA GLU C 210 35.07 12.64 -23.23
C GLU C 210 33.99 13.43 -23.97
N ILE C 211 32.77 12.90 -23.98
CA ILE C 211 31.67 13.57 -24.66
C ILE C 211 31.40 14.87 -23.91
N ASP C 212 30.83 15.86 -24.60
CA ASP C 212 30.53 17.13 -23.96
C ASP C 212 29.09 17.14 -23.46
N ARG C 213 28.90 16.69 -22.22
CA ARG C 213 27.58 16.63 -21.63
C ARG C 213 26.88 17.99 -21.53
N GLU C 214 27.67 19.06 -21.44
CA GLU C 214 27.10 20.40 -21.35
C GLU C 214 26.34 20.74 -22.63
N LEU C 215 26.88 20.27 -23.76
CA LEU C 215 26.26 20.49 -25.05
C LEU C 215 24.90 19.79 -25.06
N LEU C 216 24.92 18.53 -24.62
CA LEU C 216 23.69 17.73 -24.55
C LEU C 216 22.65 18.51 -23.76
N ARG C 217 23.04 18.94 -22.56
CA ARG C 217 22.14 19.69 -21.70
C ARG C 217 21.49 20.85 -22.46
N SER C 218 22.32 21.59 -23.19
CA SER C 218 21.84 22.74 -23.96
C SER C 218 20.87 22.34 -25.06
N GLU C 219 21.28 21.36 -25.85
CA GLU C 219 20.47 20.85 -26.95
C GLU C 219 19.16 20.25 -26.48
N LEU C 220 19.10 19.83 -25.22
CA LEU C 220 17.88 19.23 -24.70
C LEU C 220 17.09 20.06 -23.70
N ASP C 221 17.47 21.33 -23.54
CA ASP C 221 16.79 22.23 -22.62
C ASP C 221 16.66 21.70 -21.18
N MET C 222 17.73 21.11 -20.68
CA MET C 222 17.75 20.59 -19.32
C MET C 222 18.44 21.65 -18.44
N THR C 223 18.13 21.66 -17.15
CA THR C 223 18.70 22.64 -16.23
C THR C 223 20.09 22.29 -15.73
N SER C 224 20.45 21.02 -15.77
CA SER C 224 21.76 20.61 -15.32
C SER C 224 21.99 19.16 -15.70
N ILE C 225 23.11 18.61 -15.25
CA ILE C 225 23.47 17.22 -15.56
C ILE C 225 23.83 16.43 -14.30
N THR C 226 23.53 15.14 -14.32
CA THR C 226 23.80 14.26 -13.18
C THR C 226 25.26 14.30 -12.72
N LEU C 227 25.47 14.18 -11.42
CA LEU C 227 26.80 14.19 -10.83
C LEU C 227 27.48 12.84 -10.78
N ASN C 228 26.70 11.78 -10.62
CA ASN C 228 27.25 10.43 -10.53
C ASN C 228 26.53 9.46 -11.49
N SER C 229 27.32 8.75 -12.29
CA SER C 229 26.82 7.81 -13.29
C SER C 229 26.07 6.60 -12.74
N ILE C 230 26.56 6.03 -11.65
CA ILE C 230 25.89 4.87 -11.06
C ILE C 230 24.48 5.29 -10.62
N ASP C 231 24.40 6.42 -9.92
CA ASP C 231 23.11 6.94 -9.46
C ASP C 231 22.18 7.33 -10.61
N ALA C 232 22.70 8.09 -11.57
CA ALA C 232 21.91 8.56 -12.71
C ALA C 232 21.27 7.46 -13.54
N ILE C 233 21.87 6.28 -13.51
CA ILE C 233 21.38 5.15 -14.27
C ILE C 233 20.44 4.22 -13.48
N SER C 234 20.66 4.12 -12.18
CA SER C 234 19.87 3.24 -11.34
C SER C 234 18.76 3.85 -10.48
N GLU C 235 18.70 5.18 -10.38
CA GLU C 235 17.66 5.81 -9.55
C GLU C 235 16.38 6.13 -10.31
N ARG C 236 15.27 6.05 -9.59
CA ARG C 236 13.96 6.37 -10.14
C ARG C 236 13.21 7.23 -9.14
N ASP C 237 13.95 8.10 -8.47
CA ASP C 237 13.37 8.99 -7.49
C ASP C 237 12.35 9.91 -8.17
N PHE C 238 12.71 10.42 -9.34
CA PHE C 238 11.82 11.33 -10.05
C PHE C 238 10.46 10.68 -10.37
N VAL C 239 10.45 9.36 -10.51
CA VAL C 239 9.21 8.63 -10.79
C VAL C 239 8.35 8.53 -9.52
N VAL C 240 8.95 8.02 -8.45
CA VAL C 240 8.25 7.88 -7.17
C VAL C 240 7.81 9.25 -6.63
N GLU C 241 8.66 10.25 -6.82
CA GLU C 241 8.36 11.60 -6.35
C GLU C 241 7.15 12.19 -7.10
N LEU C 242 7.12 12.03 -8.42
CA LEU C 242 6.00 12.53 -9.21
C LEU C 242 4.69 11.81 -8.83
N ILE C 243 4.76 10.50 -8.63
CA ILE C 243 3.57 9.75 -8.28
C ILE C 243 3.05 10.10 -6.87
N SER C 244 3.97 10.37 -5.94
CA SER C 244 3.61 10.75 -4.58
C SER C 244 2.81 12.05 -4.64
N VAL C 245 3.37 13.03 -5.34
CA VAL C 245 2.69 14.31 -5.50
C VAL C 245 1.31 14.11 -6.14
N ALA C 246 1.26 13.28 -7.19
CA ALA C 246 0.02 13.00 -7.89
C ALA C 246 -1.00 12.35 -6.97
N THR C 247 -0.51 11.51 -6.05
CA THR C 247 -1.35 10.80 -5.10
C THR C 247 -2.01 11.74 -4.09
N LEU C 248 -1.23 12.63 -3.49
CA LEU C 248 -1.77 13.56 -2.52
C LEU C 248 -2.80 14.45 -3.23
N LEU C 249 -2.47 14.85 -4.46
CA LEU C 249 -3.35 15.68 -5.26
C LEU C 249 -4.68 14.94 -5.42
N MET C 250 -4.61 13.66 -5.79
CA MET C 250 -5.83 12.87 -5.96
C MET C 250 -6.60 12.75 -4.65
N ILE C 251 -5.90 12.58 -3.54
CA ILE C 251 -6.56 12.47 -2.24
C ILE C 251 -7.41 13.72 -2.03
N HIS C 252 -6.88 14.87 -2.41
CA HIS C 252 -7.61 16.14 -2.28
C HIS C 252 -8.88 16.09 -3.14
N LEU C 253 -8.75 15.62 -4.38
CA LEU C 253 -9.92 15.53 -5.25
C LEU C 253 -10.92 14.47 -4.76
N SER C 254 -10.41 13.40 -4.12
CA SER C 254 -11.31 12.38 -3.60
C SER C 254 -12.10 12.98 -2.44
N LYS C 255 -11.48 13.90 -1.72
CA LYS C 255 -12.16 14.55 -0.61
C LYS C 255 -13.20 15.54 -1.14
N LEU C 256 -12.84 16.27 -2.21
CA LEU C 256 -13.75 17.23 -2.84
C LEU C 256 -14.95 16.48 -3.43
N ALA C 257 -14.70 15.30 -4.01
CA ALA C 257 -15.78 14.51 -4.59
C ALA C 257 -16.77 14.07 -3.50
N GLU C 258 -16.24 13.62 -2.37
CA GLU C 258 -17.07 13.19 -1.25
C GLU C 258 -17.96 14.36 -0.78
N ASP C 259 -17.38 15.55 -0.64
CA ASP C 259 -18.14 16.73 -0.20
C ASP C 259 -19.29 17.03 -1.16
N LEU C 260 -18.98 17.06 -2.46
CA LEU C 260 -19.96 17.35 -3.48
C LEU C 260 -21.02 16.27 -3.67
N ILE C 261 -20.65 15.02 -3.44
CA ILE C 261 -21.63 13.93 -3.56
C ILE C 261 -22.66 14.08 -2.45
N ILE C 262 -22.18 14.46 -1.26
CA ILE C 262 -23.06 14.63 -0.12
C ILE C 262 -23.93 15.88 -0.28
N PHE C 263 -23.33 16.94 -0.82
CA PHE C 263 -24.05 18.19 -1.03
C PHE C 263 -25.07 18.09 -2.18
N SER C 264 -24.83 17.17 -3.10
CA SER C 264 -25.73 16.99 -4.24
C SER C 264 -26.84 15.96 -4.02
N THR C 265 -26.95 15.41 -2.82
CA THR C 265 -28.02 14.46 -2.52
C THR C 265 -29.28 15.32 -2.42
N THR C 266 -30.45 14.71 -2.58
CA THR C 266 -31.65 15.50 -2.45
C THR C 266 -31.89 15.85 -0.99
N GLU C 267 -31.42 14.98 -0.08
CA GLU C 267 -31.56 15.22 1.34
C GLU C 267 -30.86 16.53 1.73
N PHE C 268 -29.67 16.77 1.18
CA PHE C 268 -28.96 18.01 1.48
C PHE C 268 -29.41 19.11 0.53
N GLY C 269 -29.39 18.80 -0.77
CA GLY C 269 -29.82 19.73 -1.79
C GLY C 269 -29.09 21.06 -1.96
N PHE C 270 -27.83 21.14 -1.55
CA PHE C 270 -27.10 22.40 -1.70
C PHE C 270 -26.59 22.68 -3.11
N VAL C 271 -26.27 21.63 -3.86
CA VAL C 271 -25.77 21.83 -5.22
C VAL C 271 -26.39 20.87 -6.21
N THR C 272 -26.33 21.25 -7.49
CA THR C 272 -26.86 20.44 -8.57
C THR C 272 -25.85 20.44 -9.70
N LEU C 273 -25.49 19.26 -10.16
CA LEU C 273 -24.53 19.13 -11.25
C LEU C 273 -25.23 19.30 -12.60
N SER C 274 -24.45 19.67 -13.62
CA SER C 274 -24.99 19.86 -14.96
C SER C 274 -25.22 18.47 -15.52
N ASP C 275 -26.01 18.39 -16.59
CA ASP C 275 -26.29 17.10 -17.22
C ASP C 275 -25.01 16.51 -17.76
N ALA C 276 -24.05 17.40 -18.05
CA ALA C 276 -22.76 17.00 -18.59
C ALA C 276 -21.96 16.09 -17.65
N TYR C 277 -22.15 16.25 -16.35
CA TYR C 277 -21.39 15.45 -15.40
C TYR C 277 -22.20 14.56 -14.47
N SER C 278 -23.35 14.12 -14.96
CA SER C 278 -24.22 13.25 -14.20
C SER C 278 -25.12 12.49 -15.17
N THR C 279 -25.75 11.43 -14.68
CA THR C 279 -26.66 10.63 -15.48
C THR C 279 -28.02 10.62 -14.80
N GLY C 280 -29.06 10.30 -15.54
CA GLY C 280 -30.40 10.27 -14.96
C GLY C 280 -31.32 9.27 -15.61
N SER C 281 -32.55 9.22 -15.10
CA SER C 281 -33.56 8.30 -15.62
C SER C 281 -34.81 9.06 -16.07
N SER C 282 -35.46 8.54 -17.10
CA SER C 282 -36.67 9.15 -17.62
C SER C 282 -37.80 9.01 -16.60
N LEU C 283 -37.79 7.89 -15.90
CA LEU C 283 -38.81 7.59 -14.89
C LEU C 283 -38.58 8.32 -13.57
N LEU C 284 -37.40 8.91 -13.40
CA LEU C 284 -37.06 9.64 -12.18
C LEU C 284 -36.24 10.89 -12.46
N PRO C 285 -36.93 12.01 -12.76
CA PRO C 285 -36.29 13.31 -13.05
C PRO C 285 -35.51 13.90 -11.87
N GLN C 286 -35.93 13.58 -10.65
CA GLN C 286 -35.30 14.05 -9.41
C GLN C 286 -33.90 13.42 -9.26
N LYS C 287 -33.78 12.19 -9.75
CA LYS C 287 -32.53 11.43 -9.68
C LYS C 287 -31.45 11.92 -10.64
N LYS C 288 -30.34 12.39 -10.07
CA LYS C 288 -29.22 12.88 -10.85
C LYS C 288 -27.97 12.25 -10.24
N ASN C 289 -27.49 11.17 -10.85
CA ASN C 289 -26.32 10.45 -10.35
C ASN C 289 -25.01 11.17 -10.62
N PRO C 290 -24.21 11.40 -9.57
CA PRO C 290 -22.91 12.09 -9.71
C PRO C 290 -21.80 11.17 -10.21
N ASP C 291 -21.98 10.65 -11.41
CA ASP C 291 -20.99 9.74 -12.01
C ASP C 291 -19.58 10.32 -12.04
N SER C 292 -19.46 11.57 -12.49
CA SER C 292 -18.16 12.23 -12.58
C SER C 292 -17.42 12.26 -11.24
N LEU C 293 -18.14 12.57 -10.17
CA LEU C 293 -17.55 12.63 -8.83
C LEU C 293 -17.11 11.25 -8.35
N GLU C 294 -17.95 10.24 -8.58
CA GLU C 294 -17.64 8.87 -8.17
C GLU C 294 -16.40 8.38 -8.92
N LEU C 295 -16.30 8.77 -10.18
CA LEU C 295 -15.17 8.39 -11.03
C LEU C 295 -13.90 9.02 -10.48
N ILE C 296 -13.97 10.30 -10.14
CA ILE C 296 -12.84 11.01 -9.61
C ILE C 296 -12.38 10.38 -8.30
N ARG C 297 -13.34 10.06 -7.43
CA ARG C 297 -13.03 9.46 -6.14
C ARG C 297 -12.29 8.13 -6.29
N SER C 298 -12.74 7.29 -7.22
CA SER C 298 -12.13 5.98 -7.47
C SER C 298 -10.73 6.05 -8.09
N LYS C 299 -10.43 7.15 -8.77
CA LYS C 299 -9.13 7.31 -9.39
C LYS C 299 -8.05 7.55 -8.34
N ALA C 300 -8.45 7.96 -7.14
CA ALA C 300 -7.49 8.15 -6.07
C ALA C 300 -6.81 6.81 -5.82
N GLY C 301 -7.60 5.73 -5.85
CA GLY C 301 -7.08 4.39 -5.63
C GLY C 301 -6.16 3.90 -6.73
N ARG C 302 -6.50 4.23 -7.98
CA ARG C 302 -5.71 3.82 -9.14
C ARG C 302 -4.31 4.43 -9.05
N VAL C 303 -4.25 5.71 -8.71
CA VAL C 303 -2.98 6.38 -8.63
C VAL C 303 -2.18 5.85 -7.44
N PHE C 304 -2.85 5.62 -6.31
CA PHE C 304 -2.17 5.10 -5.13
C PHE C 304 -1.56 3.74 -5.47
N GLY C 305 -2.31 2.95 -6.23
CA GLY C 305 -1.85 1.64 -6.64
C GLY C 305 -0.51 1.72 -7.34
N ARG C 306 -0.39 2.69 -8.24
CA ARG C 306 0.86 2.87 -8.97
C ARG C 306 1.99 3.28 -8.03
N LEU C 307 1.68 4.11 -7.03
CA LEU C 307 2.69 4.52 -6.06
C LEU C 307 3.24 3.30 -5.31
N ALA C 308 2.34 2.48 -4.79
CA ALA C 308 2.70 1.27 -4.06
C ALA C 308 3.48 0.29 -4.93
N ALA C 309 3.11 0.21 -6.21
CA ALA C 309 3.79 -0.69 -7.13
C ALA C 309 5.27 -0.34 -7.27
N ILE C 310 5.55 0.90 -7.64
CA ILE C 310 6.93 1.34 -7.86
C ILE C 310 7.77 1.27 -6.58
N LEU C 311 7.18 1.61 -5.44
CA LEU C 311 7.94 1.56 -4.20
C LEU C 311 8.36 0.13 -3.89
N MET C 312 7.45 -0.82 -4.10
CA MET C 312 7.77 -2.21 -3.83
C MET C 312 8.80 -2.75 -4.82
N VAL C 313 8.77 -2.24 -6.05
CA VAL C 313 9.74 -2.66 -7.07
C VAL C 313 11.17 -2.26 -6.70
N LEU C 314 11.33 -1.07 -6.13
CA LEU C 314 12.64 -0.56 -5.76
C LEU C 314 13.18 -1.06 -4.42
N LYS C 315 12.30 -1.47 -3.52
CA LYS C 315 12.74 -1.92 -2.21
C LYS C 315 13.68 -3.12 -2.25
N GLY C 316 14.85 -2.94 -1.64
CA GLY C 316 15.82 -4.00 -1.54
C GLY C 316 16.56 -4.60 -2.72
N ILE C 317 16.71 -3.84 -3.81
CA ILE C 317 17.45 -4.36 -4.96
C ILE C 317 18.75 -3.57 -5.12
N PRO C 318 19.83 -4.23 -5.59
CA PRO C 318 21.16 -3.66 -5.81
C PRO C 318 21.18 -2.29 -6.46
N SER C 319 22.19 -1.50 -6.12
CA SER C 319 22.36 -0.16 -6.65
C SER C 319 23.01 -0.20 -8.02
N THR C 320 22.27 -0.69 -9.00
CA THR C 320 22.76 -0.78 -10.37
C THR C 320 21.56 -1.02 -11.28
N PHE C 321 21.83 -1.33 -12.54
CA PHE C 321 20.77 -1.57 -13.48
C PHE C 321 20.32 -3.04 -13.47
N SER C 322 19.01 -3.24 -13.49
CA SER C 322 18.42 -4.57 -13.53
C SER C 322 17.11 -4.40 -14.27
N LYS C 323 16.50 -5.50 -14.73
CA LYS C 323 15.26 -5.39 -15.48
C LYS C 323 14.06 -4.98 -14.64
N ASP C 324 14.22 -5.01 -13.32
CA ASP C 324 13.13 -4.61 -12.43
C ASP C 324 12.66 -3.20 -12.78
N LEU C 325 13.60 -2.33 -13.12
CA LEU C 325 13.27 -0.94 -13.44
C LEU C 325 12.23 -0.72 -14.54
N GLN C 326 12.15 -1.65 -15.47
CA GLN C 326 11.21 -1.56 -16.59
C GLN C 326 9.75 -1.21 -16.23
N GLU C 327 9.29 -1.60 -15.04
CA GLU C 327 7.90 -1.32 -14.62
C GLU C 327 7.56 0.15 -14.51
N ASP C 328 8.58 1.01 -14.52
CA ASP C 328 8.36 2.45 -14.38
C ASP C 328 7.56 3.12 -15.48
N LYS C 329 7.82 2.74 -16.73
CA LYS C 329 7.12 3.34 -17.87
C LYS C 329 5.60 3.29 -17.79
N GLU C 330 5.04 2.09 -17.72
CA GLU C 330 3.59 1.92 -17.66
C GLU C 330 2.97 2.63 -16.47
N ALA C 331 3.66 2.56 -15.34
CA ALA C 331 3.17 3.17 -14.13
C ALA C 331 3.04 4.69 -14.22
N VAL C 332 4.07 5.39 -14.70
CA VAL C 332 3.99 6.85 -14.78
C VAL C 332 3.09 7.40 -15.89
N LEU C 333 2.97 6.67 -16.99
CA LEU C 333 2.12 7.14 -18.08
C LEU C 333 0.67 7.07 -17.63
N ASP C 334 0.34 6.01 -16.88
CA ASP C 334 -1.00 5.83 -16.37
C ASP C 334 -1.34 6.98 -15.44
N VAL C 335 -0.40 7.32 -14.57
CA VAL C 335 -0.61 8.41 -13.62
C VAL C 335 -0.77 9.76 -14.32
N VAL C 336 0.10 10.06 -15.28
CA VAL C 336 -0.02 11.34 -15.98
C VAL C 336 -1.29 11.41 -16.83
N ASP C 337 -1.61 10.32 -17.53
CA ASP C 337 -2.82 10.31 -18.35
C ASP C 337 -4.06 10.46 -17.45
N THR C 338 -4.11 9.70 -16.37
CA THR C 338 -5.24 9.75 -15.44
C THR C 338 -5.40 11.14 -14.83
N LEU C 339 -4.30 11.68 -14.33
CA LEU C 339 -4.29 13.00 -13.71
C LEU C 339 -4.76 14.10 -14.67
N THR C 340 -4.29 14.05 -15.91
CA THR C 340 -4.67 15.05 -16.91
C THR C 340 -6.20 15.08 -17.12
N ALA C 341 -6.78 13.89 -17.35
CA ALA C 341 -8.20 13.78 -17.57
C ALA C 341 -9.04 14.17 -16.36
N VAL C 342 -8.61 13.75 -15.17
CA VAL C 342 -9.34 14.05 -13.94
C VAL C 342 -9.39 15.55 -13.66
N LEU C 343 -8.27 16.24 -13.85
CA LEU C 343 -8.21 17.68 -13.61
C LEU C 343 -9.22 18.43 -14.48
N GLN C 344 -9.30 18.06 -15.75
CA GLN C 344 -10.23 18.71 -16.64
C GLN C 344 -11.69 18.40 -16.26
N VAL C 345 -11.98 17.16 -15.92
CA VAL C 345 -13.33 16.79 -15.51
C VAL C 345 -13.70 17.55 -14.24
N ALA C 346 -12.74 17.72 -13.34
CA ALA C 346 -12.99 18.42 -12.09
C ALA C 346 -13.26 19.91 -12.36
N THR C 347 -12.46 20.51 -13.23
CA THR C 347 -12.67 21.91 -13.58
C THR C 347 -14.06 22.06 -14.19
N GLY C 348 -14.43 21.10 -15.01
CA GLY C 348 -15.74 21.13 -15.65
C GLY C 348 -16.86 21.10 -14.62
N VAL C 349 -16.78 20.16 -13.68
CA VAL C 349 -17.78 20.03 -12.63
C VAL C 349 -17.94 21.31 -11.81
N ILE C 350 -16.81 21.90 -11.42
CA ILE C 350 -16.84 23.13 -10.62
C ILE C 350 -17.40 24.30 -11.42
N SER C 351 -17.05 24.38 -12.69
CA SER C 351 -17.51 25.46 -13.57
C SER C 351 -19.00 25.47 -13.83
N THR C 352 -19.55 24.29 -14.07
CA THR C 352 -20.96 24.18 -14.40
C THR C 352 -21.92 23.80 -13.29
N LEU C 353 -21.46 23.59 -12.06
CA LEU C 353 -22.40 23.21 -11.02
C LEU C 353 -23.25 24.41 -10.62
N GLN C 354 -24.44 24.13 -10.12
CA GLN C 354 -25.35 25.16 -9.71
C GLN C 354 -25.63 25.03 -8.22
N ILE C 355 -25.51 26.14 -7.48
CA ILE C 355 -25.78 26.11 -6.06
C ILE C 355 -27.22 26.55 -5.82
N ASN C 356 -27.85 25.96 -4.81
CA ASN C 356 -29.23 26.26 -4.46
C ASN C 356 -29.30 27.13 -3.21
N LYS C 357 -29.18 28.44 -3.39
CA LYS C 357 -29.20 29.39 -2.30
C LYS C 357 -30.35 29.16 -1.32
N GLU C 358 -31.58 29.01 -1.83
CA GLU C 358 -32.73 28.81 -0.95
C GLU C 358 -32.52 27.66 0.02
N ASN C 359 -32.04 26.52 -0.49
CA ASN C 359 -31.80 25.36 0.37
C ASN C 359 -30.72 25.58 1.42
N MET C 360 -29.69 26.34 1.06
CA MET C 360 -28.60 26.64 1.99
C MET C 360 -29.16 27.50 3.11
N GLU C 361 -30.11 28.37 2.74
CA GLU C 361 -30.79 29.30 3.63
C GLU C 361 -31.61 28.58 4.70
N LYS C 362 -32.51 27.72 4.25
CA LYS C 362 -33.39 26.97 5.14
C LYS C 362 -32.64 26.12 6.14
N ALA C 363 -31.51 25.55 5.72
CA ALA C 363 -30.71 24.70 6.60
C ALA C 363 -30.14 25.46 7.80
N LEU C 364 -30.09 26.78 7.69
CA LEU C 364 -29.57 27.60 8.78
C LEU C 364 -30.63 27.83 9.84
N THR C 365 -30.66 26.96 10.85
CA THR C 365 -31.63 27.06 11.93
C THR C 365 -31.09 27.92 13.08
N PRO C 366 -31.99 28.55 13.83
CA PRO C 366 -31.72 29.43 14.98
C PRO C 366 -30.74 28.89 16.02
N GLU C 367 -30.91 27.62 16.37
CA GLU C 367 -30.07 26.95 17.35
C GLU C 367 -28.58 27.13 17.07
N LEU C 368 -28.23 27.21 15.78
CA LEU C 368 -26.85 27.36 15.33
C LEU C 368 -26.15 28.63 15.82
N LEU C 369 -26.88 29.51 16.50
CA LEU C 369 -26.29 30.77 16.98
C LEU C 369 -26.07 30.81 18.49
N SER C 370 -26.37 29.71 19.17
CA SER C 370 -26.19 29.63 20.63
C SER C 370 -24.77 29.97 21.03
N THR C 371 -23.82 29.70 20.16
CA THR C 371 -22.43 29.99 20.46
C THR C 371 -22.16 31.48 20.35
N ASP C 372 -22.79 32.15 19.39
CA ASP C 372 -22.59 33.59 19.24
C ASP C 372 -23.18 34.28 20.46
N LEU C 373 -24.26 33.69 21.00
CA LEU C 373 -24.91 34.23 22.17
C LEU C 373 -23.93 34.19 23.34
N ALA C 374 -23.03 33.21 23.33
CA ALA C 374 -22.02 33.05 24.37
C ALA C 374 -20.88 34.05 24.20
N LEU C 375 -20.47 34.25 22.94
CA LEU C 375 -19.40 35.19 22.61
C LEU C 375 -19.86 36.62 22.86
N TYR C 376 -21.17 36.80 22.90
CA TYR C 376 -21.77 38.11 23.15
C TYR C 376 -21.49 38.51 24.59
N LEU C 377 -21.66 37.56 25.50
CA LEU C 377 -21.44 37.79 26.92
C LEU C 377 -19.95 37.91 27.21
N VAL C 378 -19.14 37.17 26.46
CA VAL C 378 -17.70 37.22 26.63
C VAL C 378 -17.19 38.62 26.34
N ARG C 379 -17.66 39.21 25.24
CA ARG C 379 -17.23 40.55 24.87
C ARG C 379 -17.68 41.56 25.93
N LYS C 380 -18.69 41.19 26.71
CA LYS C 380 -19.18 42.06 27.77
C LYS C 380 -18.45 41.86 29.08
N GLY C 381 -17.46 40.96 29.09
CA GLY C 381 -16.70 40.72 30.30
C GLY C 381 -16.89 39.40 31.02
N MET C 382 -17.99 38.71 30.76
CA MET C 382 -18.26 37.44 31.42
C MET C 382 -17.28 36.35 30.97
N PRO C 383 -16.78 35.53 31.92
CA PRO C 383 -15.84 34.44 31.64
C PRO C 383 -16.45 33.44 30.67
N ILE C 384 -15.62 32.87 29.79
CA ILE C 384 -16.10 31.90 28.80
C ILE C 384 -16.92 30.78 29.41
N ARG C 385 -16.52 30.28 30.58
CA ARG C 385 -17.23 29.20 31.25
C ARG C 385 -18.66 29.58 31.61
N GLN C 386 -18.82 30.77 32.18
CA GLN C 386 -20.12 31.28 32.57
C GLN C 386 -21.00 31.47 31.33
N ALA C 387 -20.44 32.14 30.34
CA ALA C 387 -21.13 32.42 29.08
C ALA C 387 -21.76 31.17 28.46
N GLN C 388 -21.02 30.07 28.44
CA GLN C 388 -21.56 28.83 27.87
C GLN C 388 -22.75 28.33 28.68
N THR C 389 -22.60 28.31 30.00
CA THR C 389 -23.67 27.87 30.88
C THR C 389 -24.89 28.75 30.60
N ALA C 390 -24.70 30.06 30.71
CA ALA C 390 -25.76 31.03 30.46
C ALA C 390 -26.47 30.73 29.13
N SER C 391 -25.68 30.64 28.07
CA SER C 391 -26.21 30.37 26.74
C SER C 391 -26.92 29.02 26.71
N GLY C 392 -26.47 28.10 27.56
CA GLY C 392 -27.09 26.79 27.61
C GLY C 392 -28.44 26.89 28.30
N LYS C 393 -28.56 27.86 29.22
CA LYS C 393 -29.82 28.07 29.93
C LYS C 393 -30.83 28.61 28.93
N ALA C 394 -30.38 29.54 28.09
CA ALA C 394 -31.21 30.15 27.08
C ALA C 394 -31.77 29.13 26.10
N VAL C 395 -30.92 28.22 25.64
CA VAL C 395 -31.36 27.20 24.69
C VAL C 395 -32.38 26.26 25.32
N HIS C 396 -32.31 26.09 26.64
CA HIS C 396 -33.24 25.22 27.33
C HIS C 396 -34.54 25.98 27.62
N LEU C 397 -34.41 27.26 27.96
CA LEU C 397 -35.56 28.09 28.24
C LEU C 397 -36.45 28.06 27.01
N ALA C 398 -35.85 28.27 25.84
CA ALA C 398 -36.58 28.28 24.57
C ALA C 398 -37.30 26.95 24.32
N GLU C 399 -36.69 25.83 24.74
CA GLU C 399 -37.32 24.53 24.55
C GLU C 399 -38.61 24.52 25.35
N THR C 400 -38.49 24.81 26.64
CA THR C 400 -39.63 24.84 27.55
C THR C 400 -40.57 26.01 27.24
N LYS C 401 -40.57 26.44 25.99
CA LYS C 401 -41.42 27.53 25.54
C LYS C 401 -41.95 27.20 24.15
N GLY C 402 -41.47 26.10 23.60
CA GLY C 402 -41.89 25.67 22.28
C GLY C 402 -41.53 26.71 21.22
N ILE C 403 -40.47 27.47 21.49
CA ILE C 403 -40.01 28.49 20.56
C ILE C 403 -38.51 28.40 20.34
N THR C 404 -38.02 29.12 19.33
CA THR C 404 -36.60 29.13 19.04
C THR C 404 -35.96 30.21 19.92
N ILE C 405 -34.64 30.27 19.95
CA ILE C 405 -33.96 31.25 20.79
C ILE C 405 -33.94 32.65 20.21
N ASN C 406 -34.03 32.76 18.89
CA ASN C 406 -33.99 34.05 18.22
C ASN C 406 -35.14 34.96 18.63
N ASN C 407 -36.17 34.38 19.23
CA ASN C 407 -37.31 35.17 19.65
C ASN C 407 -37.66 34.99 21.12
N LEU C 408 -36.71 35.35 21.98
CA LEU C 408 -36.88 35.29 23.43
C LEU C 408 -36.94 36.74 23.90
N THR C 409 -37.91 37.06 24.73
CA THR C 409 -38.06 38.43 25.24
C THR C 409 -36.80 38.85 25.99
N LEU C 410 -36.48 40.14 25.94
CA LEU C 410 -35.31 40.65 26.65
C LEU C 410 -35.47 40.37 28.14
N GLU C 411 -36.71 40.13 28.56
CA GLU C 411 -37.00 39.82 29.95
C GLU C 411 -36.54 38.39 30.20
N ASP C 412 -36.85 37.50 29.26
CA ASP C 412 -36.46 36.11 29.37
C ASP C 412 -34.95 35.95 29.47
N LEU C 413 -34.20 36.85 28.85
CA LEU C 413 -32.76 36.80 28.90
C LEU C 413 -32.22 37.38 30.20
N LYS C 414 -32.75 38.53 30.60
CA LYS C 414 -32.34 39.19 31.84
C LYS C 414 -32.38 38.21 33.02
N SER C 415 -33.30 37.25 32.95
CA SER C 415 -33.45 36.26 34.01
C SER C 415 -32.25 35.32 34.03
N ILE C 416 -31.60 35.15 32.88
CA ILE C 416 -30.43 34.30 32.78
C ILE C 416 -29.25 35.10 33.31
N SER C 417 -29.11 36.33 32.82
CA SER C 417 -28.04 37.23 33.21
C SER C 417 -28.40 38.67 32.90
N PRO C 418 -28.14 39.60 33.83
CA PRO C 418 -28.44 41.02 33.64
C PRO C 418 -27.56 41.69 32.60
N LEU C 419 -26.56 40.95 32.11
CA LEU C 419 -25.64 41.47 31.10
C LEU C 419 -26.29 41.57 29.73
N PHE C 420 -27.35 40.81 29.52
CA PHE C 420 -28.07 40.83 28.25
C PHE C 420 -28.71 42.20 28.04
N ALA C 421 -28.21 42.94 27.06
CA ALA C 421 -28.74 44.26 26.77
C ALA C 421 -29.65 44.24 25.53
N SER C 422 -29.94 45.43 25.02
CA SER C 422 -30.81 45.57 23.85
C SER C 422 -30.11 45.12 22.57
N ASP C 423 -28.79 45.35 22.52
CA ASP C 423 -27.99 45.00 21.35
C ASP C 423 -27.79 43.50 21.17
N VAL C 424 -28.39 42.70 22.05
CA VAL C 424 -28.27 41.25 21.98
C VAL C 424 -29.06 40.71 20.80
N SER C 425 -29.87 41.57 20.19
CA SER C 425 -30.70 41.18 19.06
C SER C 425 -29.90 41.08 17.77
N GLN C 426 -28.71 41.67 17.75
CA GLN C 426 -27.85 41.64 16.57
C GLN C 426 -27.23 40.26 16.37
N VAL C 427 -27.25 39.45 17.41
CA VAL C 427 -26.69 38.09 17.37
C VAL C 427 -27.51 37.17 16.46
N PHE C 428 -28.81 37.40 16.44
CA PHE C 428 -29.71 36.57 15.64
C PHE C 428 -29.68 36.94 14.18
N SER C 429 -28.48 37.05 13.63
CA SER C 429 -28.28 37.38 12.24
C SER C 429 -27.14 36.53 11.70
N VAL C 430 -27.46 35.69 10.72
CA VAL C 430 -26.46 34.82 10.11
C VAL C 430 -25.30 35.62 9.51
N VAL C 431 -25.55 36.90 9.20
CA VAL C 431 -24.53 37.75 8.62
C VAL C 431 -23.60 38.33 9.70
N ASN C 432 -24.16 38.65 10.87
CA ASN C 432 -23.37 39.21 11.97
C ASN C 432 -22.54 38.07 12.56
N SER C 433 -23.09 36.87 12.48
CA SER C 433 -22.42 35.66 12.97
C SER C 433 -21.13 35.46 12.19
N VAL C 434 -21.29 35.34 10.89
CA VAL C 434 -20.17 35.14 9.97
C VAL C 434 -19.16 36.30 9.99
N GLU C 435 -19.65 37.51 10.23
CA GLU C 435 -18.75 38.67 10.25
C GLU C 435 -17.87 38.81 11.49
N GLN C 436 -18.03 37.91 12.46
CA GLN C 436 -17.21 37.94 13.66
C GLN C 436 -15.77 37.50 13.37
N TYR C 437 -15.63 36.61 12.40
CA TYR C 437 -14.33 36.05 12.06
C TYR C 437 -13.48 36.85 11.09
N THR C 438 -12.97 37.97 11.58
CA THR C 438 -12.15 38.86 10.77
C THR C 438 -10.64 38.58 10.87
N ALA C 439 -10.23 37.75 11.83
CA ALA C 439 -8.82 37.40 11.96
C ALA C 439 -8.41 36.64 10.70
N VAL C 440 -7.15 36.80 10.28
CA VAL C 440 -6.66 36.14 9.08
C VAL C 440 -7.11 34.69 8.96
N GLY C 441 -7.86 34.38 7.90
CA GLY C 441 -8.31 33.02 7.67
C GLY C 441 -9.78 32.72 7.94
N GLY C 442 -10.49 33.63 8.60
CA GLY C 442 -11.89 33.41 8.92
C GLY C 442 -12.89 33.69 7.79
N THR C 443 -14.18 33.44 8.06
CA THR C 443 -15.24 33.65 7.07
C THR C 443 -15.72 35.07 6.80
N ALA C 444 -15.28 36.04 7.59
CA ALA C 444 -15.69 37.43 7.38
C ALA C 444 -15.38 37.82 5.93
N LYS C 445 -16.26 38.60 5.32
CA LYS C 445 -16.08 39.04 3.94
C LYS C 445 -14.68 39.58 3.70
N SER C 446 -14.25 40.52 4.55
CA SER C 446 -12.92 41.11 4.42
C SER C 446 -11.81 40.05 4.44
N SER C 447 -12.02 38.98 5.21
CA SER C 447 -11.02 37.91 5.29
C SER C 447 -11.04 37.04 4.02
N VAL C 448 -12.24 36.73 3.53
CA VAL C 448 -12.40 35.92 2.32
C VAL C 448 -11.82 36.68 1.13
N THR C 449 -12.07 37.97 1.08
CA THR C 449 -11.55 38.83 0.02
C THR C 449 -10.02 38.80 0.04
N ALA C 450 -9.45 38.83 1.25
CA ALA C 450 -8.00 38.81 1.41
C ALA C 450 -7.42 37.50 0.86
N GLN C 451 -8.09 36.38 1.14
CA GLN C 451 -7.65 35.08 0.64
C GLN C 451 -7.65 35.06 -0.88
N ILE C 452 -8.76 35.51 -1.47
CA ILE C 452 -8.89 35.58 -2.92
C ILE C 452 -7.77 36.41 -3.56
N GLU C 453 -7.45 37.54 -2.96
CA GLU C 453 -6.41 38.39 -3.50
C GLU C 453 -5.06 37.67 -3.44
N GLN C 454 -4.78 37.03 -2.30
CA GLN C 454 -3.52 36.32 -2.12
C GLN C 454 -3.35 35.13 -3.07
N LEU C 455 -4.41 34.36 -3.28
CA LEU C 455 -4.33 33.22 -4.19
C LEU C 455 -4.21 33.70 -5.62
N ARG C 456 -4.92 34.78 -5.92
CA ARG C 456 -4.91 35.36 -7.25
C ARG C 456 -3.48 35.75 -7.63
N GLU C 457 -2.69 36.18 -6.65
CA GLU C 457 -1.30 36.56 -6.89
C GLU C 457 -0.38 35.34 -7.00
N LEU C 458 -0.52 34.40 -6.07
CA LEU C 458 0.29 33.18 -6.10
C LEU C 458 0.16 32.50 -7.45
N LEU C 459 -1.05 32.55 -8.01
CA LEU C 459 -1.30 31.98 -9.32
C LEU C 459 -0.37 32.62 -10.32
N LYS C 460 -0.35 33.95 -10.33
CA LYS C 460 0.50 34.72 -11.23
C LYS C 460 1.95 34.29 -11.05
N LYS C 461 2.40 34.23 -9.80
CA LYS C 461 3.77 33.83 -9.49
C LYS C 461 4.03 32.36 -9.81
N GLN C 462 3.19 31.75 -10.64
CA GLN C 462 3.34 30.35 -11.03
C GLN C 462 2.81 30.07 -12.43
N ILE D 20 19.42 3.80 17.34
CA ILE D 20 19.71 2.78 18.39
C ILE D 20 18.59 1.76 18.64
N MET D 21 19.00 0.58 19.09
CA MET D 21 18.10 -0.53 19.34
C MET D 21 17.10 -0.31 20.48
N GLU D 22 17.35 0.70 21.29
CA GLU D 22 16.49 1.03 22.43
C GLU D 22 15.07 1.32 21.94
N ILE D 23 14.94 1.61 20.65
CA ILE D 23 13.65 1.90 20.05
C ILE D 23 13.57 1.24 18.67
N LEU D 24 14.61 0.50 18.32
CA LEU D 24 14.68 -0.18 17.03
C LEU D 24 14.31 -1.66 17.10
N SER D 25 14.40 -2.23 18.29
CA SER D 25 14.08 -3.64 18.49
C SER D 25 12.62 -3.81 18.91
N SER D 26 12.14 -5.05 18.89
CA SER D 26 10.76 -5.33 19.28
C SER D 26 10.50 -4.86 20.71
N SER D 27 9.42 -4.11 20.91
CA SER D 27 9.08 -3.60 22.23
C SER D 27 8.86 -4.71 23.27
N ILE D 28 9.08 -4.38 24.54
CA ILE D 28 8.93 -5.33 25.63
C ILE D 28 7.47 -5.71 25.88
N SER D 29 6.58 -4.75 25.68
CA SER D 29 5.15 -4.97 25.88
C SER D 29 4.64 -6.03 24.92
N THR D 30 5.26 -6.13 23.75
CA THR D 30 4.83 -7.11 22.77
C THR D 30 5.46 -8.47 23.07
N GLU D 31 6.72 -8.44 23.50
CA GLU D 31 7.46 -9.65 23.80
C GLU D 31 6.84 -10.38 24.99
N GLN D 32 6.41 -9.61 25.97
CA GLN D 32 5.79 -10.16 27.18
C GLN D 32 4.50 -10.94 26.90
N ARG D 33 3.83 -10.60 25.80
CA ARG D 33 2.59 -11.27 25.45
C ARG D 33 2.81 -12.69 24.93
N LEU D 34 4.07 -13.02 24.65
CA LEU D 34 4.43 -14.34 24.14
C LEU D 34 4.99 -15.22 25.26
N THR D 35 4.91 -14.73 26.49
CA THR D 35 5.41 -15.42 27.66
C THR D 35 4.80 -16.80 27.85
N GLU D 36 3.49 -16.84 28.04
CA GLU D 36 2.80 -18.09 28.28
C GLU D 36 2.96 -19.17 27.21
N VAL D 37 2.87 -18.80 25.94
CA VAL D 37 2.99 -19.82 24.90
C VAL D 37 4.42 -20.32 24.74
N ASP D 38 5.39 -19.48 25.09
CA ASP D 38 6.79 -19.89 24.98
C ASP D 38 7.08 -20.93 26.06
N ILE D 39 6.48 -20.71 27.23
CA ILE D 39 6.63 -21.61 28.37
C ILE D 39 5.95 -22.95 28.01
N GLN D 40 4.79 -22.84 27.39
CA GLN D 40 4.00 -23.99 26.98
C GLN D 40 4.77 -24.78 25.92
N ALA D 41 5.47 -24.07 25.05
CA ALA D 41 6.24 -24.72 23.99
C ALA D 41 7.49 -25.38 24.56
N SER D 42 8.11 -24.73 25.55
CA SER D 42 9.31 -25.27 26.19
C SER D 42 9.00 -26.55 26.98
N MET D 43 7.81 -26.61 27.58
CA MET D 43 7.41 -27.78 28.33
C MET D 43 7.27 -28.98 27.38
N ALA D 44 6.72 -28.76 26.20
CA ALA D 44 6.55 -29.85 25.24
C ALA D 44 7.91 -30.32 24.75
N TYR D 45 8.83 -29.39 24.51
CA TYR D 45 10.16 -29.76 24.01
C TYR D 45 10.88 -30.63 25.06
N ALA D 46 10.83 -30.19 26.31
CA ALA D 46 11.46 -30.91 27.41
C ALA D 46 10.98 -32.36 27.45
N LYS D 47 9.66 -32.56 27.37
CA LYS D 47 9.12 -33.91 27.37
C LYS D 47 9.70 -34.73 26.22
N ALA D 48 9.81 -34.12 25.04
CA ALA D 48 10.34 -34.81 23.90
C ALA D 48 11.83 -35.09 24.07
N LEU D 49 12.53 -34.17 24.75
CA LEU D 49 13.97 -34.35 24.97
C LEU D 49 14.22 -35.56 25.86
N GLU D 50 13.30 -35.80 26.80
CA GLU D 50 13.42 -36.90 27.72
C GLU D 50 13.21 -38.22 26.96
N LYS D 51 12.27 -38.22 26.02
CA LYS D 51 11.99 -39.41 25.23
C LYS D 51 13.19 -39.72 24.34
N ALA D 52 13.94 -38.69 23.99
CA ALA D 52 15.12 -38.84 23.14
C ALA D 52 16.35 -39.18 23.96
N SER D 53 16.16 -39.35 25.27
CA SER D 53 17.24 -39.68 26.19
C SER D 53 18.20 -38.53 26.50
N ILE D 54 17.89 -37.32 26.04
CA ILE D 54 18.76 -36.18 26.31
C ILE D 54 18.56 -35.75 27.76
N LEU D 55 17.37 -36.03 28.29
CA LEU D 55 17.03 -35.67 29.66
C LEU D 55 16.63 -36.91 30.43
N THR D 56 17.01 -36.96 31.70
CA THR D 56 16.65 -38.09 32.54
C THR D 56 15.31 -37.78 33.17
N LYS D 57 14.64 -38.80 33.70
CA LYS D 57 13.35 -38.61 34.33
C LYS D 57 13.45 -37.52 35.41
N THR D 58 14.59 -37.47 36.10
CA THR D 58 14.80 -36.49 37.17
C THR D 58 15.04 -35.08 36.66
N GLU D 59 15.79 -34.95 35.57
CA GLU D 59 16.08 -33.65 35.00
C GLU D 59 14.82 -33.02 34.42
N LEU D 60 13.94 -33.86 33.89
CA LEU D 60 12.69 -33.38 33.29
C LEU D 60 11.76 -32.78 34.35
N GLU D 61 11.74 -33.38 35.53
CA GLU D 61 10.90 -32.91 36.63
C GLU D 61 11.35 -31.54 37.12
N LYS D 62 12.67 -31.38 37.23
CA LYS D 62 13.24 -30.13 37.70
C LYS D 62 12.88 -29.00 36.73
N ILE D 63 13.09 -29.25 35.44
CA ILE D 63 12.79 -28.27 34.40
C ILE D 63 11.29 -27.98 34.30
N LEU D 64 10.48 -29.04 34.33
CA LEU D 64 9.04 -28.88 34.27
C LEU D 64 8.60 -28.08 35.48
N SER D 65 9.20 -28.38 36.62
CA SER D 65 8.89 -27.71 37.87
C SER D 65 9.17 -26.21 37.80
N GLY D 66 10.38 -25.85 37.36
CA GLY D 66 10.75 -24.46 37.26
C GLY D 66 9.86 -23.69 36.30
N LEU D 67 9.57 -24.28 35.15
CA LEU D 67 8.73 -23.65 34.15
C LEU D 67 7.34 -23.33 34.71
N GLU D 68 6.79 -24.24 35.51
CA GLU D 68 5.48 -24.02 36.12
C GLU D 68 5.58 -22.85 37.09
N LYS D 69 6.77 -22.64 37.61
CA LYS D 69 7.02 -21.54 38.55
C LYS D 69 7.05 -20.22 37.80
N ILE D 70 7.74 -20.20 36.66
CA ILE D 70 7.83 -19.00 35.83
C ILE D 70 6.45 -18.63 35.31
N SER D 71 5.61 -19.64 35.10
CA SER D 71 4.26 -19.42 34.62
C SER D 71 3.46 -18.80 35.77
N GLU D 72 3.77 -19.22 36.98
CA GLU D 72 3.11 -18.71 38.17
C GLU D 72 3.39 -17.22 38.32
N GLU D 73 4.64 -16.84 38.10
CA GLU D 73 5.05 -15.44 38.20
C GLU D 73 4.37 -14.63 37.10
N SER D 74 4.36 -15.17 35.90
CA SER D 74 3.75 -14.50 34.76
C SER D 74 2.25 -14.29 34.99
N SER D 75 1.71 -14.97 36.00
CA SER D 75 0.29 -14.86 36.33
C SER D 75 0.05 -13.68 37.27
N LYS D 76 1.13 -13.00 37.65
CA LYS D 76 1.05 -11.85 38.54
C LYS D 76 1.87 -10.71 37.95
N GLY D 77 2.03 -10.72 36.63
CA GLY D 77 2.81 -9.69 35.97
C GLY D 77 4.17 -9.50 36.61
N VAL D 78 4.70 -10.57 37.17
CA VAL D 78 6.00 -10.50 37.83
C VAL D 78 7.18 -10.56 36.87
N LEU D 79 7.27 -11.63 36.08
CA LEU D 79 8.39 -11.77 35.13
C LEU D 79 8.74 -10.47 34.45
N VAL D 80 10.04 -10.19 34.37
CA VAL D 80 10.53 -8.98 33.74
C VAL D 80 11.35 -9.26 32.50
N MET D 81 12.03 -8.21 32.08
CA MET D 81 12.91 -8.21 30.93
C MET D 81 13.63 -6.90 31.00
N THR D 82 14.73 -6.80 30.26
CA THR D 82 15.50 -5.57 30.19
C THR D 82 16.10 -5.58 28.81
N GLN D 83 16.59 -4.43 28.39
CA GLN D 83 17.19 -4.34 27.08
C GLN D 83 18.21 -5.49 26.96
N SER D 84 18.77 -5.90 28.09
CA SER D 84 19.72 -6.99 28.09
C SER D 84 19.06 -8.22 27.48
N ASP D 85 17.81 -8.48 27.85
CA ASP D 85 17.04 -9.63 27.35
C ASP D 85 16.41 -9.35 25.99
N GLU D 86 17.22 -9.39 24.93
CA GLU D 86 16.73 -9.12 23.57
C GLU D 86 15.30 -9.59 23.27
N ASP D 87 14.92 -10.76 23.75
CA ASP D 87 13.60 -11.32 23.49
C ASP D 87 13.05 -12.12 24.66
N ILE D 88 11.80 -12.54 24.55
CA ILE D 88 11.15 -13.30 25.60
C ILE D 88 11.79 -14.69 25.76
N GLN D 89 12.32 -15.22 24.67
CA GLN D 89 12.94 -16.55 24.72
C GLN D 89 14.14 -16.53 25.64
N THR D 90 14.91 -15.45 25.59
CA THR D 90 16.09 -15.24 26.41
C THR D 90 15.76 -15.03 27.89
N ALA D 91 14.65 -14.36 28.15
CA ALA D 91 14.22 -14.08 29.52
C ALA D 91 13.71 -15.35 30.22
N ILE D 92 13.05 -16.21 29.46
CA ILE D 92 12.53 -17.46 30.01
C ILE D 92 13.73 -18.33 30.38
N GLU D 93 14.71 -18.37 29.49
CA GLU D 93 15.91 -19.16 29.72
C GLU D 93 16.67 -18.65 30.95
N ARG D 94 16.86 -17.33 31.03
CA ARG D 94 17.56 -16.74 32.16
C ARG D 94 16.84 -17.06 33.47
N ARG D 95 15.52 -16.88 33.47
CA ARG D 95 14.74 -17.15 34.68
C ARG D 95 14.85 -18.60 35.15
N LEU D 96 14.82 -19.55 34.21
CA LEU D 96 14.92 -20.97 34.56
C LEU D 96 16.25 -21.23 35.24
N LYS D 97 17.34 -20.88 34.57
CA LYS D 97 18.68 -21.09 35.11
C LYS D 97 18.78 -20.58 36.53
N GLU D 98 18.50 -19.30 36.72
CA GLU D 98 18.58 -18.68 38.04
C GLU D 98 17.45 -19.15 38.97
N LEU D 99 16.92 -20.33 38.70
CA LEU D 99 15.84 -20.88 39.50
C LEU D 99 15.93 -22.40 39.55
N ILE D 100 16.85 -22.97 38.76
CA ILE D 100 17.02 -24.42 38.69
C ILE D 100 18.48 -24.87 38.57
N GLY D 101 19.33 -24.01 38.03
CA GLY D 101 20.73 -24.35 37.88
C GLY D 101 21.07 -24.66 36.43
N ASP D 102 22.34 -24.92 36.16
CA ASP D 102 22.82 -25.21 34.82
C ASP D 102 22.00 -26.27 34.09
N ILE D 103 21.23 -27.06 34.84
CA ILE D 103 20.41 -28.09 34.24
C ILE D 103 19.49 -27.48 33.18
N ALA D 104 18.99 -26.28 33.46
CA ALA D 104 18.09 -25.59 32.55
C ALA D 104 18.69 -25.46 31.15
N GLY D 105 20.01 -25.35 31.07
CA GLY D 105 20.67 -25.22 29.79
C GLY D 105 20.54 -26.42 28.88
N LYS D 106 20.09 -27.54 29.43
CA LYS D 106 19.91 -28.77 28.66
C LYS D 106 18.72 -28.62 27.72
N LEU D 107 17.75 -27.80 28.12
CA LEU D 107 16.54 -27.57 27.35
C LEU D 107 16.77 -27.01 25.95
N GLN D 108 17.92 -26.40 25.74
CA GLN D 108 18.24 -25.80 24.45
C GLN D 108 18.86 -26.77 23.45
N THR D 109 19.11 -27.99 23.89
CA THR D 109 19.73 -29.00 23.03
C THR D 109 19.01 -29.19 21.69
N GLY D 110 19.69 -28.83 20.61
CA GLY D 110 19.13 -28.98 19.28
C GLY D 110 17.98 -28.04 18.98
N ARG D 111 17.75 -27.05 19.83
CA ARG D 111 16.69 -26.10 19.62
C ARG D 111 17.27 -24.78 19.17
N SER D 112 16.53 -24.07 18.32
CA SER D 112 16.98 -22.77 17.82
C SER D 112 15.94 -21.68 18.06
N ARG D 113 16.42 -20.44 18.13
CA ARG D 113 15.51 -19.31 18.33
C ARG D 113 14.64 -19.17 17.08
N ASN D 114 15.24 -19.42 15.92
CA ASN D 114 14.54 -19.34 14.63
C ASN D 114 13.20 -20.08 14.65
N GLU D 115 13.17 -21.26 15.25
CA GLU D 115 11.96 -22.06 15.32
C GLU D 115 11.06 -21.69 16.49
N GLN D 116 11.64 -21.16 17.56
CA GLN D 116 10.89 -20.75 18.74
C GLN D 116 9.96 -19.57 18.45
N VAL D 117 10.50 -18.54 17.82
CA VAL D 117 9.72 -17.34 17.52
C VAL D 117 8.54 -17.66 16.61
N VAL D 118 8.77 -18.43 15.55
CA VAL D 118 7.70 -18.79 14.62
C VAL D 118 6.71 -19.77 15.27
N THR D 119 7.17 -20.51 16.28
CA THR D 119 6.31 -21.44 16.98
C THR D 119 5.40 -20.71 17.96
N ASP D 120 6.01 -19.84 18.77
CA ASP D 120 5.29 -19.06 19.78
C ASP D 120 4.18 -18.22 19.15
N LEU D 121 4.53 -17.51 18.06
CA LEU D 121 3.57 -16.67 17.36
C LEU D 121 2.35 -17.46 16.91
N LYS D 122 2.58 -18.62 16.29
CA LYS D 122 1.46 -19.45 15.84
C LYS D 122 0.60 -19.90 17.01
N LEU D 123 1.25 -20.22 18.12
CA LEU D 123 0.52 -20.65 19.32
C LEU D 123 -0.37 -19.51 19.83
N LEU D 124 0.17 -18.29 19.81
CA LEU D 124 -0.58 -17.12 20.28
C LEU D 124 -1.79 -16.83 19.39
N LEU D 125 -1.55 -16.73 18.09
CA LEU D 125 -2.63 -16.44 17.13
C LEU D 125 -3.77 -17.46 17.14
N LYS D 126 -3.45 -18.71 17.43
CA LYS D 126 -4.45 -19.77 17.50
C LYS D 126 -5.58 -19.38 18.45
N SER D 127 -5.23 -18.84 19.62
CA SER D 127 -6.23 -18.41 20.58
C SER D 127 -6.80 -17.04 20.22
N SER D 128 -6.02 -16.23 19.53
CA SER D 128 -6.48 -14.91 19.12
C SER D 128 -7.61 -15.01 18.10
N ILE D 129 -7.48 -15.95 17.16
CA ILE D 129 -8.51 -16.12 16.14
C ILE D 129 -9.85 -16.50 16.77
N SER D 130 -9.80 -17.34 17.79
CA SER D 130 -11.02 -17.77 18.47
C SER D 130 -11.72 -16.58 19.12
N VAL D 131 -10.93 -15.64 19.64
CA VAL D 131 -11.47 -14.44 20.27
C VAL D 131 -12.11 -13.54 19.22
N ILE D 132 -11.41 -13.32 18.12
CA ILE D 132 -11.93 -12.49 17.04
C ILE D 132 -13.20 -13.14 16.53
N SER D 133 -13.12 -14.44 16.28
CA SER D 133 -14.26 -15.21 15.77
C SER D 133 -15.50 -15.07 16.66
N THR D 134 -15.32 -15.19 17.97
CA THR D 134 -16.44 -15.07 18.90
C THR D 134 -17.13 -13.72 18.78
N HIS D 135 -16.32 -12.68 18.69
CA HIS D 135 -16.87 -11.34 18.58
C HIS D 135 -17.50 -11.06 17.21
N LEU D 136 -16.94 -11.64 16.16
CA LEU D 136 -17.46 -11.48 14.80
C LEU D 136 -18.89 -12.01 14.75
N LEU D 137 -19.06 -13.23 15.28
CA LEU D 137 -20.37 -13.87 15.29
C LEU D 137 -21.41 -13.12 16.09
N GLN D 138 -20.99 -12.47 17.18
CA GLN D 138 -21.91 -11.69 17.98
C GLN D 138 -22.47 -10.54 17.15
N LEU D 139 -21.59 -9.92 16.36
CA LEU D 139 -21.97 -8.83 15.50
C LEU D 139 -23.02 -9.33 14.50
N ILE D 140 -22.68 -10.39 13.79
CA ILE D 140 -23.56 -10.96 12.78
C ILE D 140 -24.91 -11.39 13.40
N LYS D 141 -24.85 -11.99 14.58
CA LYS D 141 -26.07 -12.42 15.26
C LYS D 141 -26.92 -11.19 15.60
N THR D 142 -26.26 -10.12 16.03
CA THR D 142 -26.96 -8.90 16.39
C THR D 142 -27.68 -8.28 15.20
N LEU D 143 -27.06 -8.37 14.03
CA LEU D 143 -27.63 -7.83 12.81
C LEU D 143 -28.84 -8.62 12.32
N VAL D 144 -28.76 -9.95 12.37
CA VAL D 144 -29.87 -10.77 11.90
C VAL D 144 -31.06 -10.69 12.84
N GLU D 145 -30.82 -10.82 14.14
CA GLU D 145 -31.91 -10.74 15.09
C GLU D 145 -32.61 -9.40 15.01
N ARG D 146 -31.86 -8.32 14.79
CA ARG D 146 -32.48 -7.01 14.69
C ARG D 146 -33.33 -6.96 13.42
N ALA D 147 -32.80 -7.50 12.33
CA ALA D 147 -33.50 -7.53 11.05
C ALA D 147 -34.84 -8.24 11.19
N ALA D 148 -34.86 -9.32 11.96
CA ALA D 148 -36.09 -10.09 12.17
C ALA D 148 -37.14 -9.31 12.94
N ILE D 149 -36.71 -8.46 13.88
CA ILE D 149 -37.64 -7.67 14.67
C ILE D 149 -38.23 -6.50 13.90
N GLU D 150 -37.38 -5.84 13.09
CA GLU D 150 -37.82 -4.68 12.32
C GLU D 150 -38.10 -5.00 10.85
N ILE D 151 -38.46 -6.24 10.57
CA ILE D 151 -38.75 -6.71 9.21
C ILE D 151 -39.87 -5.97 8.46
N ASP D 152 -40.70 -5.20 9.17
CA ASP D 152 -41.78 -4.48 8.49
C ASP D 152 -41.44 -3.03 8.13
N ILE D 153 -40.29 -2.53 8.56
CA ILE D 153 -39.91 -1.17 8.25
C ILE D 153 -39.49 -1.01 6.80
N ILE D 154 -40.06 -0.01 6.14
CA ILE D 154 -39.72 0.24 4.75
C ILE D 154 -39.09 1.61 4.63
N MET D 155 -38.03 1.68 3.82
CA MET D 155 -37.29 2.93 3.62
C MET D 155 -36.86 3.05 2.16
N PRO D 156 -36.24 4.18 1.80
CA PRO D 156 -35.78 4.38 0.43
C PRO D 156 -34.50 3.60 0.16
N GLY D 157 -34.41 3.01 -1.02
CA GLY D 157 -33.21 2.30 -1.41
C GLY D 157 -32.41 3.28 -2.27
N TYR D 158 -31.09 3.19 -2.24
CA TYR D 158 -30.26 4.12 -3.01
C TYR D 158 -29.27 3.47 -3.96
N THR D 159 -28.93 4.23 -5.00
CA THR D 159 -27.93 3.88 -6.00
C THR D 159 -27.28 5.24 -6.26
N HIS D 160 -25.95 5.31 -6.30
CA HIS D 160 -25.27 6.59 -6.51
C HIS D 160 -25.75 7.61 -5.47
N LEU D 161 -26.11 7.12 -4.29
CA LEU D 161 -26.62 7.96 -3.21
C LEU D 161 -27.81 8.80 -3.65
N GLN D 162 -28.63 8.23 -4.53
CA GLN D 162 -29.83 8.89 -5.03
C GLN D 162 -30.96 7.88 -4.84
N LYS D 163 -32.12 8.35 -4.41
CA LYS D 163 -33.25 7.46 -4.20
C LYS D 163 -33.63 6.75 -5.49
N ALA D 164 -33.80 5.43 -5.40
CA ALA D 164 -34.15 4.63 -6.56
C ALA D 164 -35.49 3.93 -6.41
N LEU D 165 -35.69 3.23 -5.29
CA LEU D 165 -36.95 2.52 -5.06
C LEU D 165 -37.14 2.09 -3.61
N PRO D 166 -38.38 1.73 -3.24
CA PRO D 166 -38.68 1.30 -1.87
C PRO D 166 -37.96 0.00 -1.52
N ILE D 167 -37.50 -0.11 -0.29
CA ILE D 167 -36.79 -1.32 0.13
C ILE D 167 -36.98 -1.53 1.63
N ARG D 168 -36.88 -2.78 2.08
CA ARG D 168 -37.01 -3.05 3.52
C ARG D 168 -35.68 -2.78 4.21
N TRP D 169 -35.75 -2.07 5.34
CA TRP D 169 -34.56 -1.74 6.13
C TRP D 169 -33.78 -2.99 6.53
N SER D 170 -34.50 -4.08 6.81
CA SER D 170 -33.87 -5.35 7.19
C SER D 170 -33.01 -5.92 6.06
N GLN D 171 -33.43 -5.68 4.82
CA GLN D 171 -32.68 -6.15 3.67
C GLN D 171 -31.31 -5.49 3.71
N PHE D 172 -31.28 -4.23 4.14
CA PHE D 172 -30.06 -3.45 4.26
C PHE D 172 -29.17 -4.05 5.36
N LEU D 173 -29.75 -4.33 6.52
CA LEU D 173 -29.00 -4.92 7.63
C LEU D 173 -28.43 -6.28 7.21
N LEU D 174 -29.24 -7.07 6.52
CA LEU D 174 -28.80 -8.39 6.10
C LEU D 174 -27.68 -8.36 5.05
N SER D 175 -27.61 -7.29 4.25
CA SER D 175 -26.57 -7.22 3.25
C SER D 175 -25.21 -7.19 3.96
N HIS D 176 -25.14 -6.48 5.09
CA HIS D 176 -23.89 -6.43 5.85
C HIS D 176 -23.63 -7.75 6.59
N ALA D 177 -24.67 -8.36 7.11
CA ALA D 177 -24.52 -9.63 7.83
C ALA D 177 -23.97 -10.71 6.92
N VAL D 178 -24.43 -10.78 5.68
CA VAL D 178 -23.94 -11.80 4.76
C VAL D 178 -22.49 -11.54 4.34
N ALA D 179 -22.08 -10.28 4.27
CA ALA D 179 -20.71 -9.95 3.91
C ALA D 179 -19.79 -10.42 5.04
N LEU D 180 -20.19 -10.16 6.28
CA LEU D 180 -19.40 -10.55 7.42
C LEU D 180 -19.28 -12.06 7.56
N THR D 181 -20.25 -12.80 7.00
CA THR D 181 -20.18 -14.25 7.11
C THR D 181 -19.11 -14.76 6.16
N ARG D 182 -18.85 -14.02 5.08
CA ARG D 182 -17.78 -14.45 4.17
C ARG D 182 -16.46 -14.20 4.90
N ASP D 183 -16.41 -13.16 5.72
CA ASP D 183 -15.21 -12.86 6.50
C ASP D 183 -15.01 -13.98 7.50
N SER D 184 -16.10 -14.35 8.19
CA SER D 184 -16.08 -15.41 9.18
C SER D 184 -15.57 -16.70 8.55
N GLU D 185 -16.06 -17.00 7.35
CA GLU D 185 -15.67 -18.20 6.63
C GLU D 185 -14.17 -18.17 6.33
N ARG D 186 -13.65 -17.00 5.98
CA ARG D 186 -12.23 -16.87 5.66
C ARG D 186 -11.35 -17.06 6.91
N LEU D 187 -11.84 -16.56 8.05
CA LEU D 187 -11.10 -16.72 9.30
C LEU D 187 -10.95 -18.19 9.59
N GLY D 188 -11.99 -18.96 9.29
CA GLY D 188 -11.94 -20.39 9.53
C GLY D 188 -10.92 -21.11 8.68
N GLU D 189 -10.72 -20.62 7.47
CA GLU D 189 -9.76 -21.23 6.55
C GLU D 189 -8.32 -20.91 6.96
N VAL D 190 -8.11 -19.72 7.49
CA VAL D 190 -6.78 -19.32 7.93
C VAL D 190 -6.39 -20.14 9.16
N LYS D 191 -7.35 -20.31 10.07
CA LYS D 191 -7.15 -21.07 11.29
C LYS D 191 -6.42 -22.40 11.07
N LYS D 192 -6.90 -23.20 10.11
CA LYS D 192 -6.29 -24.49 9.84
C LYS D 192 -4.84 -24.46 9.37
N ARG D 193 -4.38 -23.36 8.80
CA ARG D 193 -2.98 -23.29 8.37
C ARG D 193 -2.12 -22.74 9.50
N ILE D 194 -2.75 -22.07 10.45
CA ILE D 194 -2.04 -21.54 11.60
C ILE D 194 -1.65 -22.65 12.56
N THR D 195 -2.52 -23.65 12.71
CA THR D 195 -2.25 -24.75 13.62
C THR D 195 -1.30 -25.83 13.10
N VAL D 196 -0.36 -25.43 12.24
CA VAL D 196 0.64 -26.36 11.70
C VAL D 196 1.94 -26.10 12.45
N LEU D 197 2.29 -27.01 13.35
CA LEU D 197 3.47 -26.90 14.19
C LEU D 197 4.82 -26.92 13.49
N PRO D 198 5.61 -25.85 13.67
CA PRO D 198 6.93 -25.80 13.04
C PRO D 198 8.06 -26.21 14.00
N LEU D 199 7.74 -26.32 15.29
CA LEU D 199 8.72 -26.70 16.30
C LEU D 199 9.39 -28.02 15.92
N GLY D 200 10.71 -28.06 16.07
CA GLY D 200 11.46 -29.25 15.73
C GLY D 200 12.09 -29.11 14.35
N SER D 201 12.36 -27.86 13.97
CA SER D 201 12.95 -27.57 12.67
C SER D 201 14.41 -27.14 12.83
N GLY D 202 14.83 -26.95 14.08
CA GLY D 202 16.21 -26.54 14.33
C GLY D 202 16.55 -25.18 13.76
N VAL D 203 17.83 -24.99 13.46
CA VAL D 203 18.34 -23.74 12.90
C VAL D 203 17.89 -23.57 11.46
N LEU D 204 17.79 -24.68 10.74
CA LEU D 204 17.39 -24.62 9.34
C LEU D 204 17.17 -25.97 8.68
N ALA D 205 18.01 -26.94 9.02
CA ALA D 205 17.95 -28.27 8.42
C ALA D 205 17.13 -29.29 9.20
N GLY D 206 16.57 -28.86 10.33
CA GLY D 206 15.77 -29.76 11.15
C GLY D 206 16.40 -30.04 12.50
N ASN D 207 15.80 -30.96 13.25
CA ASN D 207 16.30 -31.36 14.56
C ASN D 207 17.30 -32.51 14.33
N PRO D 208 18.55 -32.35 14.80
CA PRO D 208 19.60 -33.36 14.64
C PRO D 208 19.63 -34.45 15.71
N LEU D 209 18.60 -34.50 16.54
CA LEU D 209 18.55 -35.48 17.63
C LEU D 209 17.42 -36.48 17.52
N GLU D 210 16.88 -36.65 16.32
CA GLU D 210 15.79 -37.59 16.09
C GLU D 210 14.65 -37.38 17.11
N ILE D 211 14.29 -36.12 17.31
CA ILE D 211 13.23 -35.76 18.24
C ILE D 211 11.89 -36.26 17.68
N ASP D 212 10.92 -36.50 18.56
CA ASP D 212 9.62 -36.97 18.11
C ASP D 212 8.65 -35.80 17.97
N ARG D 213 8.46 -35.35 16.73
CA ARG D 213 7.57 -34.22 16.44
C ARG D 213 6.08 -34.49 16.65
N GLU D 214 5.67 -35.75 16.57
CA GLU D 214 4.26 -36.09 16.78
C GLU D 214 3.88 -35.88 18.24
N LEU D 215 4.85 -36.07 19.14
CA LEU D 215 4.65 -35.89 20.57
C LEU D 215 4.50 -34.39 20.84
N LEU D 216 5.23 -33.59 20.07
CA LEU D 216 5.18 -32.13 20.19
C LEU D 216 3.80 -31.61 19.76
N ARG D 217 3.33 -32.12 18.62
CA ARG D 217 2.05 -31.71 18.09
C ARG D 217 0.91 -31.95 19.06
N SER D 218 0.82 -33.17 19.58
CA SER D 218 -0.24 -33.53 20.52
C SER D 218 -0.16 -32.75 21.81
N GLU D 219 1.05 -32.52 22.31
CA GLU D 219 1.23 -31.76 23.54
C GLU D 219 0.77 -30.32 23.38
N LEU D 220 1.05 -29.74 22.21
CA LEU D 220 0.67 -28.36 21.93
C LEU D 220 -0.71 -28.26 21.29
N ASP D 221 -1.35 -29.42 21.12
CA ASP D 221 -2.67 -29.47 20.55
C ASP D 221 -2.75 -28.76 19.19
N MET D 222 -1.91 -29.19 18.25
CA MET D 222 -1.86 -28.63 16.91
C MET D 222 -2.42 -29.70 15.99
N THR D 223 -2.92 -29.31 14.82
CA THR D 223 -3.48 -30.27 13.89
C THR D 223 -2.44 -31.02 13.05
N SER D 224 -1.27 -30.42 12.85
CA SER D 224 -0.23 -31.10 12.09
C SER D 224 1.15 -30.47 12.28
N ILE D 225 2.14 -30.99 11.57
CA ILE D 225 3.50 -30.47 11.67
C ILE D 225 4.02 -30.09 10.29
N THR D 226 4.94 -29.13 10.25
CA THR D 226 5.52 -28.67 8.99
C THR D 226 6.24 -29.80 8.24
N LEU D 227 6.23 -29.72 6.92
CA LEU D 227 6.86 -30.74 6.08
C LEU D 227 8.32 -30.47 5.77
N ASN D 228 8.67 -29.20 5.68
CA ASN D 228 10.04 -28.81 5.34
C ASN D 228 10.58 -27.81 6.36
N SER D 229 11.79 -28.06 6.83
CA SER D 229 12.43 -27.21 7.83
C SER D 229 12.76 -25.79 7.36
N ILE D 230 13.23 -25.66 6.12
CA ILE D 230 13.57 -24.35 5.59
C ILE D 230 12.34 -23.46 5.54
N ASP D 231 11.28 -23.99 4.93
CA ASP D 231 10.03 -23.27 4.82
C ASP D 231 9.48 -22.88 6.19
N ALA D 232 9.40 -23.85 7.10
CA ALA D 232 8.86 -23.61 8.44
C ALA D 232 9.54 -22.46 9.18
N ILE D 233 10.81 -22.23 8.88
CA ILE D 233 11.60 -21.19 9.52
C ILE D 233 11.51 -19.83 8.85
N SER D 234 11.39 -19.82 7.52
CA SER D 234 11.39 -18.57 6.79
C SER D 234 10.09 -18.04 6.21
N GLU D 235 9.00 -18.78 6.35
CA GLU D 235 7.73 -18.30 5.82
C GLU D 235 6.90 -17.59 6.87
N ARG D 236 6.13 -16.59 6.44
CA ARG D 236 5.25 -15.85 7.33
C ARG D 236 3.87 -15.71 6.67
N ASP D 237 3.51 -16.71 5.86
CA ASP D 237 2.23 -16.77 5.16
C ASP D 237 1.07 -16.56 6.11
N PHE D 238 1.09 -17.28 7.24
CA PHE D 238 0.02 -17.20 8.23
C PHE D 238 -0.16 -15.79 8.78
N VAL D 239 0.94 -15.03 8.89
CA VAL D 239 0.84 -13.65 9.35
C VAL D 239 0.15 -12.85 8.25
N VAL D 240 0.64 -13.02 7.02
CA VAL D 240 0.07 -12.29 5.88
C VAL D 240 -1.41 -12.53 5.60
N GLU D 241 -1.84 -13.78 5.58
CA GLU D 241 -3.25 -14.03 5.30
C GLU D 241 -4.18 -13.69 6.46
N LEU D 242 -3.66 -13.67 7.68
CA LEU D 242 -4.48 -13.31 8.83
C LEU D 242 -4.78 -11.82 8.72
N ILE D 243 -3.75 -11.02 8.44
CA ILE D 243 -3.91 -9.58 8.33
C ILE D 243 -4.73 -9.23 7.09
N SER D 244 -4.54 -10.00 6.03
CA SER D 244 -5.26 -9.78 4.79
C SER D 244 -6.76 -10.00 4.99
N VAL D 245 -7.11 -11.07 5.70
CA VAL D 245 -8.50 -11.38 5.99
C VAL D 245 -9.07 -10.27 6.86
N ALA D 246 -8.25 -9.80 7.81
CA ALA D 246 -8.64 -8.74 8.73
C ALA D 246 -8.86 -7.43 7.99
N THR D 247 -8.07 -7.23 6.94
CA THR D 247 -8.18 -6.01 6.14
C THR D 247 -9.48 -5.93 5.35
N LEU D 248 -9.89 -7.04 4.73
CA LEU D 248 -11.12 -7.02 3.96
C LEU D 248 -12.31 -6.89 4.94
N LEU D 249 -12.20 -7.51 6.10
CA LEU D 249 -13.24 -7.42 7.10
C LEU D 249 -13.38 -5.96 7.54
N MET D 250 -12.24 -5.28 7.70
CA MET D 250 -12.27 -3.86 8.07
C MET D 250 -12.83 -3.00 6.94
N ILE D 251 -12.59 -3.40 5.69
CA ILE D 251 -13.13 -2.67 4.55
C ILE D 251 -14.64 -2.72 4.65
N HIS D 252 -15.17 -3.87 5.03
CA HIS D 252 -16.61 -4.06 5.22
C HIS D 252 -17.13 -3.12 6.32
N LEU D 253 -16.43 -3.03 7.44
CA LEU D 253 -16.88 -2.16 8.51
C LEU D 253 -16.75 -0.69 8.12
N SER D 254 -15.77 -0.36 7.28
CA SER D 254 -15.61 1.02 6.85
C SER D 254 -16.79 1.47 5.98
N LYS D 255 -17.36 0.53 5.22
CA LYS D 255 -18.50 0.85 4.36
C LYS D 255 -19.77 0.97 5.20
N LEU D 256 -19.90 0.10 6.21
CA LEU D 256 -21.04 0.16 7.11
C LEU D 256 -20.99 1.49 7.88
N ALA D 257 -19.79 1.92 8.21
CA ALA D 257 -19.60 3.18 8.93
C ALA D 257 -20.04 4.38 8.07
N GLU D 258 -19.69 4.35 6.79
CA GLU D 258 -20.08 5.40 5.86
C GLU D 258 -21.61 5.45 5.74
N ASP D 259 -22.24 4.29 5.58
CA ASP D 259 -23.71 4.23 5.48
C ASP D 259 -24.41 4.90 6.66
N LEU D 260 -24.07 4.46 7.87
CA LEU D 260 -24.67 5.00 9.09
C LEU D 260 -24.30 6.45 9.36
N ILE D 261 -23.13 6.89 8.90
CA ILE D 261 -22.74 8.28 9.08
C ILE D 261 -23.70 9.13 8.26
N ILE D 262 -23.93 8.71 7.01
CA ILE D 262 -24.85 9.40 6.11
C ILE D 262 -26.29 9.36 6.65
N PHE D 263 -26.74 8.18 7.04
CA PHE D 263 -28.09 7.97 7.56
C PHE D 263 -28.35 8.65 8.90
N SER D 264 -27.27 8.97 9.64
CA SER D 264 -27.44 9.59 10.94
C SER D 264 -27.34 11.12 10.91
N THR D 265 -27.12 11.69 9.73
CA THR D 265 -27.08 13.15 9.63
C THR D 265 -28.51 13.61 9.86
N THR D 266 -28.70 14.89 10.18
CA THR D 266 -30.04 15.39 10.40
C THR D 266 -30.78 15.46 9.06
N GLU D 267 -30.06 15.80 7.99
CA GLU D 267 -30.63 15.89 6.66
C GLU D 267 -31.33 14.59 6.25
N PHE D 268 -30.69 13.44 6.45
CA PHE D 268 -31.32 12.17 6.13
C PHE D 268 -32.23 11.78 7.31
N GLY D 269 -31.66 11.78 8.51
CA GLY D 269 -32.40 11.47 9.72
C GLY D 269 -33.02 10.09 9.88
N PHE D 270 -32.38 9.07 9.33
CA PHE D 270 -32.92 7.72 9.44
C PHE D 270 -32.53 7.05 10.75
N VAL D 271 -31.34 7.34 11.24
CA VAL D 271 -30.88 6.74 12.50
C VAL D 271 -30.32 7.75 13.48
N THR D 272 -30.26 7.35 14.73
CA THR D 272 -29.74 8.17 15.80
C THR D 272 -28.90 7.21 16.65
N LEU D 273 -27.65 7.59 16.90
CA LEU D 273 -26.76 6.74 17.69
C LEU D 273 -27.01 6.98 19.17
N SER D 274 -26.74 5.97 19.99
CA SER D 274 -26.92 6.09 21.43
C SER D 274 -25.82 7.01 21.94
N ASP D 275 -26.00 7.54 23.14
CA ASP D 275 -25.04 8.44 23.75
C ASP D 275 -23.68 7.83 23.96
N ALA D 276 -23.62 6.50 24.06
CA ALA D 276 -22.37 5.79 24.27
C ALA D 276 -21.46 5.81 23.06
N TYR D 277 -22.02 6.03 21.88
CA TYR D 277 -21.22 6.04 20.67
C TYR D 277 -21.30 7.36 19.94
N SER D 278 -21.75 8.39 20.65
CA SER D 278 -21.87 9.72 20.10
C SER D 278 -21.26 10.75 21.04
N THR D 279 -20.97 11.92 20.49
CA THR D 279 -20.43 13.03 21.26
C THR D 279 -21.33 14.23 21.00
N GLY D 280 -21.58 15.03 22.02
CA GLY D 280 -22.44 16.18 21.84
C GLY D 280 -21.91 17.48 22.40
N SER D 281 -22.83 18.40 22.65
CA SER D 281 -22.51 19.71 23.21
C SER D 281 -23.75 20.26 23.89
N SER D 282 -23.55 21.13 24.88
CA SER D 282 -24.66 21.71 25.61
C SER D 282 -25.35 22.78 24.78
N LEU D 283 -24.56 23.50 23.99
CA LEU D 283 -25.08 24.56 23.14
C LEU D 283 -25.89 24.05 21.95
N LEU D 284 -25.62 22.83 21.52
CA LEU D 284 -26.34 22.24 20.39
C LEU D 284 -26.88 20.86 20.74
N PRO D 285 -28.08 20.80 21.32
CA PRO D 285 -28.72 19.55 21.72
C PRO D 285 -29.05 18.61 20.57
N GLN D 286 -29.19 19.16 19.37
CA GLN D 286 -29.50 18.37 18.18
C GLN D 286 -28.25 17.87 17.44
N LYS D 287 -27.08 18.12 18.02
CA LYS D 287 -25.83 17.71 17.40
C LYS D 287 -25.24 16.46 18.05
N LYS D 288 -25.28 15.34 17.32
CA LYS D 288 -24.73 14.08 17.80
C LYS D 288 -23.62 13.61 16.88
N ASN D 289 -22.37 13.82 17.29
CA ASN D 289 -21.24 13.43 16.47
C ASN D 289 -21.03 11.91 16.47
N PRO D 290 -20.93 11.32 15.29
CA PRO D 290 -20.73 9.86 15.14
C PRO D 290 -19.26 9.43 15.31
N ASP D 291 -18.63 9.84 16.41
CA ASP D 291 -17.24 9.51 16.69
C ASP D 291 -16.93 8.03 16.50
N SER D 292 -17.77 7.17 17.10
CA SER D 292 -17.58 5.74 17.00
C SER D 292 -17.44 5.24 15.56
N LEU D 293 -18.29 5.74 14.67
CA LEU D 293 -18.27 5.35 13.26
C LEU D 293 -17.04 5.91 12.54
N GLU D 294 -16.59 7.09 12.95
CA GLU D 294 -15.43 7.71 12.36
C GLU D 294 -14.16 6.96 12.75
N LEU D 295 -14.13 6.47 13.99
CA LEU D 295 -12.99 5.72 14.47
C LEU D 295 -12.91 4.41 13.71
N ILE D 296 -14.05 3.73 13.63
CA ILE D 296 -14.11 2.46 12.92
C ILE D 296 -13.61 2.63 11.49
N ARG D 297 -14.08 3.65 10.78
CA ARG D 297 -13.68 3.89 9.40
C ARG D 297 -12.16 4.06 9.24
N SER D 298 -11.54 4.84 10.12
CA SER D 298 -10.11 5.06 10.04
C SER D 298 -9.27 3.80 10.36
N LYS D 299 -9.82 2.89 11.15
CA LYS D 299 -9.08 1.68 11.49
C LYS D 299 -8.85 0.81 10.27
N ALA D 300 -9.68 0.99 9.24
CA ALA D 300 -9.48 0.22 8.02
C ALA D 300 -8.11 0.64 7.47
N GLY D 301 -7.80 1.92 7.59
CA GLY D 301 -6.52 2.42 7.12
C GLY D 301 -5.40 1.83 7.96
N ARG D 302 -5.60 1.82 9.27
CA ARG D 302 -4.62 1.29 10.21
C ARG D 302 -4.27 -0.17 9.93
N VAL D 303 -5.28 -0.99 9.66
CA VAL D 303 -5.03 -2.41 9.39
C VAL D 303 -4.39 -2.61 8.01
N PHE D 304 -4.86 -1.87 7.02
CA PHE D 304 -4.30 -1.97 5.69
C PHE D 304 -2.82 -1.63 5.80
N GLY D 305 -2.51 -0.64 6.63
CA GLY D 305 -1.13 -0.23 6.82
C GLY D 305 -0.24 -1.38 7.30
N ARG D 306 -0.78 -2.26 8.13
CA ARG D 306 -0.01 -3.39 8.63
C ARG D 306 0.21 -4.40 7.53
N LEU D 307 -0.77 -4.51 6.62
CA LEU D 307 -0.68 -5.44 5.50
C LEU D 307 0.43 -5.01 4.55
N ALA D 308 0.40 -3.75 4.17
CA ALA D 308 1.39 -3.20 3.25
C ALA D 308 2.81 -3.38 3.80
N ALA D 309 2.97 -3.14 5.09
CA ALA D 309 4.27 -3.25 5.75
C ALA D 309 4.86 -4.67 5.70
N ILE D 310 4.09 -5.66 6.10
CA ILE D 310 4.60 -7.03 6.13
C ILE D 310 4.91 -7.56 4.73
N LEU D 311 4.07 -7.17 3.77
CA LEU D 311 4.25 -7.60 2.40
C LEU D 311 5.57 -7.03 1.88
N MET D 312 5.88 -5.79 2.24
CA MET D 312 7.13 -5.20 1.78
C MET D 312 8.34 -5.80 2.49
N VAL D 313 8.19 -6.16 3.76
CA VAL D 313 9.26 -6.79 4.51
C VAL D 313 9.67 -8.12 3.87
N LEU D 314 8.67 -8.89 3.44
CA LEU D 314 8.93 -10.20 2.85
C LEU D 314 9.42 -10.19 1.40
N LYS D 315 9.02 -9.19 0.64
CA LYS D 315 9.39 -9.11 -0.77
C LYS D 315 10.88 -9.05 -1.09
N GLY D 316 11.32 -10.02 -1.89
CA GLY D 316 12.70 -10.08 -2.32
C GLY D 316 13.82 -10.49 -1.37
N ILE D 317 13.51 -11.03 -0.19
CA ILE D 317 14.60 -11.46 0.70
C ILE D 317 14.82 -12.95 0.58
N PRO D 318 16.07 -13.41 0.78
CA PRO D 318 16.42 -14.84 0.68
C PRO D 318 15.54 -15.77 1.51
N SER D 319 15.44 -17.02 1.05
CA SER D 319 14.63 -18.04 1.71
C SER D 319 15.30 -18.66 2.92
N THR D 320 15.49 -17.85 3.96
CA THR D 320 16.10 -18.30 5.19
C THR D 320 15.78 -17.32 6.31
N PHE D 321 16.33 -17.57 7.50
CA PHE D 321 16.08 -16.67 8.61
C PHE D 321 16.94 -15.44 8.47
N SER D 322 16.37 -14.28 8.82
CA SER D 322 17.08 -13.00 8.78
C SER D 322 16.37 -12.07 9.75
N LYS D 323 17.06 -11.04 10.21
CA LYS D 323 16.45 -10.14 11.18
C LYS D 323 15.23 -9.35 10.65
N ASP D 324 14.97 -9.44 9.35
CA ASP D 324 13.84 -8.74 8.76
C ASP D 324 12.54 -9.28 9.37
N LEU D 325 12.47 -10.59 9.52
CA LEU D 325 11.28 -11.26 10.02
C LEU D 325 10.74 -10.76 11.36
N GLN D 326 11.60 -10.11 12.14
CA GLN D 326 11.22 -9.57 13.44
C GLN D 326 9.97 -8.67 13.44
N GLU D 327 9.76 -7.94 12.34
CA GLU D 327 8.61 -7.02 12.24
C GLU D 327 7.21 -7.69 12.30
N ASP D 328 7.14 -9.01 12.19
CA ASP D 328 5.85 -9.69 12.20
C ASP D 328 5.05 -9.56 13.50
N LYS D 329 5.74 -9.64 14.63
CA LYS D 329 5.08 -9.56 15.95
C LYS D 329 4.22 -8.32 16.18
N GLU D 330 4.83 -7.14 16.12
CA GLU D 330 4.10 -5.91 16.35
C GLU D 330 2.91 -5.75 15.43
N ALA D 331 3.15 -5.93 14.14
CA ALA D 331 2.11 -5.81 13.12
C ALA D 331 0.88 -6.69 13.35
N VAL D 332 1.07 -7.98 13.59
CA VAL D 332 -0.08 -8.85 13.79
C VAL D 332 -0.84 -8.61 15.09
N LEU D 333 -0.15 -8.20 16.16
CA LEU D 333 -0.81 -7.95 17.44
C LEU D 333 -1.62 -6.66 17.43
N ASP D 334 -1.15 -5.67 16.69
CA ASP D 334 -1.87 -4.41 16.59
C ASP D 334 -3.20 -4.75 15.90
N VAL D 335 -3.12 -5.60 14.87
CA VAL D 335 -4.29 -6.03 14.12
C VAL D 335 -5.29 -6.78 14.99
N VAL D 336 -4.83 -7.74 15.79
CA VAL D 336 -5.76 -8.49 16.62
C VAL D 336 -6.41 -7.59 17.67
N ASP D 337 -5.61 -6.72 18.31
CA ASP D 337 -6.14 -5.83 19.34
C ASP D 337 -7.14 -4.84 18.73
N THR D 338 -6.81 -4.30 17.57
CA THR D 338 -7.68 -3.35 16.90
C THR D 338 -8.99 -4.05 16.53
N LEU D 339 -8.87 -5.15 15.81
CA LEU D 339 -10.00 -5.94 15.37
C LEU D 339 -10.93 -6.30 16.53
N THR D 340 -10.37 -6.82 17.61
CA THR D 340 -11.15 -7.21 18.79
C THR D 340 -11.98 -6.06 19.36
N ALA D 341 -11.37 -4.88 19.49
CA ALA D 341 -12.05 -3.71 20.01
C ALA D 341 -13.11 -3.18 19.02
N VAL D 342 -12.73 -3.06 17.76
CA VAL D 342 -13.62 -2.58 16.72
C VAL D 342 -14.92 -3.41 16.60
N LEU D 343 -14.79 -4.73 16.65
CA LEU D 343 -15.94 -5.61 16.54
C LEU D 343 -16.92 -5.42 17.70
N GLN D 344 -16.40 -5.27 18.91
CA GLN D 344 -17.24 -5.05 20.08
C GLN D 344 -17.93 -3.71 19.98
N VAL D 345 -17.19 -2.71 19.48
CA VAL D 345 -17.76 -1.39 19.34
C VAL D 345 -18.83 -1.43 18.25
N ALA D 346 -18.58 -2.19 17.18
CA ALA D 346 -19.55 -2.28 16.09
C ALA D 346 -20.86 -2.87 16.61
N THR D 347 -20.74 -3.88 17.47
CA THR D 347 -21.91 -4.55 18.03
C THR D 347 -22.74 -3.59 18.88
N GLY D 348 -22.06 -2.81 19.71
CA GLY D 348 -22.75 -1.86 20.56
C GLY D 348 -23.55 -0.85 19.76
N VAL D 349 -22.94 -0.29 18.71
CA VAL D 349 -23.61 0.69 17.86
C VAL D 349 -24.87 0.14 17.21
N ILE D 350 -24.76 -1.05 16.63
CA ILE D 350 -25.88 -1.69 15.95
C ILE D 350 -27.03 -2.11 16.87
N SER D 351 -26.73 -2.48 18.11
CA SER D 351 -27.79 -2.91 19.02
C SER D 351 -28.45 -1.77 19.79
N THR D 352 -27.80 -0.62 19.86
CA THR D 352 -28.38 0.50 20.59
C THR D 352 -28.87 1.67 19.76
N LEU D 353 -28.63 1.65 18.46
CA LEU D 353 -29.08 2.76 17.63
C LEU D 353 -30.60 2.77 17.48
N GLN D 354 -31.17 3.93 17.16
CA GLN D 354 -32.60 4.06 16.97
C GLN D 354 -32.93 4.45 15.55
N ILE D 355 -33.92 3.77 14.96
CA ILE D 355 -34.35 4.11 13.62
C ILE D 355 -35.54 5.04 13.78
N ASN D 356 -35.68 5.99 12.85
CA ASN D 356 -36.80 6.92 12.91
C ASN D 356 -37.72 6.57 11.74
N LYS D 357 -38.67 5.66 12.01
CA LYS D 357 -39.62 5.21 10.99
C LYS D 357 -40.35 6.34 10.28
N GLU D 358 -40.73 7.38 11.02
CA GLU D 358 -41.43 8.51 10.42
C GLU D 358 -40.62 9.16 9.32
N ASN D 359 -39.32 9.34 9.55
CA ASN D 359 -38.46 9.95 8.55
C ASN D 359 -38.23 9.02 7.37
N MET D 360 -38.21 7.72 7.63
CA MET D 360 -38.00 6.77 6.54
C MET D 360 -39.21 6.75 5.62
N GLU D 361 -40.40 6.82 6.21
CA GLU D 361 -41.63 6.81 5.42
C GLU D 361 -41.78 8.10 4.63
N LYS D 362 -41.53 9.24 5.27
CA LYS D 362 -41.63 10.52 4.60
C LYS D 362 -40.69 10.65 3.41
N ALA D 363 -39.59 9.89 3.43
CA ALA D 363 -38.63 9.91 2.32
C ALA D 363 -39.14 9.06 1.17
N LEU D 364 -40.21 8.32 1.43
CA LEU D 364 -40.83 7.45 0.44
C LEU D 364 -41.83 8.28 -0.37
N THR D 365 -41.39 8.79 -1.51
CA THR D 365 -42.26 9.60 -2.34
C THR D 365 -42.80 8.83 -3.55
N PRO D 366 -43.99 9.20 -4.03
CA PRO D 366 -44.72 8.61 -5.15
C PRO D 366 -43.91 8.29 -6.41
N GLU D 367 -43.08 9.25 -6.85
CA GLU D 367 -42.28 9.06 -8.05
C GLU D 367 -41.41 7.81 -7.97
N LEU D 368 -41.14 7.36 -6.75
CA LEU D 368 -40.32 6.18 -6.52
C LEU D 368 -41.04 4.93 -7.02
N LEU D 369 -42.32 5.07 -7.33
CA LEU D 369 -43.13 3.95 -7.81
C LEU D 369 -43.27 3.93 -9.32
N SER D 370 -42.65 4.88 -10.02
CA SER D 370 -42.75 4.94 -11.48
C SER D 370 -42.24 3.67 -12.16
N THR D 371 -41.24 3.03 -11.57
CA THR D 371 -40.72 1.80 -12.16
C THR D 371 -41.73 0.68 -12.02
N ASP D 372 -42.45 0.66 -10.90
CA ASP D 372 -43.46 -0.37 -10.67
C ASP D 372 -44.61 -0.21 -11.66
N LEU D 373 -44.90 1.03 -12.03
CA LEU D 373 -45.97 1.33 -12.96
C LEU D 373 -45.66 0.69 -14.32
N ALA D 374 -44.36 0.62 -14.64
CA ALA D 374 -43.92 0.02 -15.89
C ALA D 374 -44.05 -1.50 -15.84
N LEU D 375 -43.67 -2.09 -14.70
CA LEU D 375 -43.76 -3.53 -14.53
C LEU D 375 -45.21 -3.99 -14.63
N TYR D 376 -46.12 -3.15 -14.14
CA TYR D 376 -47.54 -3.43 -14.18
C TYR D 376 -47.96 -3.64 -15.64
N LEU D 377 -47.50 -2.74 -16.51
CA LEU D 377 -47.81 -2.83 -17.94
C LEU D 377 -47.16 -4.05 -18.56
N VAL D 378 -45.91 -4.33 -18.15
CA VAL D 378 -45.19 -5.49 -18.65
C VAL D 378 -46.00 -6.74 -18.34
N ARG D 379 -46.59 -6.78 -17.15
CA ARG D 379 -47.39 -7.93 -16.75
C ARG D 379 -48.67 -8.00 -17.56
N LYS D 380 -49.06 -6.86 -18.14
CA LYS D 380 -50.26 -6.79 -18.96
C LYS D 380 -49.88 -7.15 -20.40
N GLY D 381 -48.65 -7.62 -20.59
CA GLY D 381 -48.20 -8.02 -21.91
C GLY D 381 -47.41 -7.01 -22.72
N MET D 382 -47.29 -5.78 -22.23
CA MET D 382 -46.54 -4.78 -22.98
C MET D 382 -45.03 -4.99 -22.84
N PRO D 383 -44.29 -4.88 -23.95
CA PRO D 383 -42.83 -5.06 -23.90
C PRO D 383 -42.21 -3.97 -23.02
N ILE D 384 -41.18 -4.34 -22.27
CA ILE D 384 -40.51 -3.43 -21.35
C ILE D 384 -40.16 -2.03 -21.87
N ARG D 385 -39.53 -1.96 -23.05
CA ARG D 385 -39.14 -0.67 -23.61
C ARG D 385 -40.30 0.31 -23.72
N GLN D 386 -41.44 -0.18 -24.21
CA GLN D 386 -42.61 0.66 -24.37
C GLN D 386 -43.22 0.98 -23.01
N ALA D 387 -43.26 -0.01 -22.13
CA ALA D 387 -43.83 0.20 -20.80
C ALA D 387 -43.10 1.33 -20.09
N GLN D 388 -41.79 1.42 -20.32
CA GLN D 388 -41.00 2.47 -19.69
C GLN D 388 -41.32 3.83 -20.25
N THR D 389 -41.47 3.93 -21.58
CA THR D 389 -41.80 5.21 -22.20
C THR D 389 -43.19 5.63 -21.74
N ALA D 390 -44.06 4.65 -21.56
CA ALA D 390 -45.42 4.90 -21.11
C ALA D 390 -45.40 5.46 -19.69
N SER D 391 -44.61 4.84 -18.82
CA SER D 391 -44.53 5.29 -17.44
C SER D 391 -43.91 6.69 -17.38
N GLY D 392 -42.94 6.94 -18.25
CA GLY D 392 -42.30 8.24 -18.29
C GLY D 392 -43.30 9.33 -18.66
N LYS D 393 -44.22 9.01 -19.57
CA LYS D 393 -45.22 9.97 -19.99
C LYS D 393 -46.12 10.31 -18.81
N ALA D 394 -46.52 9.28 -18.08
CA ALA D 394 -47.37 9.46 -16.91
C ALA D 394 -46.68 10.40 -15.94
N VAL D 395 -45.37 10.19 -15.75
CA VAL D 395 -44.59 11.02 -14.85
C VAL D 395 -44.64 12.47 -15.31
N HIS D 396 -44.32 12.70 -16.58
CA HIS D 396 -44.31 14.04 -17.14
C HIS D 396 -45.69 14.68 -17.05
N LEU D 397 -46.73 13.92 -17.34
CA LEU D 397 -48.10 14.43 -17.29
C LEU D 397 -48.45 14.91 -15.89
N ALA D 398 -48.00 14.18 -14.88
CA ALA D 398 -48.28 14.53 -13.49
C ALA D 398 -47.63 15.88 -13.14
N GLU D 399 -46.39 16.07 -13.60
CA GLU D 399 -45.69 17.32 -13.33
C GLU D 399 -46.44 18.53 -13.87
N THR D 400 -46.76 18.49 -15.16
CA THR D 400 -47.48 19.58 -15.81
C THR D 400 -48.78 19.92 -15.12
N LYS D 401 -49.43 18.93 -14.51
CA LYS D 401 -50.68 19.16 -13.82
C LYS D 401 -50.43 19.56 -12.37
N GLY D 402 -49.15 19.63 -12.00
CA GLY D 402 -48.78 20.01 -10.65
C GLY D 402 -49.12 18.98 -9.56
N ILE D 403 -49.33 17.73 -9.94
CA ILE D 403 -49.67 16.71 -8.95
C ILE D 403 -48.67 15.54 -8.95
N THR D 404 -48.99 14.49 -8.22
CA THR D 404 -48.12 13.33 -8.16
C THR D 404 -48.72 12.17 -8.95
N ILE D 405 -47.84 11.30 -9.43
CA ILE D 405 -48.21 10.15 -10.24
C ILE D 405 -49.39 9.35 -9.70
N ASN D 406 -49.49 9.22 -8.38
CA ASN D 406 -50.58 8.45 -7.77
C ASN D 406 -51.91 9.19 -7.76
N ASN D 407 -51.93 10.45 -8.20
CA ASN D 407 -53.16 11.22 -8.23
C ASN D 407 -53.80 11.29 -9.60
N LEU D 408 -53.13 10.73 -10.60
CA LEU D 408 -53.65 10.72 -11.96
C LEU D 408 -54.91 9.86 -12.00
N THR D 409 -55.89 10.26 -12.80
CA THR D 409 -57.14 9.50 -12.93
C THR D 409 -56.96 8.40 -13.97
N LEU D 410 -57.86 7.41 -13.95
CA LEU D 410 -57.79 6.31 -14.89
C LEU D 410 -57.94 6.82 -16.34
N GLU D 411 -58.70 7.90 -16.52
CA GLU D 411 -58.89 8.49 -17.84
C GLU D 411 -57.55 9.07 -18.27
N ASP D 412 -56.86 9.70 -17.32
CA ASP D 412 -55.54 10.27 -17.58
C ASP D 412 -54.61 9.17 -18.08
N LEU D 413 -54.61 8.05 -17.37
CA LEU D 413 -53.76 6.92 -17.72
C LEU D 413 -54.17 6.24 -19.01
N LYS D 414 -55.47 6.13 -19.27
CA LYS D 414 -55.94 5.49 -20.49
C LYS D 414 -55.55 6.28 -21.70
N SER D 415 -55.43 7.60 -21.55
CA SER D 415 -55.03 8.45 -22.66
C SER D 415 -53.61 8.09 -23.08
N ILE D 416 -52.85 7.52 -22.16
CA ILE D 416 -51.47 7.13 -22.45
C ILE D 416 -51.45 5.72 -23.01
N SER D 417 -52.24 4.84 -22.39
CA SER D 417 -52.33 3.45 -22.84
C SER D 417 -53.63 2.85 -22.33
N PRO D 418 -54.46 2.33 -23.25
CA PRO D 418 -55.74 1.73 -22.89
C PRO D 418 -55.55 0.45 -22.09
N LEU D 419 -54.28 0.06 -21.94
CA LEU D 419 -53.91 -1.14 -21.22
C LEU D 419 -54.03 -0.94 -19.71
N PHE D 420 -54.06 0.31 -19.26
CA PHE D 420 -54.20 0.61 -17.84
C PHE D 420 -55.61 0.23 -17.40
N ALA D 421 -55.76 -0.16 -16.14
CA ALA D 421 -57.06 -0.55 -15.62
C ALA D 421 -57.23 -0.11 -14.18
N SER D 422 -58.40 -0.41 -13.62
CA SER D 422 -58.72 -0.04 -12.25
C SER D 422 -57.74 -0.62 -11.23
N ASP D 423 -57.17 -1.78 -11.55
CA ASP D 423 -56.23 -2.46 -10.66
C ASP D 423 -54.87 -1.77 -10.57
N VAL D 424 -54.67 -0.76 -11.39
CA VAL D 424 -53.42 -0.02 -11.39
C VAL D 424 -53.25 0.68 -10.05
N SER D 425 -54.36 0.90 -9.36
CA SER D 425 -54.33 1.58 -8.06
C SER D 425 -53.54 0.78 -7.03
N GLN D 426 -53.40 -0.52 -7.27
CA GLN D 426 -52.66 -1.39 -6.34
C GLN D 426 -51.17 -1.10 -6.42
N VAL D 427 -50.74 -0.46 -7.51
CA VAL D 427 -49.35 -0.12 -7.72
C VAL D 427 -48.82 0.94 -6.77
N PHE D 428 -49.69 1.84 -6.31
CA PHE D 428 -49.24 2.92 -5.44
C PHE D 428 -49.21 2.60 -3.95
N SER D 429 -48.67 1.43 -3.62
CA SER D 429 -48.53 0.98 -2.25
C SER D 429 -47.09 0.59 -2.06
N VAL D 430 -46.44 1.22 -1.09
CA VAL D 430 -45.05 0.94 -0.78
C VAL D 430 -44.87 -0.53 -0.41
N VAL D 431 -45.89 -1.13 0.20
CA VAL D 431 -45.83 -2.52 0.60
C VAL D 431 -45.93 -3.47 -0.59
N ASN D 432 -46.83 -3.18 -1.52
CA ASN D 432 -46.96 -4.03 -2.71
C ASN D 432 -45.68 -3.96 -3.52
N SER D 433 -45.06 -2.78 -3.49
CA SER D 433 -43.82 -2.56 -4.22
C SER D 433 -42.72 -3.52 -3.80
N VAL D 434 -42.42 -3.57 -2.51
CA VAL D 434 -41.36 -4.46 -2.05
C VAL D 434 -41.77 -5.94 -2.09
N GLU D 435 -43.07 -6.22 -2.08
CA GLU D 435 -43.54 -7.61 -2.11
C GLU D 435 -43.41 -8.29 -3.46
N GLN D 436 -42.99 -7.54 -4.47
CA GLN D 436 -42.78 -8.10 -5.81
C GLN D 436 -41.54 -8.98 -5.83
N TYR D 437 -40.52 -8.56 -5.08
CA TYR D 437 -39.24 -9.26 -5.05
C TYR D 437 -39.16 -10.54 -4.21
N THR D 438 -39.91 -11.54 -4.62
CA THR D 438 -39.97 -12.84 -3.94
C THR D 438 -38.84 -13.78 -4.38
N ALA D 439 -38.22 -13.49 -5.52
CA ALA D 439 -37.12 -14.32 -5.99
C ALA D 439 -36.04 -14.32 -4.92
N VAL D 440 -35.36 -15.46 -4.77
CA VAL D 440 -34.32 -15.59 -3.77
C VAL D 440 -33.39 -14.38 -3.67
N GLY D 441 -33.29 -13.82 -2.46
CA GLY D 441 -32.42 -12.67 -2.23
C GLY D 441 -33.10 -11.31 -2.29
N GLY D 442 -34.34 -11.27 -2.78
CA GLY D 442 -35.07 -10.02 -2.89
C GLY D 442 -35.57 -9.45 -1.57
N THR D 443 -36.19 -8.28 -1.64
CA THR D 443 -36.70 -7.59 -0.45
C THR D 443 -38.08 -8.02 0.03
N ALA D 444 -38.71 -8.95 -0.67
CA ALA D 444 -40.03 -9.42 -0.24
C ALA D 444 -39.89 -10.01 1.16
N LYS D 445 -40.93 -9.84 1.97
CA LYS D 445 -40.93 -10.36 3.34
C LYS D 445 -40.54 -11.84 3.39
N SER D 446 -41.09 -12.62 2.47
CA SER D 446 -40.80 -14.06 2.42
C SER D 446 -39.33 -14.31 2.09
N SER D 447 -38.75 -13.42 1.30
CA SER D 447 -37.35 -13.56 0.90
C SER D 447 -36.42 -13.19 2.06
N VAL D 448 -36.75 -12.11 2.75
CA VAL D 448 -35.96 -11.65 3.88
C VAL D 448 -36.03 -12.72 4.97
N THR D 449 -37.22 -13.27 5.15
CA THR D 449 -37.42 -14.31 6.15
C THR D 449 -36.51 -15.52 5.87
N ALA D 450 -36.35 -15.87 4.60
CA ALA D 450 -35.49 -16.99 4.23
C ALA D 450 -34.02 -16.68 4.53
N GLN D 451 -33.61 -15.43 4.36
CA GLN D 451 -32.23 -15.03 4.65
C GLN D 451 -31.95 -15.17 6.14
N ILE D 452 -32.87 -14.69 6.97
CA ILE D 452 -32.69 -14.77 8.42
C ILE D 452 -32.54 -16.21 8.87
N GLU D 453 -33.39 -17.09 8.33
CA GLU D 453 -33.33 -18.51 8.70
C GLU D 453 -32.01 -19.15 8.30
N GLN D 454 -31.59 -18.93 7.06
CA GLN D 454 -30.34 -19.51 6.59
C GLN D 454 -29.12 -19.01 7.36
N LEU D 455 -29.10 -17.72 7.68
CA LEU D 455 -28.00 -17.15 8.43
C LEU D 455 -27.95 -17.68 9.85
N ARG D 456 -29.11 -17.91 10.44
CA ARG D 456 -29.14 -18.46 11.79
C ARG D 456 -28.50 -19.83 11.68
N GLU D 457 -28.84 -20.53 10.59
CA GLU D 457 -28.33 -21.87 10.33
C GLU D 457 -26.80 -21.85 10.21
N LEU D 458 -26.28 -20.89 9.45
CA LEU D 458 -24.83 -20.77 9.28
C LEU D 458 -24.15 -20.42 10.60
N LEU D 459 -24.77 -19.52 11.37
CA LEU D 459 -24.19 -19.14 12.65
C LEU D 459 -24.00 -20.35 13.54
N LYS D 460 -24.71 -21.42 13.26
CA LYS D 460 -24.58 -22.64 14.04
C LYS D 460 -23.39 -23.45 13.55
N LYS D 461 -22.20 -22.85 13.59
CA LYS D 461 -20.99 -23.56 13.19
C LYS D 461 -19.88 -23.22 14.17
N GLN D 462 -19.57 -24.19 15.02
CA GLN D 462 -18.55 -24.06 16.03
C GLN D 462 -17.47 -25.12 15.80
#